data_8FYJ
#
_entry.id   8FYJ
#
_cell.length_a   1.00
_cell.length_b   1.00
_cell.length_c   1.00
_cell.angle_alpha   90.00
_cell.angle_beta   90.00
_cell.angle_gamma   90.00
#
_symmetry.space_group_name_H-M   'P 1'
#
loop_
_entity.id
_entity.type
_entity.pdbx_description
1 polymer 'Envelope glycoprotein gp160'
2 polymer 'Envelope glycoprotein gp160'
3 polymer 'Envelope glycoprotein gp41'
4 polymer 'T-cell surface glycoprotein CD4'
5 branched alpha-D-mannopyranose-(1-3)-beta-D-mannopyranose-(1-4)-2-acetamido-2-deoxy-beta-D-glucopyranose-(1-4)-2-acetamido-2-deoxy-beta-D-glucopyranose
6 branched alpha-D-mannopyranose-(1-6)-beta-D-mannopyranose-(1-4)-2-acetamido-2-deoxy-beta-D-glucopyranose-(1-4)-2-acetamido-2-deoxy-beta-D-glucopyranose
7 branched 2-acetamido-2-deoxy-beta-D-glucopyranose-(1-4)-2-acetamido-2-deoxy-beta-D-glucopyranose
8 branched beta-D-mannopyranose-(1-4)-2-acetamido-2-deoxy-beta-D-glucopyranose-(1-4)-2-acetamido-2-deoxy-beta-D-glucopyranose
9 non-polymer 2-acetamido-2-deoxy-beta-D-glucopyranose
#
loop_
_entity_poly.entity_id
_entity_poly.type
_entity_poly.pdbx_seq_one_letter_code
_entity_poly.pdbx_strand_id
1 'polypeptide(L)'
;NLWVTVYYGVPVWKDAETTLFCASDAKAYETEKHNVWATHACVPTDPNPQEIHLENVTEEFNMWKNNMVEQMHTDIISLW
DQSLKPCVKLTPLCVTLQCTNVTNNITDDMRGELKNCSFNMTTELRDKKQKVYSLFYRLDVVQINENQGNRSNNSNKEYR
LINCNTSAITQACPKVSFEPIPIHYCAPAGFAILKCKDKKFNGTGPCPSVSTVQCTHGIKPVVSTQLLLNGSLAEEEVMI
RSENITNNAKNILVQFNTPVQINCTRPNNNTRKSIRIGPGQWFYATGDIIGDIRQAHCNVSKATWNETLGKVVKQLRKHF
GNNTIIRFANSSGGDLEVTTHSFNCGGEFFYCNTSGLFNSTWISNTSVQGSNSTGSNDSITLPCRIKQIINMWQRIGQAM
YAPPIQGVIRCVSNITGLILTRDGGSTNSTTETFRPGGGDMRDNWRSELYKYKVVKIEPLGVAPTRCKRRVVGR
;
A,B
2 'polypeptide(L)'
;NLWVTVYYGVPVWKDAETTLFCASDAKAYETEKHNVWATHACVPTDPNPQEIHLENVTEEFNMWKNNMVEQMHTDIISLW
DQSLKPCVKLTPLCVTLQCTNVTNNITDDMRGELKNCSFNMTTELRDKKQKVYSLFYRLDVVQINENQGNRSNNSNKEYR
LINCNTSAITQACPKVSFEPIPIHYCAPAGFAILKCKDKKFNGTGPCPSVSTVQCTHGIKPVVSTQLLLNGSLAEEEVMI
RSENITNNAKNILVQFNTPVQINCTRPNNNTRKSIRIGPGQWFYATGDIIGDIRQAHCNVSKATWNETLGKVVKQLRKHF
GNNTIIRFANSSGGRLEVTTHSFNCGGEFFYCNTSGLFNSTWISNTSVQGSNSTGSNDSITLPCRIKQIINMWQRIGQAM
YAPPIQGVIRCVSNITGLILTRDGGSTNSTTETFRPGGGDMRDNWRSELYKYKVVKIEPLGVAPTRCKRRVVGR
;
C
3 'polypeptide(L)'
;AVGIGAVFLGFLGAAGSTMGAASMTLTVQARNLLSGIVQQQSNLLRAPEAQQHLLKLTVWGIKQLQARVLAVERYLRDQQ
LLGIWGCSGKLICCTNVPWNSSWSNRNLSEIWDNMTWLQWDKEISNYTQIIYGLLEESQNQQEKNEQDLLALD
;
D,E,F
4 'polypeptide(L)'
;KKVVLGKKGDTVELTCTASQKKSIQFHWKNSNQIKILGNQGSFLTKGPSKLNDRADSRRSLWDQGNFPLIIKNLKIEDSD
TYICEVEDQKEEVQLLVFGLTANSDTHLLQGQSLTLTLESPPGSSPSVQCRSPRGKNIQGGKTLSVSQLELQDSGTWTCT
VLQNQKKVEFKIDIVVLAFQKASSIVYKKEGEQVEFSFPLAFTVEKLTGSGELWWQAERASSSKSWITFDLKNKEVSVKR
VTQDPKLQMGKKLPLHLTLPQALPQYAGSGNLTLALEAKTGKLHQEVNLVVMRATQLQKNLTCEVWGPTSPKLMLSLKLE
NKEAKVSKREKAVWVLNPEAGMWQCLLSDSGQVLLESNIKVLPTWSTPVQPGSHHHHHH
;
Y,Z
#
loop_
_chem_comp.id
_chem_comp.type
_chem_comp.name
_chem_comp.formula
BMA D-saccharide, beta linking beta-D-mannopyranose 'C6 H12 O6'
MAN D-saccharide, alpha linking alpha-D-mannopyranose 'C6 H12 O6'
NAG D-saccharide, beta linking 2-acetamido-2-deoxy-beta-D-glucopyranose 'C8 H15 N O6'
#
# COMPACT_ATOMS: atom_id res chain seq x y z
N LEU A 2 18.76 -28.02 36.62
CA LEU A 2 17.46 -27.73 36.02
C LEU A 2 17.30 -26.24 35.74
N TRP A 3 18.00 -25.76 34.71
CA TRP A 3 18.06 -24.34 34.38
C TRP A 3 17.41 -24.13 33.03
N VAL A 4 16.41 -23.24 32.98
CA VAL A 4 15.71 -22.95 31.73
C VAL A 4 16.51 -21.98 30.89
N THR A 5 16.43 -22.15 29.58
CA THR A 5 17.03 -21.22 28.63
C THR A 5 15.91 -20.56 27.83
N VAL A 6 16.28 -19.73 26.86
CA VAL A 6 15.27 -19.08 26.02
C VAL A 6 15.62 -19.24 24.55
N TYR A 7 14.79 -19.97 23.83
CA TYR A 7 14.91 -20.11 22.39
C TYR A 7 14.12 -19.02 21.70
N TYR A 8 14.53 -18.71 20.48
CA TYR A 8 13.86 -17.68 19.69
C TYR A 8 13.50 -18.21 18.32
N GLY A 9 12.48 -17.60 17.72
CA GLY A 9 12.06 -17.94 16.38
C GLY A 9 11.16 -19.14 16.27
N VAL A 10 10.81 -19.78 17.37
CA VAL A 10 10.01 -21.00 17.35
C VAL A 10 8.60 -20.66 16.89
N PRO A 11 7.89 -21.60 16.27
CA PRO A 11 6.51 -21.31 15.82
C PRO A 11 5.52 -21.46 16.96
N VAL A 12 4.96 -20.33 17.40
CA VAL A 12 3.97 -20.34 18.47
C VAL A 12 2.86 -19.37 18.10
N TRP A 13 1.62 -19.84 18.19
CA TRP A 13 0.45 -19.01 17.94
C TRP A 13 -0.28 -18.75 19.24
N LYS A 14 -1.06 -17.67 19.27
CA LYS A 14 -1.88 -17.35 20.43
C LYS A 14 -3.16 -16.66 19.97
N ASP A 15 -4.27 -17.03 20.59
CA ASP A 15 -5.53 -16.38 20.30
C ASP A 15 -5.52 -14.95 20.82
N ALA A 16 -6.13 -14.05 20.06
CA ALA A 16 -6.15 -12.64 20.43
C ALA A 16 -7.37 -11.99 19.79
N GLU A 17 -7.70 -10.80 20.28
CA GLU A 17 -8.79 -10.00 19.74
C GLU A 17 -8.22 -8.76 19.09
N THR A 18 -8.53 -8.58 17.80
CA THR A 18 -8.00 -7.45 17.04
C THR A 18 -9.12 -6.85 16.20
N THR A 19 -9.00 -5.55 15.92
CA THR A 19 -9.91 -4.92 14.98
C THR A 19 -9.56 -5.34 13.56
N LEU A 20 -10.60 -5.62 12.77
CA LEU A 20 -10.44 -6.18 11.44
C LEU A 20 -10.91 -5.16 10.41
N PHE A 21 -10.34 -5.22 9.21
CA PHE A 21 -10.72 -4.29 8.15
C PHE A 21 -11.38 -5.05 7.01
N CYS A 22 -12.42 -4.46 6.44
CA CYS A 22 -13.20 -5.18 5.44
C CYS A 22 -12.69 -4.86 4.03
N ALA A 23 -12.74 -5.87 3.17
CA ALA A 23 -12.30 -5.76 1.78
C ALA A 23 -13.47 -6.21 0.90
N SER A 24 -14.30 -5.25 0.52
CA SER A 24 -15.44 -5.52 -0.35
C SER A 24 -15.17 -5.01 -1.75
N ASP A 25 -15.60 -5.78 -2.75
CA ASP A 25 -15.44 -5.39 -4.15
C ASP A 25 -16.58 -4.45 -4.51
N ALA A 26 -16.44 -3.18 -4.13
CA ALA A 26 -17.46 -2.18 -4.36
C ALA A 26 -17.22 -1.53 -5.73
N LYS A 27 -18.25 -1.55 -6.58
CA LYS A 27 -18.11 -0.95 -7.90
C LYS A 27 -17.99 0.57 -7.82
N ALA A 28 -18.65 1.18 -6.83
CA ALA A 28 -18.63 2.59 -6.47
C ALA A 28 -19.44 3.47 -7.43
N TYR A 29 -20.04 2.91 -8.48
CA TYR A 29 -20.85 3.68 -9.42
C TYR A 29 -22.29 3.19 -9.45
N GLU A 30 -22.81 2.82 -8.27
CA GLU A 30 -24.21 2.42 -8.12
C GLU A 30 -24.88 3.29 -7.07
N THR A 31 -26.12 3.69 -7.35
CA THR A 31 -26.85 4.54 -6.43
C THR A 31 -27.29 3.78 -5.19
N GLU A 32 -27.24 2.45 -5.21
CA GLU A 32 -27.67 1.66 -4.07
C GLU A 32 -26.73 1.87 -2.89
N LYS A 33 -27.31 1.98 -1.70
CA LYS A 33 -26.57 2.53 -0.55
C LYS A 33 -25.54 1.54 -0.01
N HIS A 34 -25.74 0.24 -0.19
CA HIS A 34 -24.80 -0.73 0.34
C HIS A 34 -23.45 -0.59 -0.36
N ASN A 35 -23.46 -0.39 -1.68
CA ASN A 35 -22.22 -0.23 -2.42
C ASN A 35 -21.49 1.06 -2.02
N VAL A 36 -22.22 2.17 -1.91
CA VAL A 36 -21.57 3.42 -1.54
C VAL A 36 -21.05 3.37 -0.11
N TRP A 37 -21.73 2.61 0.76
CA TRP A 37 -21.17 2.38 2.08
C TRP A 37 -19.88 1.59 1.98
N ALA A 38 -19.85 0.59 1.09
CA ALA A 38 -18.64 -0.21 0.92
C ALA A 38 -17.47 0.67 0.48
N THR A 39 -17.73 1.61 -0.42
CA THR A 39 -16.70 2.58 -0.73
C THR A 39 -16.41 3.49 0.46
N HIS A 40 -17.40 3.66 1.34
CA HIS A 40 -17.28 4.63 2.42
C HIS A 40 -16.35 4.14 3.53
N ALA A 41 -16.41 2.86 3.88
CA ALA A 41 -15.68 2.36 5.03
C ALA A 41 -14.94 1.05 4.77
N CYS A 42 -14.99 0.53 3.54
CA CYS A 42 -14.43 -0.78 3.24
C CYS A 42 -13.39 -0.60 2.12
N VAL A 43 -12.30 -1.35 2.22
CA VAL A 43 -11.26 -1.29 1.20
C VAL A 43 -11.62 -2.28 0.09
N PRO A 44 -11.01 -2.19 -1.09
CA PRO A 44 -11.24 -3.20 -2.11
C PRO A 44 -10.60 -4.54 -1.73
N THR A 45 -10.97 -5.57 -2.49
CA THR A 45 -10.54 -6.93 -2.17
C THR A 45 -9.06 -7.12 -2.50
N ASP A 46 -8.51 -8.20 -1.97
CA ASP A 46 -7.11 -8.53 -2.21
C ASP A 46 -6.90 -8.87 -3.69
N PRO A 47 -5.86 -8.31 -4.33
CA PRO A 47 -5.58 -8.72 -5.72
C PRO A 47 -5.32 -10.20 -5.87
N ASN A 48 -4.44 -10.76 -5.03
CA ASN A 48 -4.16 -12.20 -5.08
C ASN A 48 -3.98 -12.74 -3.67
N PRO A 49 -4.85 -13.65 -3.23
CA PRO A 49 -4.72 -14.20 -1.87
C PRO A 49 -3.67 -15.31 -1.80
N GLN A 50 -2.66 -15.12 -0.95
CA GLN A 50 -1.59 -16.09 -0.80
C GLN A 50 -1.92 -16.97 0.42
N GLU A 51 -2.79 -17.95 0.19
CA GLU A 51 -3.17 -18.88 1.24
C GLU A 51 -2.08 -19.94 1.39
N ILE A 52 -1.51 -20.03 2.59
CA ILE A 52 -0.43 -20.97 2.87
C ILE A 52 -1.02 -22.15 3.64
N HIS A 53 -0.98 -23.32 3.02
CA HIS A 53 -1.46 -24.53 3.67
C HIS A 53 -0.48 -24.97 4.75
N LEU A 54 -1.02 -25.40 5.88
CA LEU A 54 -0.22 -25.97 6.96
C LEU A 54 -0.59 -27.44 7.14
N GLU A 55 0.42 -28.30 7.23
CA GLU A 55 0.23 -29.72 7.40
C GLU A 55 0.66 -30.13 8.80
N ASN A 56 0.14 -31.27 9.27
CA ASN A 56 0.46 -31.81 10.59
C ASN A 56 0.16 -30.79 11.69
N VAL A 57 -0.93 -30.04 11.52
CA VAL A 57 -1.33 -29.00 12.46
C VAL A 57 -2.65 -29.39 13.11
N THR A 58 -2.71 -29.33 14.43
CA THR A 58 -3.92 -29.57 15.19
C THR A 58 -4.29 -28.29 15.92
N GLU A 59 -5.40 -27.67 15.51
CA GLU A 59 -5.81 -26.38 16.06
C GLU A 59 -7.23 -26.51 16.59
N GLU A 60 -7.40 -26.18 17.87
CA GLU A 60 -8.70 -26.29 18.54
C GLU A 60 -9.59 -25.15 18.07
N PHE A 61 -10.48 -25.45 17.13
CA PHE A 61 -11.37 -24.44 16.58
C PHE A 61 -12.66 -24.40 17.39
N ASN A 62 -13.07 -23.20 17.79
CA ASN A 62 -14.35 -22.98 18.46
C ASN A 62 -15.10 -21.93 17.64
N MET A 63 -16.07 -22.39 16.86
CA MET A 63 -16.79 -21.49 15.96
C MET A 63 -17.73 -20.57 16.71
N TRP A 64 -18.04 -20.86 17.97
CA TRP A 64 -18.93 -19.96 18.70
C TRP A 64 -18.15 -18.92 19.50
N LYS A 65 -16.92 -19.24 19.88
CA LYS A 65 -16.08 -18.28 20.59
C LYS A 65 -15.17 -17.56 19.59
N ASN A 66 -15.83 -16.96 18.59
CA ASN A 66 -15.15 -16.23 17.54
C ASN A 66 -15.23 -14.74 17.81
N ASN A 67 -14.36 -14.00 17.13
CA ASN A 67 -14.37 -12.54 17.20
C ASN A 67 -14.91 -11.89 15.94
N MET A 68 -14.67 -12.48 14.77
CA MET A 68 -15.17 -11.91 13.53
C MET A 68 -16.68 -11.74 13.57
N VAL A 69 -17.38 -12.66 14.24
CA VAL A 69 -18.83 -12.59 14.27
C VAL A 69 -19.29 -11.31 14.97
N GLU A 70 -18.65 -10.95 16.09
CA GLU A 70 -19.08 -9.76 16.83
C GLU A 70 -18.64 -8.48 16.12
N GLN A 71 -17.41 -8.47 15.60
CA GLN A 71 -16.94 -7.31 14.86
C GLN A 71 -17.84 -7.03 13.66
N MET A 72 -18.13 -8.07 12.88
CA MET A 72 -18.97 -7.87 11.71
C MET A 72 -20.41 -7.60 12.13
N HIS A 73 -20.81 -8.08 13.32
CA HIS A 73 -22.11 -7.69 13.86
C HIS A 73 -22.20 -6.19 14.00
N THR A 74 -21.25 -5.59 14.71
CA THR A 74 -21.26 -4.15 14.90
C THR A 74 -21.16 -3.42 13.57
N ASP A 75 -20.29 -3.90 12.67
CA ASP A 75 -20.07 -3.23 11.41
C ASP A 75 -21.34 -3.28 10.55
N ILE A 76 -22.06 -4.40 10.57
CA ILE A 76 -23.29 -4.51 9.79
C ILE A 76 -24.42 -3.69 10.41
N ILE A 77 -24.39 -3.51 11.74
CA ILE A 77 -25.31 -2.53 12.33
C ILE A 77 -25.04 -1.14 11.77
N SER A 78 -23.76 -0.78 11.70
CA SER A 78 -23.42 0.52 11.09
C SER A 78 -23.92 0.56 9.64
N LEU A 79 -23.76 -0.54 8.92
CA LEU A 79 -24.29 -0.64 7.58
C LEU A 79 -25.78 -0.32 7.52
N TRP A 80 -26.56 -0.99 8.36
CA TRP A 80 -28.01 -0.93 8.24
C TRP A 80 -28.53 0.42 8.72
N ASP A 81 -27.85 1.03 9.68
CA ASP A 81 -28.25 2.35 10.13
C ASP A 81 -27.95 3.42 9.07
N GLN A 82 -26.78 3.33 8.43
CA GLN A 82 -26.40 4.37 7.48
C GLN A 82 -27.12 4.20 6.15
N SER A 83 -27.29 2.96 5.69
CA SER A 83 -27.80 2.72 4.34
C SER A 83 -29.32 2.77 4.27
N LEU A 84 -29.99 1.85 4.97
CA LEU A 84 -31.45 1.77 4.95
C LEU A 84 -31.99 2.62 6.10
N LYS A 85 -31.86 3.93 5.92
CA LYS A 85 -32.14 4.87 7.00
C LYS A 85 -33.61 4.81 7.38
N PRO A 86 -33.94 4.59 8.65
CA PRO A 86 -35.34 4.59 9.07
C PRO A 86 -35.88 6.01 9.12
N CYS A 87 -36.78 6.33 8.20
CA CYS A 87 -37.29 7.68 8.10
C CYS A 87 -38.38 7.98 9.14
N VAL A 88 -38.82 6.95 9.86
CA VAL A 88 -39.48 7.08 11.15
C VAL A 88 -38.91 6.00 12.05
N LYS A 89 -38.05 6.38 12.98
CA LYS A 89 -37.40 5.40 13.86
C LYS A 89 -37.74 5.72 15.32
N LEU A 90 -38.32 4.75 16.02
CA LEU A 90 -38.70 4.89 17.42
C LEU A 90 -37.77 4.04 18.27
N THR A 91 -37.10 4.66 19.25
CA THR A 91 -36.14 3.97 20.09
C THR A 91 -36.41 4.33 21.55
N PRO A 92 -36.45 3.37 22.46
CA PRO A 92 -36.60 3.68 23.89
C PRO A 92 -35.27 4.08 24.51
N LEU A 93 -35.09 5.40 24.74
CA LEU A 93 -34.00 5.83 25.59
C LEU A 93 -34.20 5.29 27.00
N CYS A 94 -35.37 5.55 27.57
CA CYS A 94 -35.94 4.76 28.65
C CYS A 94 -34.99 4.70 29.86
N VAL A 95 -34.79 5.86 30.47
CA VAL A 95 -33.75 6.01 31.50
C VAL A 95 -34.18 5.30 32.77
N THR A 96 -33.21 4.78 33.51
CA THR A 96 -33.43 4.16 34.80
C THR A 96 -33.57 5.22 35.89
N LEU A 97 -33.78 4.76 37.12
CA LEU A 97 -33.88 5.65 38.27
C LEU A 97 -32.52 6.25 38.62
N ARG A 160 -37.70 -1.78 41.69
CA ARG A 160 -36.77 -1.55 40.60
C ARG A 160 -37.50 -1.06 39.35
N LEU A 161 -38.83 -1.11 39.40
CA LEU A 161 -39.63 -0.68 38.26
C LEU A 161 -39.49 0.82 38.05
N ILE A 162 -39.42 1.22 36.78
CA ILE A 162 -39.31 2.63 36.42
C ILE A 162 -40.05 2.87 35.11
N ASN A 163 -40.91 3.89 35.11
CA ASN A 163 -41.52 4.32 33.87
C ASN A 163 -40.47 5.01 33.00
N CYS A 164 -40.61 4.84 31.70
CA CYS A 164 -39.53 5.16 30.77
C CYS A 164 -40.06 5.42 29.38
N ASN A 165 -39.29 6.19 28.60
CA ASN A 165 -39.79 6.98 27.48
C ASN A 165 -39.27 6.46 26.15
N THR A 166 -39.98 6.83 25.08
CA THR A 166 -39.60 6.50 23.70
C THR A 166 -39.39 7.77 22.91
N SER A 167 -38.34 7.80 22.09
CA SER A 167 -38.01 8.95 21.25
C SER A 167 -38.15 8.60 19.78
N ALA A 168 -38.66 9.54 19.00
CA ALA A 168 -38.87 9.36 17.56
C ALA A 168 -37.92 10.26 16.78
N ILE A 169 -37.23 9.70 15.80
CA ILE A 169 -36.29 10.41 14.96
C ILE A 169 -36.71 10.26 13.49
N THR A 170 -36.71 11.37 12.77
CA THR A 170 -37.05 11.41 11.34
C THR A 170 -35.77 11.55 10.51
N GLN A 171 -35.78 11.00 9.29
CA GLN A 171 -34.58 10.99 8.46
C GLN A 171 -34.96 11.07 6.99
N ALA A 172 -33.93 11.02 6.14
CA ALA A 172 -34.14 10.92 4.70
C ALA A 172 -34.47 9.49 4.33
N CYS A 173 -35.44 9.30 3.44
CA CYS A 173 -36.22 8.07 3.42
C CYS A 173 -36.43 7.53 2.00
N PRO A 174 -35.34 7.28 1.25
CA PRO A 174 -35.50 6.89 -0.15
C PRO A 174 -35.68 5.39 -0.32
N LYS A 175 -36.51 5.00 -1.28
CA LYS A 175 -36.74 3.59 -1.58
C LYS A 175 -35.67 3.11 -2.56
N VAL A 176 -34.68 2.38 -2.04
CA VAL A 176 -33.49 2.02 -2.80
C VAL A 176 -33.25 0.52 -2.67
N SER A 177 -32.91 -0.12 -3.79
CA SER A 177 -32.63 -1.54 -3.78
C SER A 177 -31.37 -1.84 -2.97
N PHE A 178 -31.41 -2.94 -2.21
CA PHE A 178 -30.28 -3.37 -1.40
C PHE A 178 -29.62 -4.57 -2.07
N GLU A 179 -28.45 -4.37 -2.63
CA GLU A 179 -27.71 -5.45 -3.28
C GLU A 179 -26.51 -5.83 -2.42
N PRO A 180 -26.53 -7.01 -1.79
CA PRO A 180 -25.44 -7.39 -0.89
C PRO A 180 -24.23 -7.97 -1.61
N ILE A 181 -23.34 -7.11 -2.09
CA ILE A 181 -22.08 -7.63 -2.67
C ILE A 181 -21.25 -8.26 -1.56
N PRO A 182 -20.40 -9.24 -1.85
CA PRO A 182 -19.64 -9.89 -0.78
C PRO A 182 -18.75 -8.91 -0.04
N ILE A 183 -18.64 -9.10 1.27
CA ILE A 183 -17.77 -8.29 2.12
C ILE A 183 -16.79 -9.22 2.80
N HIS A 184 -15.62 -9.40 2.19
CA HIS A 184 -14.56 -10.14 2.85
C HIS A 184 -14.07 -9.38 4.08
N TYR A 185 -13.60 -10.13 5.07
CA TYR A 185 -12.96 -9.55 6.26
C TYR A 185 -11.51 -9.99 6.30
N CYS A 186 -10.61 -9.02 6.45
CA CYS A 186 -9.18 -9.28 6.48
C CYS A 186 -8.62 -8.78 7.80
N ALA A 187 -7.78 -9.60 8.42
CA ALA A 187 -7.08 -9.20 9.63
C ALA A 187 -6.01 -8.16 9.30
N PRO A 188 -5.72 -7.26 10.22
CA PRO A 188 -4.71 -6.23 9.95
C PRO A 188 -3.31 -6.81 9.99
N ALA A 189 -2.33 -5.91 9.87
CA ALA A 189 -0.93 -6.32 9.89
C ALA A 189 -0.57 -6.91 11.25
N GLY A 190 0.23 -7.97 11.22
CA GLY A 190 0.71 -8.61 12.44
C GLY A 190 -0.10 -9.79 12.91
N PHE A 191 -1.33 -9.94 12.44
CA PHE A 191 -2.18 -11.07 12.80
C PHE A 191 -2.69 -11.73 11.53
N ALA A 192 -3.05 -13.00 11.63
CA ALA A 192 -3.57 -13.72 10.48
C ALA A 192 -4.74 -14.59 10.91
N ILE A 193 -5.65 -14.87 9.99
CA ILE A 193 -6.81 -15.69 10.30
C ILE A 193 -6.51 -17.13 9.90
N LEU A 194 -7.06 -18.08 10.66
CA LEU A 194 -6.85 -19.50 10.42
C LEU A 194 -8.17 -20.13 10.01
N LYS A 195 -8.13 -20.98 8.99
CA LYS A 195 -9.31 -21.68 8.52
C LYS A 195 -9.01 -23.16 8.48
N CYS A 196 -9.84 -23.96 9.14
CA CYS A 196 -9.71 -25.41 9.08
C CYS A 196 -10.63 -25.94 7.99
N LYS A 197 -10.04 -26.58 6.98
CA LYS A 197 -10.74 -26.94 5.76
C LYS A 197 -11.39 -28.31 5.82
N ASP A 198 -11.38 -28.96 6.99
CA ASP A 198 -12.06 -30.24 7.11
C ASP A 198 -13.56 -30.05 6.90
N LYS A 199 -14.14 -30.92 6.09
CA LYS A 199 -15.57 -30.87 5.80
C LYS A 199 -16.40 -31.55 6.88
N LYS A 200 -15.77 -32.12 7.91
CA LYS A 200 -16.47 -32.78 8.99
C LYS A 200 -16.34 -32.04 10.32
N PHE A 201 -16.26 -30.71 10.28
CA PHE A 201 -16.21 -29.93 11.51
C PHE A 201 -17.53 -30.02 12.26
N ASN A 202 -17.46 -30.33 13.55
CA ASN A 202 -18.64 -30.46 14.39
C ASN A 202 -18.82 -29.29 15.34
N GLY A 203 -18.08 -28.21 15.15
CA GLY A 203 -18.27 -26.99 15.89
C GLY A 203 -17.32 -26.76 17.04
N THR A 204 -16.70 -27.81 17.57
CA THR A 204 -15.77 -27.65 18.68
C THR A 204 -14.78 -28.81 18.67
N GLY A 205 -13.54 -28.51 19.02
CA GLY A 205 -12.50 -29.51 19.05
C GLY A 205 -11.43 -29.24 18.02
N PRO A 206 -10.50 -30.19 17.86
CA PRO A 206 -9.43 -30.00 16.89
C PRO A 206 -9.93 -30.16 15.45
N CYS A 207 -9.45 -29.28 14.58
CA CYS A 207 -9.67 -29.40 13.15
C CYS A 207 -8.46 -30.06 12.52
N PRO A 208 -8.63 -31.24 11.90
CA PRO A 208 -7.45 -32.01 11.46
C PRO A 208 -6.53 -31.26 10.51
N SER A 209 -7.07 -30.45 9.60
CA SER A 209 -6.28 -29.69 8.66
C SER A 209 -6.58 -28.20 8.84
N VAL A 210 -5.53 -27.40 8.94
CA VAL A 210 -5.65 -25.97 9.22
C VAL A 210 -4.71 -25.21 8.29
N SER A 211 -5.20 -24.11 7.71
CA SER A 211 -4.42 -23.30 6.80
C SER A 211 -4.52 -21.84 7.20
N THR A 212 -3.40 -21.12 7.11
CA THR A 212 -3.38 -19.70 7.42
C THR A 212 -3.75 -18.88 6.19
N VAL A 213 -4.54 -17.84 6.39
CA VAL A 213 -4.97 -16.95 5.32
C VAL A 213 -5.05 -15.53 5.89
N GLN A 214 -5.18 -14.55 4.99
CA GLN A 214 -5.27 -13.15 5.42
C GLN A 214 -6.69 -12.63 5.32
N CYS A 215 -7.45 -13.09 4.33
CA CYS A 215 -8.82 -12.63 4.11
C CYS A 215 -9.76 -13.83 4.05
N THR A 216 -10.91 -13.68 4.71
CA THR A 216 -11.91 -14.74 4.70
C THR A 216 -12.65 -14.76 3.37
N HIS A 217 -13.38 -15.84 3.15
CA HIS A 217 -14.20 -15.96 1.94
C HIS A 217 -15.31 -14.92 1.96
N GLY A 218 -15.69 -14.47 0.78
CA GLY A 218 -16.70 -13.42 0.65
C GLY A 218 -18.02 -13.79 1.28
N ILE A 219 -18.50 -12.96 2.21
CA ILE A 219 -19.77 -13.17 2.89
C ILE A 219 -20.75 -12.12 2.41
N LYS A 220 -22.00 -12.53 2.22
CA LYS A 220 -23.06 -11.57 1.99
C LYS A 220 -23.67 -11.17 3.33
N PRO A 221 -23.76 -9.88 3.63
CA PRO A 221 -24.36 -9.45 4.91
C PRO A 221 -25.88 -9.60 4.91
N VAL A 222 -26.35 -10.80 4.60
CA VAL A 222 -27.77 -11.07 4.53
C VAL A 222 -28.41 -10.90 5.90
N VAL A 223 -29.67 -10.50 5.91
CA VAL A 223 -30.46 -10.44 7.13
C VAL A 223 -31.71 -11.28 6.89
N SER A 224 -31.84 -12.38 7.63
CA SER A 224 -32.95 -13.29 7.41
C SER A 224 -33.23 -14.04 8.70
N THR A 225 -34.43 -14.61 8.77
CA THR A 225 -34.88 -15.37 9.93
C THR A 225 -35.48 -16.69 9.46
N GLN A 226 -35.15 -17.76 10.18
CA GLN A 226 -35.72 -19.09 10.00
C GLN A 226 -35.21 -19.75 8.73
N LEU A 227 -34.50 -19.00 7.90
CA LEU A 227 -33.94 -19.49 6.64
C LEU A 227 -32.77 -18.60 6.26
N LEU A 228 -31.56 -19.16 6.24
CA LEU A 228 -30.40 -18.40 5.81
C LEU A 228 -30.35 -18.33 4.28
N LEU A 229 -30.09 -17.14 3.77
CA LEU A 229 -30.14 -16.86 2.34
C LEU A 229 -28.76 -16.50 1.82
N ASN A 230 -28.48 -16.92 0.58
CA ASN A 230 -27.26 -16.55 -0.14
C ASN A 230 -26.02 -16.92 0.66
N GLY A 231 -26.06 -18.06 1.34
CA GLY A 231 -24.97 -18.47 2.21
C GLY A 231 -24.08 -19.53 1.58
N SER A 232 -23.09 -19.96 2.36
CA SER A 232 -22.13 -20.93 1.88
C SER A 232 -22.73 -22.33 1.86
N LEU A 233 -22.05 -23.23 1.15
CA LEU A 233 -22.54 -24.59 0.92
C LEU A 233 -21.61 -25.59 1.58
N ALA A 234 -22.18 -26.57 2.27
CA ALA A 234 -21.39 -27.66 2.82
C ALA A 234 -20.94 -28.61 1.71
N GLU A 235 -19.77 -29.21 1.89
CA GLU A 235 -19.21 -30.04 0.83
C GLU A 235 -19.76 -31.47 0.89
N GLU A 236 -19.59 -32.14 2.02
CA GLU A 236 -19.88 -33.57 2.14
C GLU A 236 -21.32 -33.86 2.54
N GLU A 237 -21.72 -33.38 3.72
CA GLU A 237 -23.04 -33.68 4.26
C GLU A 237 -23.73 -32.39 4.67
N VAL A 238 -25.05 -32.46 4.81
CA VAL A 238 -25.81 -31.30 5.26
C VAL A 238 -25.62 -31.20 6.76
N MET A 239 -24.61 -30.45 7.18
CA MET A 239 -24.19 -30.51 8.57
C MET A 239 -25.10 -29.70 9.48
N ILE A 240 -25.32 -30.25 10.67
CA ILE A 240 -26.10 -29.61 11.73
C ILE A 240 -25.16 -29.42 12.90
N ARG A 241 -25.07 -28.19 13.40
CA ARG A 241 -24.09 -27.83 14.42
C ARG A 241 -24.78 -27.04 15.51
N SER A 242 -24.48 -27.40 16.76
CA SER A 242 -24.90 -26.66 17.94
C SER A 242 -23.76 -26.68 18.94
N GLU A 243 -23.63 -25.59 19.70
CA GLU A 243 -22.59 -25.53 20.70
C GLU A 243 -22.76 -26.64 21.73
N ASN A 244 -24.00 -26.97 22.08
CA ASN A 244 -24.27 -27.94 23.14
C ASN A 244 -25.63 -28.57 22.84
N ILE A 245 -25.60 -29.74 22.19
CA ILE A 245 -26.81 -30.33 21.64
C ILE A 245 -27.57 -31.15 22.67
N THR A 246 -26.95 -31.53 23.77
CA THR A 246 -27.60 -32.45 24.71
C THR A 246 -28.81 -31.81 25.38
N ASN A 247 -28.90 -30.48 25.35
CA ASN A 247 -30.01 -29.77 25.98
C ASN A 247 -30.43 -28.60 25.11
N ASN A 248 -31.67 -28.16 25.31
CA ASN A 248 -32.32 -27.19 24.44
C ASN A 248 -31.83 -25.78 24.71
N ALA A 249 -32.56 -24.80 24.17
CA ALA A 249 -32.32 -23.36 24.31
C ALA A 249 -31.04 -22.94 23.59
N LYS A 250 -30.43 -23.82 22.81
CA LYS A 250 -29.26 -23.49 22.00
C LYS A 250 -29.63 -23.72 20.54
N ASN A 251 -29.28 -22.75 19.69
CA ASN A 251 -29.75 -22.77 18.31
C ASN A 251 -29.10 -23.90 17.51
N ILE A 252 -29.78 -24.30 16.45
CA ILE A 252 -29.30 -25.31 15.51
C ILE A 252 -28.93 -24.60 14.22
N LEU A 253 -27.73 -24.85 13.73
CA LEU A 253 -27.24 -24.22 12.50
C LEU A 253 -27.01 -25.30 11.45
N VAL A 254 -27.65 -25.15 10.29
CA VAL A 254 -27.60 -26.17 9.25
C VAL A 254 -26.96 -25.56 8.00
N GLN A 255 -26.14 -26.36 7.32
CA GLN A 255 -25.52 -25.95 6.07
C GLN A 255 -25.86 -26.97 4.99
N PHE A 256 -26.49 -26.52 3.92
CA PHE A 256 -26.94 -27.42 2.86
C PHE A 256 -25.84 -27.63 1.82
N ASN A 257 -25.79 -28.85 1.27
CA ASN A 257 -24.89 -29.11 0.15
C ASN A 257 -25.35 -28.38 -1.11
N THR A 258 -26.65 -28.44 -1.40
CA THR A 258 -27.18 -27.88 -2.62
C THR A 258 -28.10 -26.70 -2.32
N PRO A 259 -27.96 -25.59 -3.04
CA PRO A 259 -28.85 -24.45 -2.81
C PRO A 259 -30.29 -24.82 -3.14
N VAL A 260 -31.21 -24.26 -2.36
CA VAL A 260 -32.65 -24.46 -2.58
C VAL A 260 -33.20 -23.16 -3.15
N GLN A 261 -33.58 -23.19 -4.42
CA GLN A 261 -34.10 -22.00 -5.08
C GLN A 261 -35.46 -21.62 -4.51
N ILE A 262 -35.71 -20.32 -4.46
CA ILE A 262 -37.00 -19.79 -4.06
C ILE A 262 -37.36 -18.65 -4.99
N ASN A 263 -38.67 -18.41 -5.15
CA ASN A 263 -39.18 -17.32 -5.96
C ASN A 263 -40.15 -16.50 -5.14
N CYS A 264 -39.89 -15.20 -5.05
CA CYS A 264 -40.74 -14.28 -4.30
C CYS A 264 -41.13 -13.13 -5.21
N THR A 265 -42.44 -12.91 -5.35
CA THR A 265 -42.96 -11.87 -6.22
C THR A 265 -44.22 -11.29 -5.61
N ARG A 266 -44.56 -10.08 -6.04
CA ARG A 266 -45.77 -9.42 -5.57
C ARG A 266 -46.65 -8.99 -6.74
N ASN A 299 -42.11 -19.06 -5.23
CA ASN A 299 -42.39 -20.44 -4.84
C ASN A 299 -41.10 -21.23 -4.64
N VAL A 300 -41.12 -22.19 -3.73
CA VAL A 300 -40.00 -23.09 -3.50
C VAL A 300 -40.22 -24.36 -4.30
N SER A 301 -39.20 -24.78 -5.04
CA SER A 301 -39.32 -25.97 -5.85
C SER A 301 -39.31 -27.22 -4.97
N LYS A 302 -40.38 -28.00 -5.05
CA LYS A 302 -40.42 -29.27 -4.34
C LYS A 302 -39.50 -30.27 -5.02
N ALA A 303 -39.30 -31.41 -4.36
CA ALA A 303 -38.39 -32.49 -4.72
C ALA A 303 -36.94 -32.03 -4.61
N THR A 304 -36.69 -30.78 -4.24
CA THR A 304 -35.37 -30.28 -3.88
C THR A 304 -35.28 -29.96 -2.40
N TRP A 305 -36.34 -29.39 -1.83
CA TRP A 305 -36.41 -29.17 -0.39
C TRP A 305 -36.64 -30.48 0.34
N ASN A 306 -37.41 -31.38 -0.26
CA ASN A 306 -37.74 -32.65 0.40
C ASN A 306 -36.50 -33.53 0.57
N GLU A 307 -35.66 -33.62 -0.45
CA GLU A 307 -34.45 -34.42 -0.33
C GLU A 307 -33.50 -33.82 0.69
N THR A 308 -33.43 -32.49 0.75
CA THR A 308 -32.60 -31.85 1.77
C THR A 308 -33.14 -32.13 3.16
N LEU A 309 -34.46 -32.14 3.34
CA LEU A 309 -35.01 -32.53 4.63
C LEU A 309 -34.66 -33.97 4.97
N GLY A 310 -34.72 -34.86 3.97
CA GLY A 310 -34.27 -36.22 4.21
C GLY A 310 -32.83 -36.28 4.66
N LYS A 311 -31.96 -35.47 4.03
CA LYS A 311 -30.56 -35.44 4.42
C LYS A 311 -30.40 -34.93 5.85
N VAL A 312 -31.13 -33.88 6.22
CA VAL A 312 -30.96 -33.32 7.56
C VAL A 312 -31.49 -34.27 8.62
N VAL A 313 -32.60 -34.97 8.34
CA VAL A 313 -33.10 -35.92 9.32
C VAL A 313 -32.17 -37.13 9.41
N LYS A 314 -31.54 -37.51 8.30
CA LYS A 314 -30.51 -38.53 8.34
C LYS A 314 -29.34 -38.11 9.23
N GLN A 315 -28.89 -36.87 9.08
CA GLN A 315 -27.80 -36.36 9.92
C GLN A 315 -28.21 -36.33 11.39
N LEU A 316 -29.44 -35.91 11.66
CA LEU A 316 -29.93 -35.87 13.04
C LEU A 316 -29.97 -37.26 13.65
N ARG A 317 -30.50 -38.24 12.91
CA ARG A 317 -30.53 -39.60 13.42
C ARG A 317 -29.12 -40.15 13.58
N LYS A 318 -28.18 -39.68 12.77
CA LYS A 318 -26.78 -39.99 13.02
C LYS A 318 -26.32 -39.41 14.35
N HIS A 319 -26.68 -38.16 14.62
CA HIS A 319 -26.33 -37.56 15.90
C HIS A 319 -27.14 -38.17 17.04
N PHE A 320 -28.37 -38.57 16.76
CA PHE A 320 -29.24 -39.22 17.74
C PHE A 320 -29.06 -40.74 17.63
N GLY A 321 -29.95 -41.50 18.25
CA GLY A 321 -29.87 -42.95 18.25
C GLY A 321 -30.73 -43.67 17.23
N ASN A 322 -31.04 -43.03 16.09
CA ASN A 322 -31.85 -43.57 15.01
C ASN A 322 -33.30 -43.79 15.42
N ASN A 323 -33.66 -43.48 16.66
CA ASN A 323 -35.05 -43.56 17.11
C ASN A 323 -35.54 -42.18 17.50
N THR A 324 -36.78 -42.07 17.98
CA THR A 324 -37.38 -40.78 18.31
C THR A 324 -37.29 -39.83 17.11
N ILE A 325 -37.99 -40.21 16.04
CA ILE A 325 -37.78 -39.58 14.75
C ILE A 325 -38.11 -38.10 14.79
N ILE A 326 -37.23 -37.30 14.20
CA ILE A 326 -37.41 -35.85 14.15
C ILE A 326 -38.44 -35.52 13.08
N ARG A 327 -39.42 -34.68 13.45
CA ARG A 327 -40.41 -34.17 12.50
C ARG A 327 -40.47 -32.65 12.62
N PHE A 328 -40.54 -31.98 11.48
CA PHE A 328 -40.62 -30.53 11.48
C PHE A 328 -42.03 -30.08 11.85
N ALA A 329 -42.11 -28.98 12.58
CA ALA A 329 -43.37 -28.52 13.14
C ALA A 329 -43.52 -27.01 12.94
N ASN A 330 -44.57 -26.47 13.56
CA ASN A 330 -44.91 -25.06 13.42
C ASN A 330 -43.84 -24.19 14.07
N SER A 331 -43.89 -22.90 13.75
CA SER A 331 -43.07 -21.94 14.47
C SER A 331 -43.57 -21.81 15.89
N SER A 332 -42.63 -21.61 16.83
CA SER A 332 -42.98 -21.60 18.24
C SER A 332 -43.92 -20.46 18.59
N GLY A 333 -43.60 -19.25 18.17
CA GLY A 333 -44.38 -18.09 18.51
C GLY A 333 -43.56 -17.03 19.22
N GLY A 334 -44.12 -15.83 19.27
CA GLY A 334 -43.44 -14.69 19.87
C GLY A 334 -43.50 -13.45 19.01
N ASP A 335 -42.37 -12.78 18.82
CA ASP A 335 -42.32 -11.67 17.89
C ASP A 335 -42.52 -12.17 16.47
N LEU A 336 -43.32 -11.42 15.70
CA LEU A 336 -43.75 -11.90 14.39
C LEU A 336 -42.57 -12.11 13.45
N GLU A 337 -41.50 -11.32 13.61
CA GLU A 337 -40.36 -11.44 12.71
C GLU A 337 -39.67 -12.78 12.87
N VAL A 338 -39.56 -13.28 14.11
CA VAL A 338 -38.87 -14.55 14.32
C VAL A 338 -39.78 -15.72 13.90
N THR A 339 -41.10 -15.52 13.96
CA THR A 339 -42.01 -16.60 13.59
C THR A 339 -42.14 -16.73 12.08
N THR A 340 -41.73 -15.71 11.34
CA THR A 340 -41.91 -15.62 9.90
C THR A 340 -40.56 -15.54 9.22
N HIS A 341 -40.50 -15.99 7.97
CA HIS A 341 -39.28 -15.85 7.18
C HIS A 341 -39.17 -14.41 6.73
N SER A 342 -38.41 -13.60 7.46
CA SER A 342 -38.31 -12.17 7.22
C SER A 342 -37.01 -11.88 6.48
N PHE A 343 -37.09 -11.16 5.37
CA PHE A 343 -35.91 -10.79 4.62
C PHE A 343 -36.16 -9.52 3.81
N ASN A 344 -35.09 -8.79 3.55
CA ASN A 344 -35.17 -7.57 2.75
C ASN A 344 -34.33 -7.71 1.50
N CYS A 345 -34.95 -7.43 0.35
CA CYS A 345 -34.26 -7.26 -0.91
C CYS A 345 -35.02 -6.22 -1.72
N GLY A 346 -34.29 -5.33 -2.37
CA GLY A 346 -34.94 -4.25 -3.09
C GLY A 346 -35.53 -3.19 -2.20
N GLY A 347 -35.14 -3.13 -0.93
CA GLY A 347 -35.61 -2.10 -0.02
C GLY A 347 -36.93 -2.39 0.66
N GLU A 348 -37.56 -3.53 0.40
CA GLU A 348 -38.86 -3.86 0.97
C GLU A 348 -38.73 -5.10 1.85
N PHE A 349 -39.43 -5.08 2.98
CA PHE A 349 -39.39 -6.17 3.95
C PHE A 349 -40.47 -7.19 3.61
N PHE A 350 -40.06 -8.42 3.32
CA PHE A 350 -40.98 -9.49 2.98
C PHE A 350 -40.97 -10.52 4.11
N TYR A 351 -42.15 -10.80 4.64
CA TYR A 351 -42.37 -11.76 5.72
C TYR A 351 -43.17 -12.91 5.14
N CYS A 352 -42.53 -14.04 4.91
CA CYS A 352 -43.15 -15.18 4.24
C CYS A 352 -43.44 -16.27 5.27
N ASN A 353 -44.70 -16.67 5.36
CA ASN A 353 -45.10 -17.74 6.26
C ASN A 353 -44.49 -19.05 5.80
N THR A 354 -43.79 -19.74 6.71
CA THR A 354 -43.06 -20.95 6.36
C THR A 354 -43.60 -22.18 7.07
N SER A 355 -44.85 -22.12 7.57
CA SER A 355 -45.42 -23.26 8.26
C SER A 355 -45.56 -24.46 7.33
N GLY A 356 -45.96 -24.23 6.08
CA GLY A 356 -46.20 -25.34 5.17
C GLY A 356 -44.94 -26.16 4.90
N LEU A 357 -43.80 -25.49 4.73
CA LEU A 357 -42.56 -26.22 4.48
C LEU A 357 -42.09 -26.96 5.73
N PHE A 358 -42.33 -26.41 6.90
CA PHE A 358 -42.07 -27.12 8.16
C PHE A 358 -43.31 -27.86 8.64
N ASN A 359 -43.90 -28.68 7.75
CA ASN A 359 -45.06 -29.49 8.07
C ASN A 359 -44.87 -30.95 7.67
N SER A 360 -43.63 -31.42 7.64
CA SER A 360 -43.31 -32.77 7.21
C SER A 360 -42.87 -33.61 8.40
N THR A 361 -43.42 -34.82 8.50
CA THR A 361 -43.02 -35.79 9.50
C THR A 361 -42.13 -36.83 8.86
N TRP A 362 -40.93 -37.02 9.41
CA TRP A 362 -39.93 -37.91 8.84
C TRP A 362 -39.72 -39.10 9.76
N ILE A 363 -39.63 -40.29 9.18
CA ILE A 363 -39.41 -41.51 9.95
C ILE A 363 -38.01 -42.04 9.69
N SER A 379 -43.87 -28.41 -6.69
CA SER A 379 -43.48 -27.08 -6.22
C SER A 379 -44.46 -26.58 -5.17
N ILE A 380 -43.96 -25.78 -4.23
CA ILE A 380 -44.77 -25.22 -3.15
C ILE A 380 -44.64 -23.70 -3.20
N THR A 381 -45.77 -23.01 -3.13
CA THR A 381 -45.80 -21.55 -3.17
C THR A 381 -45.95 -21.00 -1.76
N LEU A 382 -45.33 -19.84 -1.52
CA LEU A 382 -45.27 -19.24 -0.20
C LEU A 382 -46.15 -18.00 -0.11
N PRO A 383 -46.95 -17.88 0.95
CA PRO A 383 -47.81 -16.70 1.11
C PRO A 383 -47.09 -15.53 1.76
N CYS A 384 -46.27 -14.83 1.00
CA CYS A 384 -45.48 -13.73 1.55
C CYS A 384 -46.35 -12.50 1.78
N ARG A 385 -45.95 -11.67 2.73
CA ARG A 385 -46.63 -10.44 3.09
C ARG A 385 -45.62 -9.32 3.26
N ILE A 386 -46.12 -8.09 3.33
CA ILE A 386 -45.28 -6.91 3.52
C ILE A 386 -45.90 -6.04 4.61
N LYS A 387 -45.09 -5.61 5.56
CA LYS A 387 -45.53 -4.77 6.67
C LYS A 387 -44.72 -3.49 6.70
N GLN A 388 -45.38 -2.37 6.96
CA GLN A 388 -44.68 -1.08 7.04
C GLN A 388 -43.97 -0.94 8.38
N ILE A 389 -44.46 -1.60 9.42
CA ILE A 389 -43.90 -1.48 10.77
C ILE A 389 -42.99 -2.66 11.04
N ILE A 390 -41.76 -2.39 11.45
CA ILE A 390 -40.77 -3.43 11.70
C ILE A 390 -40.13 -3.21 13.07
N ASN A 391 -39.39 -4.22 13.51
CA ASN A 391 -38.49 -4.13 14.65
C ASN A 391 -37.09 -4.45 14.16
N MET A 392 -36.15 -3.53 14.35
CA MET A 392 -34.83 -3.72 13.76
C MET A 392 -34.12 -4.87 14.46
N TRP A 393 -33.42 -5.69 13.67
CA TRP A 393 -32.55 -6.70 14.26
C TRP A 393 -31.40 -6.06 15.01
N GLN A 394 -31.04 -4.83 14.64
CA GLN A 394 -29.85 -4.20 15.19
C GLN A 394 -30.00 -3.90 16.68
N ARG A 395 -31.17 -3.41 17.10
CA ARG A 395 -31.33 -2.93 18.46
C ARG A 395 -32.81 -2.95 18.81
N ILE A 396 -33.10 -2.94 20.11
CA ILE A 396 -34.48 -2.90 20.58
C ILE A 396 -35.15 -1.62 20.11
N GLY A 397 -36.34 -1.75 19.54
CA GLY A 397 -37.09 -0.60 19.08
C GLY A 397 -38.04 -1.00 17.96
N GLN A 398 -38.70 0.01 17.40
CA GLN A 398 -39.60 -0.16 16.28
C GLN A 398 -39.33 0.92 15.23
N ALA A 399 -39.52 0.56 13.96
CA ALA A 399 -39.29 1.46 12.84
C ALA A 399 -40.51 1.50 11.94
N MET A 400 -40.78 2.66 11.36
CA MET A 400 -41.81 2.84 10.36
C MET A 400 -41.17 3.29 9.05
N TYR A 401 -41.58 2.65 7.96
CA TYR A 401 -40.97 2.90 6.66
C TYR A 401 -42.03 3.32 5.65
N ALA A 402 -41.56 3.77 4.48
CA ALA A 402 -42.44 4.25 3.44
C ALA A 402 -43.23 3.09 2.83
N PRO A 403 -44.40 3.39 2.25
CA PRO A 403 -45.16 2.34 1.59
C PRO A 403 -44.38 1.76 0.43
N PRO A 404 -44.60 0.48 0.11
CA PRO A 404 -43.82 -0.17 -0.95
C PRO A 404 -44.07 0.50 -2.31
N ILE A 405 -43.04 0.43 -3.16
CA ILE A 405 -43.19 0.92 -4.52
C ILE A 405 -44.16 0.02 -5.28
N GLN A 406 -44.81 0.59 -6.30
CA GLN A 406 -45.83 -0.16 -7.04
C GLN A 406 -45.20 -1.26 -7.88
N GLY A 407 -43.94 -1.09 -8.27
CA GLY A 407 -43.25 -2.05 -9.11
C GLY A 407 -43.20 -3.45 -8.54
N VAL A 408 -43.47 -4.45 -9.39
CA VAL A 408 -43.44 -5.83 -8.93
C VAL A 408 -42.01 -6.22 -8.60
N ILE A 409 -41.82 -6.77 -7.41
CA ILE A 409 -40.49 -7.12 -6.90
C ILE A 409 -40.31 -8.62 -7.00
N ARG A 410 -39.41 -9.04 -7.89
CA ARG A 410 -39.06 -10.45 -8.06
C ARG A 410 -37.73 -10.71 -7.38
N CYS A 411 -37.76 -11.59 -6.36
CA CYS A 411 -36.58 -11.89 -5.57
C CYS A 411 -36.35 -13.40 -5.60
N VAL A 412 -35.18 -13.81 -6.08
CA VAL A 412 -34.79 -15.21 -6.12
C VAL A 412 -33.51 -15.36 -5.30
N SER A 413 -33.59 -16.11 -4.21
CA SER A 413 -32.44 -16.32 -3.34
C SER A 413 -32.37 -17.78 -2.94
N ASN A 414 -31.16 -18.33 -2.97
CA ASN A 414 -30.95 -19.70 -2.54
C ASN A 414 -31.15 -19.82 -1.03
N ILE A 415 -31.79 -20.91 -0.61
CA ILE A 415 -31.88 -21.24 0.80
C ILE A 415 -30.68 -22.13 1.13
N THR A 416 -29.80 -21.63 1.98
CA THR A 416 -28.54 -22.31 2.28
C THR A 416 -28.43 -22.76 3.72
N GLY A 417 -29.15 -22.14 4.64
CA GLY A 417 -29.08 -22.52 6.04
C GLY A 417 -30.44 -22.48 6.69
N LEU A 418 -30.58 -23.25 7.75
CA LEU A 418 -31.84 -23.41 8.47
C LEU A 418 -31.54 -23.46 9.96
N ILE A 419 -32.44 -22.90 10.76
CA ILE A 419 -32.24 -22.75 12.20
C ILE A 419 -33.38 -23.44 12.93
N LEU A 420 -33.05 -24.25 13.92
CA LEU A 420 -34.03 -24.99 14.69
C LEU A 420 -33.82 -24.77 16.19
N THR A 421 -34.77 -25.27 16.96
CA THR A 421 -34.72 -25.24 18.41
C THR A 421 -35.28 -26.55 18.95
N ARG A 422 -34.62 -27.11 19.96
CA ARG A 422 -35.09 -28.35 20.56
C ARG A 422 -36.13 -28.06 21.63
N ASP A 423 -36.85 -29.11 22.03
CA ASP A 423 -37.83 -29.03 23.10
C ASP A 423 -37.55 -30.10 24.13
N GLY A 424 -37.67 -29.73 25.40
CA GLY A 424 -37.48 -30.68 26.47
C GLY A 424 -38.57 -31.75 26.46
N GLY A 425 -38.20 -32.94 26.89
CA GLY A 425 -39.12 -34.07 26.87
C GLY A 425 -38.97 -34.94 28.10
N SER A 426 -40.01 -35.71 28.40
CA SER A 426 -40.00 -36.61 29.54
C SER A 426 -39.34 -37.94 29.18
N THR A 430 -40.76 -38.53 23.35
CA THR A 430 -40.80 -39.45 22.22
C THR A 430 -40.17 -38.81 20.98
N THR A 431 -40.97 -38.68 19.92
CA THR A 431 -40.48 -38.13 18.67
C THR A 431 -40.01 -36.69 18.85
N GLU A 432 -38.89 -36.36 18.22
CA GLU A 432 -38.35 -35.02 18.31
C GLU A 432 -39.12 -34.07 17.39
N THR A 433 -39.32 -32.84 17.87
CA THR A 433 -39.91 -31.77 17.08
C THR A 433 -38.99 -30.56 17.17
N PHE A 434 -38.52 -30.08 16.02
CA PHE A 434 -37.60 -28.95 15.97
C PHE A 434 -38.31 -27.76 15.36
N ARG A 435 -38.36 -26.65 16.09
CA ARG A 435 -39.11 -25.46 15.71
C ARG A 435 -38.20 -24.48 14.99
N PRO A 436 -38.66 -23.83 13.93
CA PRO A 436 -37.82 -22.85 13.24
C PRO A 436 -37.44 -21.72 14.17
N GLY A 437 -36.18 -21.27 14.07
CA GLY A 437 -35.66 -20.23 14.93
C GLY A 437 -34.91 -19.20 14.11
N GLY A 438 -34.55 -18.11 14.79
CA GLY A 438 -33.84 -17.04 14.12
C GLY A 438 -33.84 -15.79 14.97
N GLY A 439 -33.59 -14.67 14.31
CA GLY A 439 -33.56 -13.37 14.95
C GLY A 439 -32.23 -13.02 15.58
N ASP A 440 -31.38 -14.01 15.86
CA ASP A 440 -30.04 -13.76 16.39
C ASP A 440 -29.10 -13.77 15.19
N MET A 441 -28.91 -12.59 14.60
CA MET A 441 -28.10 -12.49 13.39
C MET A 441 -26.65 -12.91 13.64
N ARG A 442 -26.18 -12.80 14.87
CA ARG A 442 -24.86 -13.32 15.20
C ARG A 442 -24.75 -14.79 14.87
N ASP A 443 -25.78 -15.57 15.24
CA ASP A 443 -25.81 -16.97 14.86
C ASP A 443 -25.89 -17.12 13.35
N ASN A 444 -26.52 -16.16 12.66
CA ASN A 444 -26.62 -16.24 11.21
C ASN A 444 -25.25 -16.16 10.55
N TRP A 445 -24.46 -15.14 10.91
CA TRP A 445 -23.13 -15.05 10.30
C TRP A 445 -22.15 -16.01 10.94
N ARG A 446 -22.52 -16.64 12.05
CA ARG A 446 -21.72 -17.75 12.55
C ARG A 446 -21.72 -18.90 11.55
N SER A 447 -22.87 -19.16 10.93
CA SER A 447 -22.99 -20.29 10.01
C SER A 447 -22.07 -20.13 8.80
N GLU A 448 -21.72 -18.89 8.46
CA GLU A 448 -20.88 -18.68 7.29
C GLU A 448 -19.42 -18.50 7.67
N LEU A 449 -19.16 -17.90 8.83
CA LEU A 449 -17.80 -17.66 9.30
C LEU A 449 -17.38 -18.65 10.37
N TYR A 450 -17.89 -19.89 10.30
CA TYR A 450 -17.52 -20.90 11.28
C TYR A 450 -16.04 -21.26 11.20
N LYS A 451 -15.53 -21.43 9.98
CA LYS A 451 -14.18 -21.98 9.79
C LYS A 451 -13.13 -20.88 9.75
N TYR A 452 -13.10 -20.02 10.77
CA TYR A 452 -12.18 -18.90 10.78
C TYR A 452 -11.81 -18.55 12.22
N LYS A 453 -10.58 -18.08 12.40
CA LYS A 453 -10.06 -17.84 13.73
C LYS A 453 -8.82 -16.94 13.64
N VAL A 454 -8.91 -15.78 14.28
CA VAL A 454 -7.81 -14.81 14.30
C VAL A 454 -6.73 -15.33 15.23
N VAL A 455 -5.47 -15.08 14.88
CA VAL A 455 -4.36 -15.53 15.70
C VAL A 455 -3.18 -14.59 15.52
N LYS A 456 -2.39 -14.46 16.59
CA LYS A 456 -1.18 -13.64 16.62
C LYS A 456 0.02 -14.55 16.83
N ILE A 457 1.10 -14.26 16.13
CA ILE A 457 2.29 -15.09 16.20
C ILE A 457 3.26 -14.52 17.22
N GLU A 458 3.92 -15.42 17.95
CA GLU A 458 4.89 -15.02 18.98
C GLU A 458 6.13 -15.90 18.90
N PRO A 459 7.20 -15.45 18.24
CA PRO A 459 8.38 -16.31 18.06
C PRO A 459 9.09 -16.65 19.37
N LEU A 460 8.97 -15.81 20.39
CA LEU A 460 9.70 -16.05 21.63
C LEU A 460 9.10 -17.24 22.36
N GLY A 461 9.96 -18.01 23.02
CA GLY A 461 9.53 -19.24 23.65
C GLY A 461 10.33 -19.55 24.90
N VAL A 462 9.92 -20.63 25.58
CA VAL A 462 10.61 -21.08 26.78
C VAL A 462 11.08 -22.52 26.57
N ALA A 463 12.12 -22.91 27.29
CA ALA A 463 12.94 -24.06 26.96
C ALA A 463 13.01 -25.10 28.08
N PRO A 464 13.56 -26.29 27.78
CA PRO A 464 13.89 -27.27 28.83
C PRO A 464 15.12 -26.89 29.65
N THR A 465 15.55 -27.81 30.51
CA THR A 465 16.59 -27.55 31.51
C THR A 465 17.99 -27.81 30.98
N ARG A 466 18.14 -28.18 29.72
CA ARG A 466 19.40 -28.75 29.22
C ARG A 466 20.45 -27.66 29.01
N CYS A 467 20.93 -27.13 30.14
CA CYS A 467 22.07 -26.21 30.13
C CYS A 467 22.55 -26.03 31.56
N LYS A 468 23.78 -25.53 31.69
CA LYS A 468 24.44 -25.38 32.99
C LYS A 468 25.10 -24.02 33.15
N ARG A 469 25.22 -23.26 32.06
CA ARG A 469 26.03 -22.05 32.05
C ARG A 469 25.58 -21.07 33.12
N ARG A 470 26.55 -20.56 33.89
CA ARG A 470 26.30 -19.55 34.91
C ARG A 470 26.85 -18.20 34.48
N LEU B 2 46.65 -19.95 14.10
CA LEU B 2 45.74 -19.36 13.13
C LEU B 2 44.29 -19.58 13.52
N TRP B 3 43.61 -18.51 13.94
CA TRP B 3 42.24 -18.59 14.43
C TRP B 3 41.34 -17.80 13.48
N VAL B 4 40.23 -18.41 13.09
CA VAL B 4 39.31 -17.79 12.13
C VAL B 4 38.51 -16.71 12.84
N THR B 5 38.53 -15.51 12.28
CA THR B 5 37.73 -14.41 12.79
C THR B 5 36.88 -13.81 11.67
N VAL B 6 35.68 -13.40 12.02
CA VAL B 6 34.70 -12.94 11.04
C VAL B 6 34.79 -11.43 10.95
N TYR B 7 34.66 -10.90 9.73
CA TYR B 7 34.66 -9.48 9.47
C TYR B 7 33.35 -9.13 8.79
N TYR B 8 32.72 -8.04 9.22
CA TYR B 8 31.50 -7.58 8.58
C TYR B 8 31.75 -6.30 7.80
N GLY B 9 31.42 -6.33 6.52
CA GLY B 9 31.55 -5.15 5.70
C GLY B 9 32.77 -5.09 4.82
N VAL B 10 33.44 -6.21 4.59
CA VAL B 10 34.63 -6.22 3.74
C VAL B 10 34.21 -5.96 2.30
N PRO B 11 35.03 -5.30 1.50
CA PRO B 11 34.67 -5.01 0.11
C PRO B 11 34.80 -6.22 -0.82
N VAL B 12 33.77 -7.06 -0.82
CA VAL B 12 33.77 -8.28 -1.62
C VAL B 12 32.49 -8.33 -2.43
N TRP B 13 32.62 -8.64 -3.72
CA TRP B 13 31.47 -8.75 -4.61
C TRP B 13 31.61 -10.01 -5.47
N LYS B 14 30.47 -10.52 -5.93
CA LYS B 14 30.44 -11.63 -6.87
C LYS B 14 29.41 -11.33 -7.96
N ASP B 15 29.76 -11.65 -9.19
CA ASP B 15 28.85 -11.36 -10.30
C ASP B 15 27.63 -12.28 -10.25
N ALA B 16 26.46 -11.67 -10.40
CA ALA B 16 25.20 -12.41 -10.36
C ALA B 16 24.05 -11.51 -10.79
N GLU B 17 23.07 -12.06 -11.51
CA GLU B 17 21.94 -11.28 -12.00
C GLU B 17 20.73 -11.46 -11.10
N THR B 18 20.04 -10.36 -10.82
CA THR B 18 18.66 -10.37 -10.36
C THR B 18 17.92 -9.25 -11.05
N THR B 19 16.61 -9.20 -10.83
CA THR B 19 15.79 -8.19 -11.47
C THR B 19 16.17 -6.80 -10.99
N LEU B 20 16.39 -5.89 -11.93
CA LEU B 20 16.67 -4.50 -11.64
C LEU B 20 15.38 -3.69 -11.72
N PHE B 21 15.38 -2.51 -11.12
CA PHE B 21 14.18 -1.68 -11.13
C PHE B 21 14.44 -0.40 -11.91
N CYS B 22 13.44 -0.01 -12.71
CA CYS B 22 13.56 1.14 -13.59
C CYS B 22 13.41 2.44 -12.83
N ALA B 23 14.04 3.49 -13.35
CA ALA B 23 13.98 4.81 -12.75
C ALA B 23 13.91 5.85 -13.86
N SER B 24 12.77 6.55 -13.96
CA SER B 24 12.60 7.55 -15.00
C SER B 24 11.94 8.77 -14.40
N ASP B 25 12.43 9.94 -14.79
CA ASP B 25 11.83 11.21 -14.36
C ASP B 25 10.57 11.47 -15.19
N ALA B 26 9.62 10.55 -15.06
CA ALA B 26 8.37 10.64 -15.81
C ALA B 26 7.54 11.81 -15.30
N LYS B 27 7.04 12.62 -16.23
CA LYS B 27 6.25 13.79 -15.83
C LYS B 27 4.87 13.37 -15.35
N ALA B 28 4.33 12.30 -15.90
CA ALA B 28 3.05 11.67 -15.56
C ALA B 28 1.85 12.53 -15.95
N TYR B 29 2.05 13.74 -16.46
CA TYR B 29 0.97 14.55 -16.99
C TYR B 29 0.98 14.63 -18.51
N GLU B 30 1.62 13.67 -19.17
CA GLU B 30 1.69 13.61 -20.63
C GLU B 30 0.83 12.46 -21.11
N THR B 31 0.04 12.70 -22.16
CA THR B 31 -0.83 11.66 -22.70
C THR B 31 -0.08 10.64 -23.53
N GLU B 32 1.16 10.94 -23.94
CA GLU B 32 1.95 9.99 -24.72
C GLU B 32 2.18 8.73 -23.90
N LYS B 33 1.94 7.57 -24.53
CA LYS B 33 1.94 6.32 -23.78
C LYS B 33 3.30 5.98 -23.22
N HIS B 34 4.37 6.61 -23.73
CA HIS B 34 5.69 6.36 -23.17
C HIS B 34 5.79 6.83 -21.73
N ASN B 35 5.37 8.07 -21.46
CA ASN B 35 5.38 8.55 -20.08
C ASN B 35 4.35 7.82 -19.23
N VAL B 36 3.25 7.38 -19.84
CA VAL B 36 2.28 6.60 -19.09
C VAL B 36 2.91 5.31 -18.58
N TRP B 37 3.58 4.57 -19.48
CA TRP B 37 4.26 3.35 -19.05
C TRP B 37 5.37 3.66 -18.04
N ALA B 38 6.09 4.75 -18.26
CA ALA B 38 7.18 5.09 -17.34
C ALA B 38 6.66 5.35 -15.93
N THR B 39 5.56 6.09 -15.81
CA THR B 39 5.03 6.41 -14.49
C THR B 39 4.32 5.20 -13.89
N HIS B 40 3.88 4.27 -14.73
CA HIS B 40 3.20 3.10 -14.20
C HIS B 40 4.17 2.11 -13.57
N ALA B 41 5.34 1.90 -14.19
CA ALA B 41 6.22 0.83 -13.77
C ALA B 41 7.67 1.29 -13.54
N CYS B 42 7.86 2.50 -13.04
CA CYS B 42 9.19 2.98 -12.67
C CYS B 42 9.09 3.86 -11.44
N VAL B 43 10.25 4.34 -11.00
CA VAL B 43 10.35 5.20 -9.82
C VAL B 43 11.10 6.46 -10.21
N PRO B 44 10.92 7.57 -9.51
CA PRO B 44 11.70 8.77 -9.82
C PRO B 44 13.18 8.55 -9.58
N THR B 45 13.99 9.20 -10.40
CA THR B 45 15.43 9.18 -10.19
C THR B 45 15.79 9.89 -8.90
N ASP B 46 16.82 9.39 -8.23
CA ASP B 46 17.27 10.02 -7.00
C ASP B 46 17.91 11.38 -7.31
N PRO B 47 17.59 12.42 -6.54
CA PRO B 47 18.24 13.72 -6.77
C PRO B 47 19.75 13.68 -6.59
N ASN B 48 20.26 12.78 -5.76
CA ASN B 48 21.70 12.71 -5.46
C ASN B 48 22.14 11.28 -5.71
N PRO B 49 22.42 10.92 -6.96
CA PRO B 49 23.07 9.62 -7.22
C PRO B 49 24.47 9.62 -6.65
N GLN B 50 24.84 8.50 -6.04
CA GLN B 50 26.13 8.38 -5.38
C GLN B 50 27.03 7.45 -6.18
N GLU B 51 28.17 7.98 -6.61
CA GLU B 51 29.16 7.24 -7.37
C GLU B 51 30.50 7.34 -6.65
N ILE B 52 30.94 6.24 -6.06
CA ILE B 52 32.22 6.20 -5.38
C ILE B 52 33.24 5.59 -6.33
N HIS B 53 34.32 6.32 -6.60
CA HIS B 53 35.37 5.78 -7.45
C HIS B 53 36.17 4.73 -6.70
N LEU B 54 36.69 3.78 -7.45
CA LEU B 54 37.49 2.70 -6.88
C LEU B 54 38.89 2.73 -7.48
N GLU B 55 39.89 2.42 -6.65
CA GLU B 55 41.28 2.52 -7.02
C GLU B 55 41.95 1.16 -6.91
N ASN B 56 42.92 0.91 -7.79
CA ASN B 56 43.70 -0.33 -7.81
C ASN B 56 42.81 -1.56 -7.89
N VAL B 57 41.77 -1.50 -8.71
CA VAL B 57 40.80 -2.58 -8.84
C VAL B 57 40.61 -2.88 -10.33
N THR B 58 40.59 -4.16 -10.67
CA THR B 58 40.41 -4.61 -12.04
C THR B 58 39.30 -5.64 -12.08
N GLU B 59 38.25 -5.36 -12.85
CA GLU B 59 37.13 -6.27 -13.01
C GLU B 59 36.95 -6.58 -14.49
N GLU B 60 36.53 -7.81 -14.76
CA GLU B 60 36.37 -8.30 -16.13
C GLU B 60 34.93 -8.05 -16.58
N PHE B 61 34.77 -7.21 -17.59
CA PHE B 61 33.47 -6.86 -18.13
C PHE B 61 33.25 -7.59 -19.44
N ASN B 62 32.05 -8.15 -19.61
CA ASN B 62 31.64 -8.80 -20.85
C ASN B 62 30.27 -8.28 -21.23
N MET B 63 30.25 -7.25 -22.10
CA MET B 63 28.97 -6.68 -22.51
C MET B 63 28.18 -7.65 -23.36
N TRP B 64 28.86 -8.47 -24.16
CA TRP B 64 28.17 -9.39 -25.05
C TRP B 64 27.38 -10.44 -24.26
N LYS B 65 27.98 -10.98 -23.19
CA LYS B 65 27.29 -11.94 -22.35
C LYS B 65 26.61 -11.28 -21.16
N ASN B 66 26.61 -9.95 -21.10
CA ASN B 66 25.83 -9.25 -20.09
C ASN B 66 24.37 -9.66 -20.21
N ASN B 67 23.68 -9.71 -19.07
CA ASN B 67 22.31 -10.19 -19.08
C ASN B 67 21.32 -9.11 -18.65
N MET B 68 21.81 -7.98 -18.13
CA MET B 68 20.93 -6.84 -17.89
C MET B 68 20.27 -6.36 -19.18
N VAL B 69 20.95 -6.54 -20.31
CA VAL B 69 20.38 -6.15 -21.59
C VAL B 69 19.13 -6.96 -21.88
N GLU B 70 19.10 -8.22 -21.49
CA GLU B 70 17.89 -9.02 -21.66
C GLU B 70 16.73 -8.45 -20.85
N GLN B 71 17.02 -8.03 -19.62
CA GLN B 71 15.99 -7.40 -18.79
C GLN B 71 15.45 -6.15 -19.46
N MET B 72 16.34 -5.31 -19.98
CA MET B 72 15.89 -4.08 -20.62
C MET B 72 15.11 -4.39 -21.89
N HIS B 73 15.50 -5.43 -22.62
CA HIS B 73 14.78 -5.78 -23.84
C HIS B 73 13.38 -6.27 -23.53
N THR B 74 13.24 -7.11 -22.49
CA THR B 74 11.90 -7.55 -22.10
C THR B 74 11.05 -6.38 -21.65
N ASP B 75 11.65 -5.46 -20.88
CA ASP B 75 10.90 -4.31 -20.40
C ASP B 75 10.43 -3.43 -21.56
N ILE B 76 11.29 -3.20 -22.55
CA ILE B 76 10.89 -2.38 -23.68
C ILE B 76 9.89 -3.12 -24.57
N ILE B 77 9.95 -4.45 -24.63
CA ILE B 77 8.91 -5.19 -25.34
C ILE B 77 7.56 -4.94 -24.68
N SER B 78 7.53 -4.99 -23.35
CA SER B 78 6.29 -4.64 -22.65
C SER B 78 5.88 -3.21 -22.93
N LEU B 79 6.84 -2.29 -22.95
CA LEU B 79 6.55 -0.89 -23.21
C LEU B 79 5.93 -0.70 -24.59
N TRP B 80 6.45 -1.43 -25.58
CA TRP B 80 5.92 -1.32 -26.94
C TRP B 80 4.55 -1.96 -27.05
N ASP B 81 4.32 -3.05 -26.31
CA ASP B 81 2.98 -3.64 -26.29
C ASP B 81 1.97 -2.67 -25.68
N GLN B 82 2.39 -1.90 -24.67
CA GLN B 82 1.49 -0.93 -24.06
C GLN B 82 1.27 0.29 -24.95
N SER B 83 2.36 0.80 -25.57
CA SER B 83 2.29 2.12 -26.20
C SER B 83 1.69 2.04 -27.60
N LEU B 84 2.35 1.35 -28.52
CA LEU B 84 1.88 1.22 -29.89
C LEU B 84 0.98 0.01 -29.98
N LYS B 85 -0.31 0.26 -30.13
CA LYS B 85 -1.28 -0.82 -30.19
C LYS B 85 -1.65 -1.07 -31.65
N PRO B 86 -1.21 -2.17 -32.24
CA PRO B 86 -1.50 -2.41 -33.65
C PRO B 86 -2.94 -2.81 -33.85
N CYS B 87 -3.63 -2.09 -34.74
CA CYS B 87 -5.05 -2.33 -34.94
C CYS B 87 -5.30 -3.35 -36.05
N VAL B 88 -4.23 -3.95 -36.57
CA VAL B 88 -4.28 -5.23 -37.27
C VAL B 88 -3.02 -6.00 -36.87
N LYS B 89 -3.20 -7.18 -36.30
CA LYS B 89 -2.09 -7.91 -35.70
C LYS B 89 -2.19 -9.38 -36.06
N LEU B 90 -1.10 -9.93 -36.59
CA LEU B 90 -1.01 -11.34 -36.93
C LEU B 90 0.17 -11.95 -36.16
N THR B 91 -0.04 -13.14 -35.61
CA THR B 91 0.98 -13.84 -34.84
C THR B 91 0.93 -15.31 -35.20
N PRO B 92 1.98 -15.87 -35.80
CA PRO B 92 1.95 -17.29 -36.19
C PRO B 92 1.88 -18.19 -34.96
N LEU B 93 0.97 -19.17 -35.01
CA LEU B 93 0.88 -20.17 -33.95
C LEU B 93 1.55 -21.45 -34.39
N CYS B 94 1.07 -22.05 -35.48
CA CYS B 94 1.67 -23.23 -36.11
C CYS B 94 2.00 -24.31 -35.07
N VAL B 95 0.95 -24.82 -34.40
CA VAL B 95 1.16 -25.87 -33.41
C VAL B 95 1.60 -27.15 -34.09
N THR B 96 2.69 -27.74 -33.60
CA THR B 96 3.31 -28.90 -34.21
C THR B 96 3.03 -30.14 -33.36
N LEU B 97 2.60 -31.21 -34.01
CA LEU B 97 2.37 -32.48 -33.35
C LEU B 97 3.51 -33.43 -33.68
N TYR B 159 8.08 -28.18 -40.81
CA TYR B 159 8.10 -28.50 -42.23
C TYR B 159 6.74 -28.30 -42.88
N ARG B 160 6.04 -27.23 -42.45
CA ARG B 160 4.70 -26.92 -42.94
C ARG B 160 3.76 -28.10 -42.77
N LEU B 161 3.75 -28.68 -41.57
CA LEU B 161 2.85 -29.78 -41.28
C LEU B 161 1.39 -29.35 -41.34
N ILE B 162 1.09 -28.12 -40.95
CA ILE B 162 -0.26 -27.57 -40.96
C ILE B 162 -0.23 -26.22 -41.67
N ASN B 163 -1.42 -25.61 -41.81
CA ASN B 163 -1.50 -24.29 -42.41
C ASN B 163 -0.78 -23.24 -41.58
N CYS B 164 -0.63 -23.49 -40.27
CA CYS B 164 0.02 -22.55 -39.37
C CYS B 164 -0.61 -21.17 -39.47
N ASN B 165 -1.94 -21.15 -39.55
CA ASN B 165 -2.66 -19.92 -39.82
C ASN B 165 -2.40 -18.88 -38.73
N THR B 166 -2.19 -17.64 -39.15
CA THR B 166 -1.92 -16.57 -38.21
C THR B 166 -3.19 -16.15 -37.48
N SER B 167 -3.10 -16.06 -36.16
CA SER B 167 -4.20 -15.52 -35.37
C SER B 167 -4.37 -14.04 -35.69
N ALA B 168 -5.63 -13.59 -35.74
CA ALA B 168 -5.98 -12.29 -36.32
C ALA B 168 -6.54 -11.30 -35.30
N ILE B 169 -5.84 -11.12 -34.18
CA ILE B 169 -6.28 -10.14 -33.18
C ILE B 169 -6.40 -8.77 -33.83
N THR B 170 -7.52 -8.10 -33.56
CA THR B 170 -7.75 -6.73 -33.98
C THR B 170 -7.97 -5.88 -32.73
N GLN B 171 -7.31 -4.73 -32.67
CA GLN B 171 -7.28 -3.91 -31.47
C GLN B 171 -7.63 -2.48 -31.81
N ALA B 172 -7.70 -1.64 -30.78
CA ALA B 172 -7.95 -0.22 -30.97
C ALA B 172 -6.81 0.40 -31.77
N CYS B 173 -7.12 1.48 -32.48
CA CYS B 173 -6.20 2.05 -33.46
C CYS B 173 -6.08 3.56 -33.23
N PRO B 174 -5.56 3.99 -32.07
CA PRO B 174 -5.49 5.42 -31.80
C PRO B 174 -4.15 6.00 -32.23
N LYS B 175 -4.16 7.30 -32.51
CA LYS B 175 -2.94 8.01 -32.92
C LYS B 175 -2.31 8.68 -31.70
N VAL B 176 -1.47 7.92 -31.02
CA VAL B 176 -0.80 8.40 -29.82
C VAL B 176 0.67 8.65 -30.12
N SER B 177 1.18 9.79 -29.66
CA SER B 177 2.56 10.18 -29.88
C SER B 177 3.47 9.27 -29.08
N PHE B 178 4.57 8.84 -29.71
CA PHE B 178 5.54 7.96 -29.07
C PHE B 178 6.87 8.71 -29.03
N GLU B 179 7.17 9.32 -27.87
CA GLU B 179 8.37 10.12 -27.69
C GLU B 179 9.29 9.43 -26.70
N PRO B 180 10.52 9.08 -27.08
CA PRO B 180 11.44 8.47 -26.11
C PRO B 180 11.81 9.44 -24.99
N ILE B 181 11.99 8.88 -23.79
CA ILE B 181 12.41 9.66 -22.64
C ILE B 181 13.58 8.93 -21.97
N PRO B 182 14.49 9.65 -21.31
CA PRO B 182 15.61 8.98 -20.65
C PRO B 182 15.12 7.99 -19.60
N ILE B 183 15.84 6.88 -19.45
CA ILE B 183 15.51 5.85 -18.49
C ILE B 183 16.81 5.41 -17.82
N HIS B 184 16.72 5.04 -16.55
CA HIS B 184 17.86 4.53 -15.78
C HIS B 184 17.48 3.16 -15.26
N TYR B 185 18.47 2.30 -15.08
CA TYR B 185 18.24 1.05 -14.38
C TYR B 185 19.06 1.01 -13.11
N CYS B 186 18.39 0.81 -11.98
CA CYS B 186 19.05 0.78 -10.68
C CYS B 186 18.90 -0.61 -10.10
N ALA B 187 20.00 -1.14 -9.58
CA ALA B 187 19.96 -2.45 -8.94
C ALA B 187 19.21 -2.36 -7.62
N PRO B 188 18.49 -3.41 -7.22
CA PRO B 188 17.80 -3.38 -5.93
C PRO B 188 18.80 -3.32 -4.80
N ALA B 189 18.31 -2.91 -3.63
CA ALA B 189 19.18 -2.75 -2.48
C ALA B 189 19.92 -4.04 -2.16
N GLY B 190 21.20 -3.90 -1.85
CA GLY B 190 22.06 -5.05 -1.69
C GLY B 190 22.83 -5.44 -2.93
N PHE B 191 22.87 -4.59 -3.94
CA PHE B 191 23.54 -4.88 -5.20
C PHE B 191 24.26 -3.62 -5.69
N ALA B 192 25.17 -3.81 -6.63
CA ALA B 192 25.92 -2.71 -7.20
C ALA B 192 25.94 -2.83 -8.72
N ILE B 193 26.04 -1.68 -9.38
CA ILE B 193 26.12 -1.60 -10.83
C ILE B 193 27.48 -1.00 -11.16
N LEU B 194 28.44 -1.85 -11.50
CA LEU B 194 29.76 -1.35 -11.88
C LEU B 194 29.68 -0.61 -13.21
N LYS B 195 30.51 0.42 -13.34
CA LYS B 195 30.59 1.22 -14.56
C LYS B 195 32.05 1.41 -14.94
N CYS B 196 32.42 0.93 -16.13
CA CYS B 196 33.78 1.06 -16.61
C CYS B 196 33.98 2.45 -17.20
N LYS B 197 34.83 3.25 -16.58
CA LYS B 197 35.11 4.60 -17.04
C LYS B 197 36.20 4.66 -18.10
N ASP B 198 36.88 3.54 -18.36
CA ASP B 198 37.99 3.54 -19.30
C ASP B 198 37.46 3.73 -20.70
N LYS B 199 38.03 4.69 -21.43
CA LYS B 199 37.59 4.98 -22.79
C LYS B 199 38.16 4.03 -23.83
N LYS B 200 39.22 3.30 -23.49
CA LYS B 200 39.83 2.33 -24.41
C LYS B 200 39.19 0.96 -24.31
N PHE B 201 38.06 0.83 -23.61
CA PHE B 201 37.42 -0.46 -23.43
C PHE B 201 36.93 -1.00 -24.76
N ASN B 202 37.52 -2.10 -25.22
CA ASN B 202 37.17 -2.69 -26.50
C ASN B 202 35.98 -3.65 -26.42
N GLY B 203 35.18 -3.57 -25.35
CA GLY B 203 33.99 -4.37 -25.23
C GLY B 203 34.09 -5.58 -24.35
N THR B 204 35.21 -6.30 -24.37
CA THR B 204 35.35 -7.53 -23.61
C THR B 204 36.70 -7.58 -22.93
N GLY B 205 36.72 -8.03 -21.67
CA GLY B 205 37.96 -8.18 -20.96
C GLY B 205 38.05 -7.30 -19.74
N PRO B 206 39.25 -7.14 -19.19
CA PRO B 206 39.40 -6.35 -17.97
C PRO B 206 39.28 -4.85 -18.24
N CYS B 207 38.74 -4.14 -17.25
CA CYS B 207 38.74 -2.69 -17.24
C CYS B 207 39.68 -2.19 -16.15
N PRO B 208 40.75 -1.49 -16.50
CA PRO B 208 41.72 -1.07 -15.47
C PRO B 208 41.13 -0.16 -14.41
N SER B 209 40.10 0.63 -14.75
CA SER B 209 39.46 1.54 -13.81
C SER B 209 37.97 1.29 -13.82
N VAL B 210 37.38 1.08 -12.64
CA VAL B 210 35.95 0.87 -12.50
C VAL B 210 35.43 1.81 -11.43
N SER B 211 34.12 2.07 -11.47
CA SER B 211 33.47 2.92 -10.48
C SER B 211 32.04 2.44 -10.30
N THR B 212 31.59 2.45 -9.05
CA THR B 212 30.29 1.91 -8.67
C THR B 212 29.26 3.04 -8.59
N VAL B 213 28.09 2.79 -9.13
CA VAL B 213 26.97 3.72 -9.05
C VAL B 213 25.68 2.91 -9.16
N GLN B 214 24.71 3.20 -8.30
CA GLN B 214 23.53 2.36 -8.23
C GLN B 214 22.67 2.48 -9.49
N CYS B 215 22.64 3.66 -10.11
CA CYS B 215 21.81 3.91 -11.27
C CYS B 215 22.67 4.29 -12.46
N THR B 216 22.52 3.57 -13.56
CA THR B 216 23.30 3.83 -14.76
C THR B 216 22.92 5.17 -15.37
N HIS B 217 23.73 5.62 -16.32
CA HIS B 217 23.44 6.86 -17.02
C HIS B 217 22.15 6.71 -17.82
N GLY B 218 21.43 7.82 -17.97
CA GLY B 218 20.15 7.80 -18.64
C GLY B 218 20.20 7.25 -20.05
N ILE B 219 19.49 6.16 -20.28
CA ILE B 219 19.39 5.53 -21.58
C ILE B 219 18.06 5.92 -22.19
N LYS B 220 18.08 6.43 -23.40
CA LYS B 220 16.84 6.62 -24.12
C LYS B 220 16.50 5.32 -24.87
N PRO B 221 15.44 4.62 -24.51
CA PRO B 221 15.12 3.40 -25.23
C PRO B 221 14.58 3.74 -26.60
N VAL B 222 15.44 3.55 -27.61
CA VAL B 222 15.14 3.96 -28.97
C VAL B 222 15.30 2.74 -29.87
N VAL B 223 14.25 2.41 -30.59
CA VAL B 223 14.27 1.28 -31.52
C VAL B 223 14.69 1.82 -32.87
N SER B 224 15.62 1.13 -33.52
CA SER B 224 16.15 1.56 -34.80
C SER B 224 17.01 0.45 -35.38
N THR B 225 17.00 0.33 -36.70
CA THR B 225 17.90 -0.55 -37.42
C THR B 225 18.90 0.27 -38.20
N GLN B 226 20.11 -0.29 -38.35
CA GLN B 226 21.12 0.22 -39.27
C GLN B 226 21.77 1.50 -38.79
N LEU B 227 21.20 2.14 -37.77
CA LEU B 227 21.68 3.42 -37.26
C LEU B 227 21.14 3.61 -35.84
N LEU B 228 22.03 3.58 -34.85
CA LEU B 228 21.66 4.02 -33.52
C LEU B 228 21.52 5.54 -33.51
N LEU B 229 20.68 6.05 -32.60
CA LEU B 229 20.48 7.48 -32.53
C LEU B 229 19.90 7.85 -31.17
N ASN B 230 19.98 9.15 -30.86
CA ASN B 230 19.38 9.74 -29.66
C ASN B 230 20.00 9.21 -28.37
N GLY B 231 21.33 9.17 -28.29
CA GLY B 231 21.96 8.89 -27.01
C GLY B 231 23.25 8.15 -27.16
N SER B 232 23.92 7.97 -26.02
CA SER B 232 25.12 7.14 -25.90
C SER B 232 26.26 7.66 -26.78
N LEU B 233 26.57 8.94 -26.62
CA LEU B 233 27.71 9.52 -27.31
C LEU B 233 29.01 8.96 -26.75
N ALA B 234 29.96 8.68 -27.63
CA ALA B 234 31.27 8.24 -27.20
C ALA B 234 31.99 9.37 -26.48
N GLU B 235 32.86 9.00 -25.53
CA GLU B 235 33.52 10.01 -24.71
C GLU B 235 34.71 10.62 -25.42
N GLU B 236 35.65 9.78 -25.87
CA GLU B 236 36.90 10.29 -26.42
C GLU B 236 37.09 9.94 -27.89
N GLU B 237 36.99 8.66 -28.23
CA GLU B 237 37.32 8.20 -29.57
C GLU B 237 36.24 7.26 -30.09
N VAL B 238 36.17 7.17 -31.42
CA VAL B 238 35.29 6.21 -32.07
C VAL B 238 35.76 4.80 -31.72
N MET B 239 34.81 3.94 -31.37
CA MET B 239 35.15 2.61 -30.89
C MET B 239 34.40 1.54 -31.67
N ILE B 240 35.07 0.40 -31.83
CA ILE B 240 34.54 -0.77 -32.53
C ILE B 240 34.47 -1.91 -31.53
N ARG B 241 33.30 -2.54 -31.42
CA ARG B 241 33.10 -3.64 -30.49
C ARG B 241 32.47 -4.82 -31.21
N SER B 242 32.92 -6.02 -30.88
CA SER B 242 32.36 -7.23 -31.46
C SER B 242 32.72 -8.43 -30.60
N GLU B 243 31.82 -9.40 -30.55
CA GLU B 243 32.14 -10.67 -29.88
C GLU B 243 33.32 -11.34 -30.56
N ASN B 244 33.32 -11.36 -31.88
CA ASN B 244 34.35 -12.04 -32.66
C ASN B 244 34.47 -11.32 -33.99
N ILE B 245 35.44 -10.43 -34.10
CA ILE B 245 35.53 -9.58 -35.30
C ILE B 245 35.82 -10.42 -36.53
N THR B 246 36.47 -11.58 -36.35
CA THR B 246 36.77 -12.44 -37.49
C THR B 246 35.52 -13.12 -38.01
N ASN B 247 34.63 -13.56 -37.11
CA ASN B 247 33.41 -14.23 -37.52
C ASN B 247 32.52 -13.21 -38.21
N ASN B 248 31.91 -13.61 -39.32
CA ASN B 248 31.07 -12.69 -40.07
C ASN B 248 29.70 -12.53 -39.42
N ALA B 249 29.17 -13.60 -38.86
CA ALA B 249 27.79 -13.57 -38.35
C ALA B 249 27.64 -12.56 -37.22
N LYS B 250 28.61 -12.49 -36.32
CA LYS B 250 28.49 -11.61 -35.17
C LYS B 250 28.51 -10.14 -35.62
N ASN B 251 27.60 -9.36 -35.05
CA ASN B 251 27.48 -7.96 -35.41
C ASN B 251 28.67 -7.16 -34.91
N ILE B 252 28.93 -6.03 -35.56
CA ILE B 252 29.97 -5.10 -35.16
C ILE B 252 29.29 -3.79 -34.79
N LEU B 253 29.44 -3.38 -33.54
CA LEU B 253 28.91 -2.13 -33.04
C LEU B 253 29.98 -1.05 -33.22
N VAL B 254 29.57 0.10 -33.74
CA VAL B 254 30.45 1.25 -33.89
C VAL B 254 29.83 2.42 -33.14
N GLN B 255 30.62 3.08 -32.31
CA GLN B 255 30.15 4.24 -31.57
C GLN B 255 30.84 5.49 -32.09
N PHE B 256 30.06 6.54 -32.32
CA PHE B 256 30.57 7.78 -32.88
C PHE B 256 31.02 8.72 -31.77
N ASN B 257 32.21 9.30 -31.93
CA ASN B 257 32.68 10.28 -30.97
C ASN B 257 31.90 11.58 -31.08
N THR B 258 31.53 11.96 -32.31
CA THR B 258 30.79 13.18 -32.56
C THR B 258 29.50 12.85 -33.30
N PRO B 259 28.36 13.33 -32.83
CA PRO B 259 27.09 12.99 -33.49
C PRO B 259 26.95 13.71 -34.82
N VAL B 260 26.32 13.04 -35.77
CA VAL B 260 25.97 13.63 -37.06
C VAL B 260 24.47 13.85 -37.05
N GLN B 261 24.06 15.12 -37.22
CA GLN B 261 22.65 15.45 -37.14
C GLN B 261 21.93 14.94 -38.37
N ILE B 262 20.79 14.28 -38.16
CA ILE B 262 19.95 13.79 -39.23
C ILE B 262 18.55 14.35 -39.05
N ASN B 263 18.02 14.96 -40.11
CA ASN B 263 16.67 15.51 -40.11
C ASN B 263 15.83 14.73 -41.09
N CYS B 264 14.70 14.19 -40.62
CA CYS B 264 13.76 13.46 -41.46
C CYS B 264 12.39 14.11 -41.31
N THR B 265 11.72 14.32 -42.44
CA THR B 265 10.49 15.09 -42.47
C THR B 265 9.45 14.40 -43.34
N ARG B 266 8.19 14.69 -43.05
CA ARG B 266 7.09 14.27 -43.91
C ARG B 266 7.10 15.16 -45.14
N ASN B 299 17.54 13.21 -44.56
CA ASN B 299 18.47 14.30 -44.81
C ASN B 299 19.49 14.39 -43.69
N VAL B 300 20.76 14.18 -44.04
CA VAL B 300 21.85 14.20 -43.08
C VAL B 300 22.89 15.21 -43.56
N SER B 301 23.67 15.73 -42.61
CA SER B 301 24.67 16.73 -42.93
C SER B 301 25.90 16.07 -43.55
N LYS B 302 26.21 16.44 -44.78
CA LYS B 302 27.35 15.85 -45.47
C LYS B 302 28.64 16.50 -44.99
N ALA B 303 29.74 15.76 -45.17
CA ALA B 303 31.10 16.16 -44.81
C ALA B 303 31.29 16.14 -43.30
N THR B 304 30.20 15.93 -42.56
CA THR B 304 30.32 15.50 -41.17
C THR B 304 30.11 14.00 -41.09
N TRP B 305 29.19 13.47 -41.91
CA TRP B 305 29.10 12.03 -42.11
C TRP B 305 30.39 11.49 -42.69
N ASN B 306 30.99 12.21 -43.64
CA ASN B 306 32.23 11.75 -44.25
C ASN B 306 33.36 11.68 -43.23
N GLU B 307 33.48 12.69 -42.36
CA GLU B 307 34.55 12.69 -41.37
C GLU B 307 34.37 11.57 -40.35
N THR B 308 33.14 11.38 -39.88
CA THR B 308 32.88 10.28 -38.96
C THR B 308 33.14 8.94 -39.61
N LEU B 309 32.78 8.79 -40.88
CA LEU B 309 33.09 7.57 -41.61
C LEU B 309 34.60 7.36 -41.70
N GLY B 310 35.35 8.42 -41.96
CA GLY B 310 36.80 8.30 -41.99
C GLY B 310 37.37 7.85 -40.65
N LYS B 311 36.85 8.40 -39.56
CA LYS B 311 37.26 7.95 -38.24
C LYS B 311 36.95 6.47 -38.06
N VAL B 312 35.77 6.04 -38.50
CA VAL B 312 35.37 4.65 -38.36
C VAL B 312 36.29 3.74 -39.15
N VAL B 313 36.63 4.12 -40.39
CA VAL B 313 37.51 3.28 -41.19
C VAL B 313 38.92 3.25 -40.59
N LYS B 314 39.36 4.36 -39.98
CA LYS B 314 40.63 4.34 -39.28
C LYS B 314 40.61 3.32 -38.15
N GLN B 315 39.55 3.36 -37.33
CA GLN B 315 39.46 2.42 -36.21
C GLN B 315 39.36 0.99 -36.71
N LEU B 316 38.68 0.77 -37.84
CA LEU B 316 38.59 -0.57 -38.40
C LEU B 316 39.94 -1.07 -38.89
N ARG B 317 40.69 -0.20 -39.57
CA ARG B 317 42.03 -0.57 -40.02
C ARG B 317 42.93 -0.86 -38.83
N LYS B 318 42.67 -0.22 -37.68
CA LYS B 318 43.45 -0.54 -36.49
C LYS B 318 43.29 -2.00 -36.11
N HIS B 319 42.09 -2.56 -36.28
CA HIS B 319 41.91 -3.99 -36.04
C HIS B 319 42.45 -4.83 -37.18
N PHE B 320 42.34 -4.33 -38.41
CA PHE B 320 42.80 -5.04 -39.58
C PHE B 320 44.26 -4.70 -39.86
N GLY B 321 44.76 -5.08 -41.03
CA GLY B 321 46.15 -4.87 -41.39
C GLY B 321 46.46 -3.63 -42.20
N ASN B 322 45.56 -2.65 -42.21
CA ASN B 322 45.64 -1.38 -42.94
C ASN B 322 45.51 -1.59 -44.44
N ASN B 323 45.50 -2.83 -44.92
CA ASN B 323 45.17 -3.15 -46.29
C ASN B 323 43.68 -3.48 -46.38
N THR B 324 43.26 -4.05 -47.51
CA THR B 324 41.87 -4.47 -47.71
C THR B 324 40.91 -3.31 -47.48
N ILE B 325 40.99 -2.34 -48.40
CA ILE B 325 40.27 -1.08 -48.24
C ILE B 325 38.81 -1.32 -47.91
N ILE B 326 38.32 -0.60 -46.90
CA ILE B 326 36.94 -0.76 -46.46
C ILE B 326 36.00 -0.20 -47.50
N ARG B 327 34.86 -0.87 -47.68
CA ARG B 327 33.85 -0.46 -48.65
C ARG B 327 32.46 -0.58 -48.03
N PHE B 328 31.60 0.38 -48.37
CA PHE B 328 30.20 0.36 -48.02
C PHE B 328 29.37 0.37 -49.29
N ALA B 329 28.25 -0.32 -49.28
CA ALA B 329 27.48 -0.49 -50.51
C ALA B 329 26.01 -0.71 -50.18
N ASN B 330 25.25 -1.13 -51.19
CA ASN B 330 23.86 -1.55 -51.04
C ASN B 330 23.71 -2.40 -49.80
N SER B 331 22.63 -2.18 -49.06
CA SER B 331 22.32 -3.03 -47.93
C SER B 331 22.14 -4.48 -48.40
N SER B 332 22.33 -5.41 -47.48
CA SER B 332 22.47 -6.81 -47.86
C SER B 332 21.21 -7.34 -48.54
N GLY B 333 20.06 -7.13 -47.93
CA GLY B 333 18.80 -7.62 -48.47
C GLY B 333 18.04 -8.47 -47.48
N GLY B 334 16.72 -8.44 -47.62
CA GLY B 334 15.84 -9.14 -46.70
C GLY B 334 14.56 -8.37 -46.46
N ASP B 335 14.05 -8.40 -45.22
CA ASP B 335 12.88 -7.61 -44.91
C ASP B 335 13.20 -6.13 -44.94
N LEU B 336 12.17 -5.32 -45.19
CA LEU B 336 12.37 -3.89 -45.40
C LEU B 336 13.00 -3.23 -44.18
N GLU B 337 12.69 -3.74 -42.97
CA GLU B 337 13.17 -3.11 -41.76
C GLU B 337 14.69 -3.20 -41.64
N VAL B 338 15.29 -4.29 -42.13
CA VAL B 338 16.73 -4.45 -42.03
C VAL B 338 17.41 -3.86 -43.26
N THR B 339 16.77 -3.92 -44.42
CA THR B 339 17.38 -3.40 -45.64
C THR B 339 17.55 -1.88 -45.57
N THR B 340 16.60 -1.18 -44.97
CA THR B 340 16.65 0.27 -44.91
C THR B 340 16.51 0.75 -43.47
N HIS B 341 17.03 1.94 -43.22
CA HIS B 341 16.99 2.52 -41.88
C HIS B 341 15.54 2.69 -41.42
N SER B 342 15.17 1.94 -40.39
CA SER B 342 13.80 1.91 -39.88
C SER B 342 13.77 2.59 -38.53
N PHE B 343 12.88 3.56 -38.35
CA PHE B 343 12.69 4.13 -37.02
C PHE B 343 11.40 4.92 -36.98
N ASN B 344 10.97 5.23 -35.76
CA ASN B 344 9.76 6.01 -35.52
C ASN B 344 10.08 7.17 -34.60
N CYS B 345 9.36 8.27 -34.77
CA CYS B 345 9.53 9.48 -33.95
C CYS B 345 8.15 10.12 -33.79
N GLY B 346 7.47 9.76 -32.71
CA GLY B 346 6.18 10.33 -32.40
C GLY B 346 5.10 9.88 -33.36
N GLY B 347 5.29 10.18 -34.64
CA GLY B 347 4.38 9.72 -35.66
C GLY B 347 4.64 8.28 -36.04
N GLU B 348 4.13 7.90 -37.21
CA GLU B 348 4.34 6.55 -37.69
C GLU B 348 5.79 6.32 -38.10
N PHE B 349 6.34 5.21 -37.60
CA PHE B 349 7.56 4.62 -38.12
C PHE B 349 7.66 4.66 -39.64
N PHE B 350 8.88 4.88 -40.12
CA PHE B 350 9.18 4.83 -41.55
C PHE B 350 10.56 4.23 -41.79
N TYR B 351 10.76 3.82 -43.04
CA TYR B 351 11.97 3.15 -43.50
C TYR B 351 12.60 3.97 -44.61
N CYS B 352 13.88 4.29 -44.48
CA CYS B 352 14.55 5.21 -45.41
C CYS B 352 15.69 4.50 -46.13
N ASN B 353 15.71 4.65 -47.45
CA ASN B 353 16.82 4.19 -48.27
C ASN B 353 18.13 4.75 -47.73
N THR B 354 19.13 3.88 -47.58
CA THR B 354 20.43 4.32 -47.09
C THR B 354 21.55 4.07 -48.10
N SER B 355 21.21 3.83 -49.37
CA SER B 355 22.23 3.60 -50.38
C SER B 355 23.16 4.80 -50.48
N GLY B 356 22.61 6.01 -50.44
CA GLY B 356 23.45 7.20 -50.43
C GLY B 356 24.33 7.28 -49.20
N LEU B 357 23.82 6.78 -48.06
CA LEU B 357 24.61 6.85 -46.83
C LEU B 357 25.79 5.90 -46.87
N PHE B 358 25.62 4.72 -47.47
CA PHE B 358 26.69 3.73 -47.56
C PHE B 358 26.91 3.40 -49.03
N ASN B 359 27.77 4.18 -49.68
CA ASN B 359 28.13 3.97 -51.07
C ASN B 359 29.58 4.33 -51.34
N SER B 360 30.40 4.44 -50.29
CA SER B 360 31.76 4.94 -50.40
C SER B 360 32.77 3.85 -50.15
N THR B 361 33.86 3.87 -50.91
CA THR B 361 35.01 3.02 -50.67
C THR B 361 36.14 3.90 -50.16
N TRP B 362 36.63 3.60 -48.96
CA TRP B 362 37.65 4.40 -48.31
C TRP B 362 39.01 3.76 -48.51
N ILE B 363 39.95 4.52 -49.05
CA ILE B 363 41.29 4.01 -49.31
C ILE B 363 42.17 4.20 -48.09
N SER B 379 24.85 18.33 -48.68
CA SER B 379 23.87 17.60 -47.88
C SER B 379 23.41 16.33 -48.59
N ILE B 380 23.27 15.25 -47.84
CA ILE B 380 22.82 13.97 -48.36
C ILE B 380 21.35 13.80 -48.03
N THR B 381 20.54 13.55 -49.04
CA THR B 381 19.11 13.35 -48.87
C THR B 381 18.78 11.87 -49.08
N LEU B 382 18.01 11.30 -48.17
CA LEU B 382 17.67 9.90 -48.22
C LEU B 382 16.19 9.72 -48.48
N PRO B 383 15.80 9.10 -49.60
CA PRO B 383 14.38 8.83 -49.83
C PRO B 383 13.84 7.89 -48.77
N CYS B 384 12.77 8.32 -48.11
CA CYS B 384 12.18 7.57 -47.02
C CYS B 384 10.68 7.44 -47.23
N ARG B 385 10.16 6.24 -46.97
CA ARG B 385 8.75 5.93 -47.19
C ARG B 385 8.12 5.47 -45.89
N ILE B 386 7.05 6.14 -45.47
CA ILE B 386 6.27 5.69 -44.32
C ILE B 386 5.36 4.57 -44.78
N LYS B 387 5.35 3.46 -44.04
CA LYS B 387 4.54 2.30 -44.36
C LYS B 387 3.68 1.93 -43.17
N GLN B 388 2.50 1.37 -43.44
CA GLN B 388 1.64 0.93 -42.36
C GLN B 388 1.80 -0.57 -42.10
N ILE B 389 2.49 -1.28 -43.00
CA ILE B 389 2.67 -2.71 -42.85
C ILE B 389 4.10 -3.00 -42.36
N ILE B 390 4.20 -3.62 -41.19
CA ILE B 390 5.49 -3.83 -40.52
C ILE B 390 5.64 -5.29 -40.14
N ASN B 391 6.89 -5.70 -39.91
CA ASN B 391 7.20 -6.95 -39.23
C ASN B 391 7.63 -6.61 -37.81
N MET B 392 6.91 -7.13 -36.82
CA MET B 392 7.15 -6.76 -35.44
C MET B 392 8.53 -7.22 -35.00
N TRP B 393 9.30 -6.31 -34.39
CA TRP B 393 10.59 -6.70 -33.84
C TRP B 393 10.44 -7.43 -32.51
N GLN B 394 9.38 -7.11 -31.76
CA GLN B 394 9.18 -7.72 -30.45
C GLN B 394 9.04 -9.24 -30.56
N ARG B 395 8.25 -9.71 -31.52
CA ARG B 395 8.09 -11.14 -31.73
C ARG B 395 7.76 -11.36 -33.20
N ILE B 396 8.00 -12.60 -33.66
CA ILE B 396 7.81 -12.91 -35.08
C ILE B 396 6.35 -12.71 -35.45
N GLY B 397 6.14 -12.03 -36.56
CA GLY B 397 4.79 -11.74 -37.03
C GLY B 397 4.77 -10.46 -37.84
N GLN B 398 3.56 -10.02 -38.15
CA GLN B 398 3.33 -8.81 -38.93
C GLN B 398 2.26 -7.97 -38.26
N ALA B 399 2.21 -6.70 -38.63
CA ALA B 399 1.23 -5.77 -38.11
C ALA B 399 0.87 -4.73 -39.16
N MET B 400 -0.33 -4.17 -39.04
CA MET B 400 -0.79 -3.10 -39.90
C MET B 400 -1.29 -1.95 -39.04
N TYR B 401 -0.95 -0.72 -39.44
CA TYR B 401 -1.27 0.46 -38.66
C TYR B 401 -2.12 1.42 -39.47
N ALA B 402 -2.66 2.43 -38.79
CA ALA B 402 -3.50 3.42 -39.43
C ALA B 402 -2.67 4.30 -40.35
N PRO B 403 -3.31 4.93 -41.34
CA PRO B 403 -2.59 5.92 -42.14
C PRO B 403 -2.09 7.05 -41.28
N PRO B 404 -0.99 7.69 -41.67
CA PRO B 404 -0.36 8.68 -40.78
C PRO B 404 -1.12 9.98 -40.75
N ILE B 405 -0.85 10.77 -39.71
CA ILE B 405 -1.55 12.04 -39.53
C ILE B 405 -1.21 13.00 -40.65
N GLN B 406 -2.17 13.85 -41.01
CA GLN B 406 -1.97 14.80 -42.10
C GLN B 406 -1.00 15.90 -41.70
N GLY B 407 -0.90 16.20 -40.40
CA GLY B 407 0.00 17.24 -39.96
C GLY B 407 1.44 16.89 -40.24
N VAL B 408 2.24 17.92 -40.54
CA VAL B 408 3.64 17.70 -40.84
C VAL B 408 4.37 17.22 -39.59
N ILE B 409 5.08 16.11 -39.72
CA ILE B 409 5.84 15.51 -38.62
C ILE B 409 7.32 15.63 -38.96
N ARG B 410 8.06 16.31 -38.08
CA ARG B 410 9.49 16.54 -38.27
C ARG B 410 10.24 15.97 -37.08
N CYS B 411 11.32 15.25 -37.35
CA CYS B 411 12.10 14.61 -36.32
C CYS B 411 13.57 15.00 -36.45
N VAL B 412 14.14 15.46 -35.35
CA VAL B 412 15.54 15.86 -35.29
C VAL B 412 16.26 14.87 -34.37
N SER B 413 17.32 14.26 -34.87
CA SER B 413 18.07 13.28 -34.12
C SER B 413 19.51 13.27 -34.60
N ASN B 414 20.38 12.64 -33.82
CA ASN B 414 21.78 12.50 -34.18
C ASN B 414 22.15 11.02 -34.20
N ILE B 415 22.82 10.59 -35.27
CA ILE B 415 23.23 9.20 -35.45
C ILE B 415 24.50 8.95 -34.66
N THR B 416 24.35 8.47 -33.42
CA THR B 416 25.50 8.25 -32.57
C THR B 416 26.14 6.87 -32.77
N GLY B 417 25.50 5.97 -33.48
CA GLY B 417 25.98 4.60 -33.57
C GLY B 417 25.75 4.00 -34.94
N LEU B 418 26.48 2.93 -35.20
CA LEU B 418 26.41 2.18 -36.46
C LEU B 418 26.44 0.69 -36.14
N ILE B 419 25.77 -0.10 -36.97
CA ILE B 419 25.86 -1.55 -36.88
C ILE B 419 26.28 -2.07 -38.25
N LEU B 420 27.42 -2.77 -38.29
CA LEU B 420 28.00 -3.21 -39.55
C LEU B 420 28.30 -4.69 -39.47
N THR B 421 28.15 -5.38 -40.60
CA THR B 421 28.51 -6.79 -40.71
C THR B 421 29.40 -6.96 -41.93
N ARG B 422 30.60 -7.50 -41.73
CA ARG B 422 31.54 -7.67 -42.82
C ARG B 422 31.13 -8.85 -43.70
N ASP B 423 31.57 -8.81 -44.95
CA ASP B 423 31.24 -9.88 -45.88
C ASP B 423 32.13 -11.10 -45.61
N GLY B 424 31.71 -12.23 -46.16
CA GLY B 424 32.44 -13.47 -45.94
C GLY B 424 33.80 -13.45 -46.63
N GLY B 425 34.77 -14.11 -46.01
CA GLY B 425 36.10 -14.18 -46.60
C GLY B 425 36.16 -15.23 -47.70
N SER B 426 37.10 -15.01 -48.63
CA SER B 426 37.30 -15.94 -49.73
C SER B 426 38.50 -16.84 -49.45
N THR B 430 42.37 -9.72 -50.23
CA THR B 430 41.52 -8.94 -51.11
C THR B 430 41.05 -7.65 -50.42
N THR B 431 39.74 -7.41 -50.43
CA THR B 431 39.18 -6.22 -49.80
C THR B 431 38.01 -6.63 -48.92
N GLU B 432 37.66 -5.76 -47.97
CA GLU B 432 36.60 -6.00 -47.01
C GLU B 432 35.48 -4.99 -47.22
N THR B 433 34.24 -5.47 -47.22
CA THR B 433 33.06 -4.64 -47.39
C THR B 433 32.17 -4.76 -46.16
N PHE B 434 31.71 -3.62 -45.67
CA PHE B 434 30.82 -3.57 -44.52
C PHE B 434 29.46 -3.05 -44.95
N ARG B 435 28.42 -3.74 -44.51
CA ARG B 435 27.06 -3.36 -44.82
C ARG B 435 26.26 -3.19 -43.55
N PRO B 436 25.37 -2.21 -43.50
CA PRO B 436 24.54 -1.98 -42.31
C PRO B 436 23.32 -2.88 -42.28
N GLY B 437 23.27 -3.77 -41.29
CA GLY B 437 22.19 -4.73 -41.21
C GLY B 437 21.74 -5.09 -39.80
N GLY B 438 21.91 -4.19 -38.84
CA GLY B 438 21.57 -4.51 -37.47
C GLY B 438 20.09 -4.46 -37.17
N GLY B 439 19.49 -5.62 -36.93
CA GLY B 439 18.07 -5.67 -36.66
C GLY B 439 17.70 -6.16 -35.28
N ASP B 440 18.50 -7.08 -34.72
CA ASP B 440 18.21 -7.60 -33.39
C ASP B 440 18.39 -6.49 -32.36
N MET B 441 17.28 -6.07 -31.74
CA MET B 441 17.29 -4.85 -30.96
C MET B 441 18.14 -5.00 -29.70
N ARG B 442 18.37 -6.25 -29.27
CA ARG B 442 19.31 -6.47 -28.18
C ARG B 442 20.65 -5.85 -28.48
N ASP B 443 21.03 -5.79 -29.75
CA ASP B 443 22.28 -5.14 -30.12
C ASP B 443 22.23 -3.65 -29.82
N ASN B 444 21.11 -3.00 -30.17
CA ASN B 444 20.96 -1.58 -29.87
C ASN B 444 21.06 -1.33 -28.37
N TRP B 445 20.51 -2.23 -27.57
CA TRP B 445 20.56 -1.96 -26.13
C TRP B 445 21.88 -2.40 -25.51
N ARG B 446 22.63 -3.27 -26.19
CA ARG B 446 23.98 -3.58 -25.75
C ARG B 446 24.90 -2.40 -26.02
N SER B 447 24.64 -1.66 -27.09
CA SER B 447 25.49 -0.51 -27.40
C SER B 447 25.40 0.55 -26.31
N GLU B 448 24.19 0.82 -25.81
CA GLU B 448 24.02 1.92 -24.86
C GLU B 448 24.61 1.57 -23.50
N LEU B 449 24.45 0.32 -23.05
CA LEU B 449 24.88 -0.10 -21.72
C LEU B 449 26.05 -1.07 -21.77
N TYR B 450 27.00 -0.84 -22.68
CA TYR B 450 28.14 -1.73 -22.83
C TYR B 450 29.03 -1.78 -21.59
N LYS B 451 28.94 -0.78 -20.72
CA LYS B 451 29.91 -0.64 -19.64
C LYS B 451 29.33 -0.91 -18.26
N TYR B 452 28.14 -1.50 -18.17
CA TYR B 452 27.48 -1.70 -16.88
C TYR B 452 27.29 -3.19 -16.61
N LYS B 453 27.57 -3.60 -15.38
CA LYS B 453 27.48 -4.98 -14.95
C LYS B 453 26.82 -5.01 -13.58
N VAL B 454 25.94 -5.99 -13.37
CA VAL B 454 25.25 -6.15 -12.09
C VAL B 454 26.09 -7.09 -11.24
N VAL B 455 26.25 -6.74 -9.96
CA VAL B 455 27.10 -7.52 -9.07
C VAL B 455 26.48 -7.50 -7.68
N LYS B 456 26.71 -8.57 -6.93
CA LYS B 456 26.10 -8.74 -5.61
C LYS B 456 27.14 -8.57 -4.52
N ILE B 457 26.76 -7.86 -3.47
CA ILE B 457 27.61 -7.60 -2.31
C ILE B 457 27.56 -8.81 -1.39
N GLU B 458 28.73 -9.27 -0.96
CA GLU B 458 28.85 -10.37 -0.01
C GLU B 458 29.78 -9.94 1.11
N PRO B 459 29.32 -9.08 2.01
CA PRO B 459 30.21 -8.48 3.02
C PRO B 459 30.46 -9.35 4.26
N LEU B 460 31.17 -10.45 4.04
CA LEU B 460 31.64 -11.29 5.13
C LEU B 460 32.99 -11.87 4.71
N GLY B 461 33.69 -12.47 5.67
CA GLY B 461 34.98 -13.01 5.36
C GLY B 461 35.55 -13.84 6.48
N VAL B 462 36.83 -14.18 6.32
CA VAL B 462 37.56 -15.02 7.26
C VAL B 462 39.03 -14.61 7.21
N ALA B 463 39.65 -14.42 8.38
CA ALA B 463 41.02 -13.93 8.42
C ALA B 463 41.75 -14.49 9.63
N PRO B 464 43.06 -14.71 9.54
CA PRO B 464 43.87 -15.31 10.63
C PRO B 464 44.51 -14.26 11.54
N THR B 465 43.72 -13.63 12.40
CA THR B 465 44.27 -12.63 13.30
C THR B 465 44.91 -13.24 14.55
N ARG B 466 44.83 -14.56 14.71
CA ARG B 466 45.31 -15.23 15.92
C ARG B 466 44.69 -14.61 17.17
N CYS B 467 43.36 -14.55 17.19
CA CYS B 467 42.58 -14.01 18.31
C CYS B 467 42.99 -12.59 18.65
N THR C 5 28.31 6.66 31.75
CA THR C 5 28.02 5.69 30.71
C THR C 5 26.73 6.05 29.96
N VAL C 6 26.65 5.66 28.69
CA VAL C 6 25.56 6.10 27.84
C VAL C 6 24.24 5.51 28.34
N TYR C 7 23.16 6.22 28.03
CA TYR C 7 21.82 5.86 28.44
C TYR C 7 20.91 5.95 27.22
N TYR C 8 20.85 4.88 26.44
CA TYR C 8 20.04 4.92 25.23
C TYR C 8 18.55 4.87 25.57
N GLY C 9 17.76 5.57 24.77
CA GLY C 9 16.32 5.62 24.94
C GLY C 9 15.79 6.79 25.72
N VAL C 10 16.64 7.74 26.09
CA VAL C 10 16.26 8.86 26.93
C VAL C 10 15.64 9.96 26.07
N PRO C 11 14.54 10.59 26.50
CA PRO C 11 13.91 11.65 25.68
C PRO C 11 14.69 12.95 25.78
N VAL C 12 15.30 13.36 24.66
CA VAL C 12 15.97 14.66 24.58
C VAL C 12 15.61 15.31 23.27
N TRP C 13 15.46 16.64 23.30
CA TRP C 13 15.12 17.43 22.13
C TRP C 13 16.17 18.50 21.92
N LYS C 14 16.68 18.60 20.71
CA LYS C 14 17.51 19.72 20.29
C LYS C 14 16.72 20.49 19.23
N ASP C 15 16.51 21.77 19.49
CA ASP C 15 15.78 22.61 18.55
C ASP C 15 16.48 22.60 17.19
N ALA C 16 15.75 22.23 16.15
CA ALA C 16 16.32 22.00 14.83
C ALA C 16 15.53 22.81 13.82
N GLU C 17 15.80 22.55 12.54
CA GLU C 17 15.09 23.19 11.44
C GLU C 17 14.76 22.13 10.41
N THR C 18 13.50 22.10 9.97
CA THR C 18 13.06 21.12 8.99
C THR C 18 11.95 21.73 8.14
N THR C 19 11.84 21.24 6.90
CA THR C 19 10.91 21.82 5.94
C THR C 19 9.54 21.17 6.09
N LEU C 20 8.62 21.87 6.75
CA LEU C 20 7.27 21.38 6.98
C LEU C 20 6.51 21.43 5.66
N PHE C 21 5.54 20.53 5.50
CA PHE C 21 4.77 20.51 4.27
C PHE C 21 3.32 20.91 4.51
N CYS C 22 2.62 21.17 3.40
CA CYS C 22 1.23 21.63 3.41
C CYS C 22 0.31 20.66 4.14
N ALA C 23 -0.85 21.18 4.53
CA ALA C 23 -2.01 20.35 4.84
C ALA C 23 -3.25 21.20 4.51
N SER C 24 -3.78 21.01 3.32
CA SER C 24 -4.96 21.77 2.91
C SER C 24 -6.20 20.87 2.89
N ASP C 25 -7.34 21.47 3.17
CA ASP C 25 -8.60 20.73 3.21
C ASP C 25 -9.03 20.22 1.84
N ASN C 35 -9.31 26.32 -11.98
CA ASN C 35 -8.27 26.16 -10.97
C ASN C 35 -8.09 27.42 -10.13
N VAL C 36 -7.58 27.24 -8.91
CA VAL C 36 -7.27 28.33 -7.99
C VAL C 36 -5.92 28.03 -7.35
N TRP C 37 -4.98 28.98 -7.46
CA TRP C 37 -3.67 28.75 -6.85
C TRP C 37 -3.71 28.94 -5.35
N ALA C 38 -4.69 29.71 -4.84
CA ALA C 38 -4.81 29.88 -3.39
C ALA C 38 -5.01 28.54 -2.70
N THR C 39 -5.67 27.60 -3.37
CA THR C 39 -5.77 26.22 -2.93
C THR C 39 -5.11 25.35 -3.98
N HIS C 40 -3.79 25.20 -3.88
CA HIS C 40 -3.02 24.40 -4.82
C HIS C 40 -2.97 22.97 -4.28
N ALA C 41 -2.34 22.06 -5.04
CA ALA C 41 -2.32 20.64 -4.67
C ALA C 41 -1.38 20.46 -3.49
N CYS C 42 -1.88 20.77 -2.30
CA CYS C 42 -1.21 20.46 -1.05
C CYS C 42 -1.77 19.15 -0.50
N VAL C 43 -1.06 18.58 0.46
CA VAL C 43 -1.45 17.32 1.07
C VAL C 43 -2.74 17.51 1.85
N PRO C 44 -3.68 16.57 1.82
CA PRO C 44 -4.88 16.69 2.64
C PRO C 44 -4.57 16.58 4.13
N THR C 45 -5.40 17.26 4.93
CA THR C 45 -5.19 17.31 6.37
C THR C 45 -5.45 15.96 7.00
N ASP C 46 -4.49 15.49 7.80
CA ASP C 46 -4.52 14.12 8.29
C ASP C 46 -5.77 13.88 9.15
N PRO C 47 -6.31 12.66 9.15
CA PRO C 47 -7.66 12.47 9.69
C PRO C 47 -7.72 12.50 11.21
N ASN C 48 -6.72 11.92 11.88
CA ASN C 48 -6.67 11.84 13.33
C ASN C 48 -5.33 12.42 13.78
N PRO C 49 -5.22 13.74 13.83
CA PRO C 49 -3.95 14.36 14.25
C PRO C 49 -3.65 14.01 15.70
N GLN C 50 -2.60 13.22 15.89
CA GLN C 50 -2.25 12.77 17.23
C GLN C 50 -1.75 13.95 18.07
N GLU C 51 -2.09 13.91 19.36
CA GLU C 51 -1.65 14.94 20.29
C GLU C 51 -1.37 14.28 21.63
N ILE C 52 -0.13 14.42 22.10
CA ILE C 52 0.31 13.83 23.36
C ILE C 52 0.76 14.96 24.26
N HIS C 53 0.12 15.12 25.41
CA HIS C 53 0.54 16.14 26.36
C HIS C 53 1.83 15.72 27.04
N LEU C 54 2.58 16.70 27.51
CA LEU C 54 3.87 16.50 28.15
C LEU C 54 3.85 17.17 29.52
N GLU C 55 3.85 16.36 30.57
CA GLU C 55 3.73 16.90 31.92
C GLU C 55 5.08 17.40 32.43
N ASN C 56 5.05 18.49 33.19
CA ASN C 56 6.21 19.02 33.88
C ASN C 56 7.31 19.46 32.91
N VAL C 57 6.94 19.77 31.67
CA VAL C 57 7.91 20.15 30.65
C VAL C 57 7.81 21.64 30.42
N THR C 58 8.88 22.37 30.72
CA THR C 58 8.98 23.79 30.45
C THR C 58 9.98 24.00 29.32
N GLU C 59 9.47 24.41 28.16
CA GLU C 59 10.27 24.55 26.95
C GLU C 59 10.55 26.02 26.69
N GLU C 60 11.82 26.36 26.52
CA GLU C 60 12.21 27.74 26.22
C GLU C 60 11.72 28.13 24.83
N PHE C 61 11.23 29.37 24.70
CA PHE C 61 10.67 29.85 23.46
C PHE C 61 11.12 31.28 23.22
N ASN C 62 11.33 31.63 21.95
CA ASN C 62 11.41 33.03 21.54
C ASN C 62 10.93 33.11 20.08
N MET C 63 9.62 33.29 19.89
CA MET C 63 9.05 33.20 18.55
C MET C 63 9.51 34.37 17.67
N TRP C 64 10.23 35.31 18.26
CA TRP C 64 10.93 36.33 17.49
C TRP C 64 12.18 35.76 16.82
N LYS C 65 12.95 34.96 17.54
CA LYS C 65 14.22 34.39 17.08
C LYS C 65 14.12 32.88 16.85
N ASN C 66 13.04 32.27 17.32
CA ASN C 66 12.81 30.82 17.25
C ASN C 66 13.18 30.23 15.88
N ASN C 67 13.65 28.98 15.90
CA ASN C 67 13.99 28.33 14.63
C ASN C 67 12.73 28.02 13.83
N MET C 68 11.62 27.74 14.51
CA MET C 68 10.36 27.51 13.81
C MET C 68 9.92 28.75 13.05
N VAL C 69 10.06 29.94 13.65
CA VAL C 69 9.61 31.12 12.93
C VAL C 69 10.53 31.40 11.74
N GLU C 70 11.84 31.20 11.90
CA GLU C 70 12.75 31.40 10.78
C GLU C 70 12.45 30.42 9.64
N GLN C 71 12.35 29.13 9.97
CA GLN C 71 12.10 28.14 8.95
C GLN C 71 10.68 28.23 8.40
N MET C 72 9.75 28.79 9.19
CA MET C 72 8.40 28.98 8.71
C MET C 72 8.34 30.17 7.77
N HIS C 73 9.14 31.19 8.02
CA HIS C 73 9.34 32.24 7.02
C HIS C 73 9.88 31.65 5.74
N THR C 74 10.87 30.75 5.84
CA THR C 74 11.40 30.14 4.63
C THR C 74 10.33 29.35 3.89
N ASP C 75 9.55 28.55 4.62
CA ASP C 75 8.50 27.74 4.00
C ASP C 75 7.40 28.61 3.40
N ILE C 76 6.97 29.64 4.13
CA ILE C 76 5.95 30.56 3.65
C ILE C 76 6.41 31.27 2.38
N ILE C 77 7.64 31.77 2.38
CA ILE C 77 8.16 32.47 1.21
C ILE C 77 8.26 31.51 0.03
N SER C 78 8.75 30.29 0.27
CA SER C 78 8.86 29.31 -0.80
C SER C 78 7.50 28.95 -1.39
N LEU C 79 6.50 28.75 -0.52
CA LEU C 79 5.18 28.38 -1.03
C LEU C 79 4.52 29.53 -1.75
N TRP C 80 4.71 30.77 -1.28
CA TRP C 80 4.15 31.89 -2.01
C TRP C 80 4.83 32.07 -3.36
N ASP C 81 6.14 31.82 -3.43
CA ASP C 81 6.82 31.86 -4.72
C ASP C 81 6.29 30.78 -5.64
N GLN C 82 6.08 29.57 -5.12
CA GLN C 82 5.53 28.49 -5.93
C GLN C 82 4.11 28.81 -6.38
N SER C 83 3.37 29.53 -5.53
CA SER C 83 1.94 29.71 -5.75
C SER C 83 1.68 30.93 -6.64
N LEU C 84 2.66 31.81 -6.78
CA LEU C 84 2.47 32.99 -7.62
C LEU C 84 2.64 32.64 -9.09
N LYS C 85 3.63 31.82 -9.44
CA LYS C 85 3.96 31.63 -10.85
C LYS C 85 2.82 31.08 -11.70
N PRO C 86 1.99 30.11 -11.27
CA PRO C 86 1.13 29.40 -12.24
C PRO C 86 0.27 30.30 -13.10
N CYS C 87 -0.15 31.46 -12.60
CA CYS C 87 -0.98 32.35 -13.39
C CYS C 87 -0.20 32.90 -14.59
N VAL C 88 -0.91 33.11 -15.70
CA VAL C 88 -0.27 33.59 -16.91
C VAL C 88 0.12 35.04 -16.75
N LYS C 89 0.97 35.52 -17.66
CA LYS C 89 1.56 36.85 -17.58
C LYS C 89 0.97 37.77 -18.63
N LEU C 90 1.30 39.06 -18.50
CA LEU C 90 0.81 40.12 -19.38
C LEU C 90 1.96 41.03 -19.78
N THR C 91 3.09 40.42 -20.16
CA THR C 91 4.34 41.13 -20.36
C THR C 91 4.31 42.21 -21.44
N PRO C 92 3.75 41.99 -22.64
CA PRO C 92 3.92 42.97 -23.72
C PRO C 92 2.82 44.02 -23.81
N LEU C 93 1.75 43.91 -23.02
CA LEU C 93 0.58 44.77 -23.23
C LEU C 93 0.85 46.21 -22.83
N CYS C 94 1.91 46.45 -22.05
CA CYS C 94 2.24 47.81 -21.65
C CYS C 94 2.67 48.63 -22.85
N VAL C 95 1.87 49.63 -23.20
CA VAL C 95 2.15 50.54 -24.31
C VAL C 95 1.69 51.93 -23.90
N THR C 96 1.88 52.90 -24.79
CA THR C 96 1.36 54.23 -24.56
C THR C 96 -0.17 54.20 -24.63
N LEU C 97 -0.81 54.93 -23.73
CA LEU C 97 -2.26 54.93 -23.60
C LEU C 97 -2.78 56.36 -23.62
N GLN C 98 -3.75 56.64 -24.47
CA GLN C 98 -4.38 57.96 -24.53
C GLN C 98 -5.67 57.89 -23.72
N CYS C 99 -5.70 58.57 -22.58
CA CYS C 99 -6.78 58.42 -21.63
C CYS C 99 -7.36 59.79 -21.27
N THR C 100 -8.67 59.80 -21.01
CA THR C 100 -9.38 60.99 -20.56
C THR C 100 -10.07 60.69 -19.24
N ASN C 101 -10.06 61.66 -18.33
CA ASN C 101 -10.71 61.46 -17.03
C ASN C 101 -12.21 61.38 -17.22
N VAL C 102 -12.83 60.36 -16.62
CA VAL C 102 -14.26 60.15 -16.74
C VAL C 102 -14.87 59.89 -15.36
N MET C 110 -17.10 63.72 -3.78
CA MET C 110 -16.55 62.43 -4.17
C MET C 110 -16.18 62.44 -5.65
N ARG C 111 -14.92 62.77 -5.94
CA ARG C 111 -14.42 62.67 -7.30
C ARG C 111 -14.19 61.19 -7.65
N GLY C 112 -14.66 60.80 -8.84
CA GLY C 112 -14.56 59.40 -9.23
C GLY C 112 -13.14 58.92 -9.39
N GLU C 113 -12.27 59.77 -9.97
CA GLU C 113 -10.87 59.42 -10.20
C GLU C 113 -10.73 58.16 -11.03
N LEU C 114 -11.56 58.05 -12.08
CA LEU C 114 -11.50 56.94 -13.03
C LEU C 114 -11.18 57.50 -14.41
N LYS C 115 -10.22 56.90 -15.09
CA LYS C 115 -9.76 57.35 -16.40
C LYS C 115 -10.11 56.30 -17.44
N ASN C 116 -10.76 56.73 -18.53
CA ASN C 116 -11.01 55.84 -19.65
C ASN C 116 -9.84 55.92 -20.63
N CYS C 117 -9.26 54.77 -20.95
CA CYS C 117 -8.01 54.67 -21.68
C CYS C 117 -8.26 54.02 -23.04
N SER C 118 -7.62 54.55 -24.07
CA SER C 118 -7.66 53.97 -25.41
C SER C 118 -6.24 53.64 -25.84
N PHE C 119 -6.07 52.45 -26.40
CA PHE C 119 -4.79 52.06 -26.98
C PHE C 119 -5.00 51.49 -28.38
N ASN C 120 -4.08 51.83 -29.29
CA ASN C 120 -4.24 51.59 -30.72
C ASN C 120 -3.91 50.13 -31.04
N MET C 121 -4.95 49.32 -31.12
CA MET C 121 -4.86 47.96 -31.63
C MET C 121 -5.72 47.84 -32.88
N THR C 122 -5.13 47.34 -33.96
CA THR C 122 -5.85 47.20 -35.22
C THR C 122 -5.93 45.75 -35.65
N LYS C 131 -8.43 51.22 -32.24
CA LYS C 131 -8.35 51.70 -30.86
C LYS C 131 -9.31 50.92 -29.97
N VAL C 132 -8.84 50.61 -28.75
CA VAL C 132 -9.61 49.84 -27.79
C VAL C 132 -9.73 50.65 -26.50
N TYR C 133 -10.92 50.61 -25.90
CA TYR C 133 -11.26 51.36 -24.71
C TYR C 133 -11.33 50.43 -23.50
N SER C 134 -10.66 50.81 -22.42
CA SER C 134 -10.70 50.11 -21.15
C SER C 134 -10.78 51.14 -20.02
N LEU C 135 -11.01 50.65 -18.81
CA LEU C 135 -11.20 51.51 -17.65
C LEU C 135 -10.13 51.21 -16.60
N PHE C 136 -9.46 52.26 -16.14
CA PHE C 136 -8.44 52.17 -15.11
C PHE C 136 -8.68 53.24 -14.06
N TYR C 137 -8.29 52.95 -12.82
CA TYR C 137 -8.42 53.94 -11.76
C TYR C 137 -7.29 54.96 -11.84
N ARG C 138 -7.45 56.05 -11.09
CA ARG C 138 -6.44 57.11 -11.09
C ARG C 138 -5.13 56.64 -10.50
N LEU C 139 -5.19 55.82 -9.45
CA LEU C 139 -3.97 55.45 -8.73
C LEU C 139 -3.17 54.39 -9.47
N ASP C 140 -3.84 53.54 -10.25
CA ASP C 140 -3.13 52.49 -10.98
C ASP C 140 -2.36 53.05 -12.18
N VAL C 141 -2.75 54.22 -12.66
CA VAL C 141 -2.20 54.76 -13.90
C VAL C 141 -1.76 56.21 -13.66
N VAL C 142 -0.51 56.50 -14.01
CA VAL C 142 0.06 57.82 -13.81
C VAL C 142 0.36 58.44 -15.18
N GLN C 143 0.53 59.76 -15.18
CA GLN C 143 0.75 60.48 -16.42
C GLN C 143 2.12 60.15 -17.01
N ILE C 144 2.16 60.11 -18.34
CA ILE C 144 3.41 59.92 -19.08
C ILE C 144 3.42 60.93 -20.22
N ASN C 145 4.60 61.42 -20.56
CA ASN C 145 4.74 62.42 -21.62
C ASN C 145 6.19 62.52 -22.09
N LYS C 157 -4.92 63.12 -20.61
CA LYS C 157 -3.82 63.25 -21.56
C LYS C 157 -3.23 61.89 -21.91
N GLU C 158 -1.90 61.79 -21.85
CA GLU C 158 -1.20 60.54 -22.08
C GLU C 158 -0.91 59.87 -20.74
N TYR C 159 -1.30 58.61 -20.62
CA TYR C 159 -1.30 57.89 -19.36
C TYR C 159 -0.64 56.53 -19.55
N ARG C 160 -0.13 55.98 -18.45
CA ARG C 160 0.52 54.66 -18.51
C ARG C 160 0.61 54.08 -17.12
N LEU C 161 0.82 52.75 -17.07
CA LEU C 161 1.04 52.07 -15.81
C LEU C 161 2.33 52.55 -15.16
N ILE C 162 2.41 52.41 -13.84
CA ILE C 162 3.57 52.92 -13.11
C ILE C 162 4.85 52.25 -13.60
N ASN C 163 4.91 50.92 -13.52
CA ASN C 163 6.17 50.20 -13.69
C ASN C 163 6.08 49.09 -14.72
N CYS C 164 5.18 49.20 -15.70
CA CYS C 164 5.04 48.13 -16.69
C CYS C 164 6.32 47.96 -17.49
N ASN C 165 6.94 49.06 -17.89
CA ASN C 165 8.22 48.97 -18.59
C ASN C 165 9.31 48.43 -17.67
N THR C 166 9.37 48.93 -16.44
CA THR C 166 10.41 48.48 -15.51
C THR C 166 10.17 47.03 -15.08
N SER C 167 8.93 46.70 -14.72
CA SER C 167 8.56 45.36 -14.31
C SER C 167 7.37 44.90 -15.14
N ALA C 168 7.53 43.79 -15.85
CA ALA C 168 6.45 43.27 -16.67
C ALA C 168 5.24 42.96 -15.80
N ILE C 169 4.07 43.44 -16.24
CA ILE C 169 2.86 43.26 -15.46
C ILE C 169 2.27 41.89 -15.74
N THR C 170 1.72 41.26 -14.71
CA THR C 170 1.11 39.94 -14.81
C THR C 170 -0.39 40.08 -14.67
N GLN C 171 -1.14 39.46 -15.58
CA GLN C 171 -2.59 39.45 -15.45
C GLN C 171 -3.01 38.48 -14.35
N ALA C 172 -4.04 38.85 -13.60
CA ALA C 172 -4.62 37.94 -12.63
C ALA C 172 -5.58 36.99 -13.33
N CYS C 173 -5.35 35.70 -13.16
CA CYS C 173 -6.13 34.71 -13.88
C CYS C 173 -7.60 34.77 -13.42
N PRO C 174 -8.54 34.90 -14.36
CA PRO C 174 -9.96 34.89 -13.96
C PRO C 174 -10.38 33.59 -13.28
N LYS C 175 -9.78 32.46 -13.68
CA LYS C 175 -10.12 31.19 -13.06
C LYS C 175 -9.74 31.18 -11.58
N VAL C 176 -8.55 31.67 -11.25
CA VAL C 176 -8.11 31.64 -9.87
C VAL C 176 -8.79 32.73 -9.06
N SER C 177 -9.01 32.46 -7.78
CA SER C 177 -9.62 33.41 -6.86
C SER C 177 -8.75 33.51 -5.63
N PHE C 178 -8.67 34.71 -5.07
CA PHE C 178 -7.78 34.99 -3.95
C PHE C 178 -8.56 34.75 -2.65
N GLU C 179 -8.61 33.50 -2.21
CA GLU C 179 -9.38 33.22 -1.01
C GLU C 179 -8.52 32.55 0.05
N PRO C 180 -8.67 32.95 1.30
CA PRO C 180 -7.90 32.32 2.39
C PRO C 180 -8.61 31.12 2.98
N ILE C 181 -7.91 30.00 3.11
CA ILE C 181 -8.47 28.79 3.72
C ILE C 181 -7.54 28.36 4.84
N PRO C 182 -8.03 27.65 5.86
CA PRO C 182 -7.13 27.16 6.91
C PRO C 182 -6.12 26.17 6.34
N ILE C 183 -4.84 26.46 6.54
CA ILE C 183 -3.75 25.63 6.04
C ILE C 183 -2.98 25.10 7.24
N HIS C 184 -3.10 23.81 7.51
CA HIS C 184 -2.30 23.20 8.55
C HIS C 184 -0.87 22.99 8.07
N TYR C 185 0.06 22.94 9.01
CA TYR C 185 1.47 22.69 8.73
C TYR C 185 1.85 21.36 9.36
N CYS C 186 2.53 20.50 8.61
CA CYS C 186 2.90 19.21 9.15
C CYS C 186 4.39 18.98 9.05
N ALA C 187 4.99 18.47 10.11
CA ALA C 187 6.40 18.16 10.11
C ALA C 187 6.64 16.80 9.45
N PRO C 188 7.66 16.69 8.60
CA PRO C 188 8.01 15.38 8.04
C PRO C 188 8.41 14.39 9.13
N ALA C 189 8.63 13.15 8.71
CA ALA C 189 9.02 12.11 9.64
C ALA C 189 10.34 12.45 10.31
N GLY C 190 10.47 12.05 11.58
CA GLY C 190 11.66 12.34 12.35
C GLY C 190 11.69 13.69 13.01
N PHE C 191 10.63 14.48 12.89
CA PHE C 191 10.54 15.78 13.54
C PHE C 191 9.20 15.90 14.24
N ALA C 192 9.21 16.54 15.40
CA ALA C 192 8.02 16.72 16.21
C ALA C 192 7.69 18.20 16.30
N ILE C 193 6.39 18.51 16.41
CA ILE C 193 5.96 19.89 16.58
C ILE C 193 5.52 20.11 18.01
N LEU C 194 6.13 21.08 18.68
CA LEU C 194 5.81 21.44 20.06
C LEU C 194 4.82 22.59 20.05
N LYS C 195 3.81 22.50 20.90
CA LYS C 195 2.74 23.48 21.01
C LYS C 195 2.64 23.91 22.47
N CYS C 196 2.66 25.22 22.71
CA CYS C 196 2.59 25.76 24.06
C CYS C 196 1.15 26.18 24.35
N LYS C 197 0.49 25.44 25.23
CA LYS C 197 -0.90 25.73 25.59
C LYS C 197 -0.94 26.54 26.89
N ASP C 198 -0.41 27.77 26.81
CA ASP C 198 -0.43 28.69 27.92
C ASP C 198 -1.08 30.00 27.49
N LYS C 199 -2.00 30.48 28.31
CA LYS C 199 -2.72 31.72 27.98
C LYS C 199 -1.81 32.93 28.12
N LYS C 200 -0.90 32.90 29.09
CA LYS C 200 -0.01 34.02 29.40
C LYS C 200 1.30 33.93 28.60
N PHE C 201 1.36 33.02 27.62
CA PHE C 201 2.61 32.64 26.97
C PHE C 201 3.38 33.86 26.45
N ASN C 202 2.71 34.77 25.75
CA ASN C 202 3.31 35.91 25.06
C ASN C 202 4.29 35.50 23.97
N GLY C 203 4.45 34.20 23.70
CA GLY C 203 5.35 33.74 22.68
C GLY C 203 6.79 33.56 23.12
N THR C 204 7.15 33.97 24.33
CA THR C 204 8.53 33.93 24.76
C THR C 204 8.58 33.44 26.21
N GLY C 205 9.72 32.87 26.58
CA GLY C 205 9.95 32.43 27.93
C GLY C 205 9.42 31.03 28.19
N PRO C 206 9.58 30.55 29.42
CA PRO C 206 9.11 29.19 29.75
C PRO C 206 7.61 29.07 29.59
N CYS C 207 7.17 27.88 29.20
CA CYS C 207 5.76 27.58 29.00
C CYS C 207 5.33 26.48 29.96
N PRO C 208 4.26 26.67 30.73
CA PRO C 208 3.87 25.63 31.69
C PRO C 208 3.49 24.30 31.05
N SER C 209 2.57 24.32 30.09
CA SER C 209 2.05 23.10 29.48
C SER C 209 2.39 23.08 28.01
N VAL C 210 2.98 21.97 27.55
CA VAL C 210 3.36 21.80 26.16
C VAL C 210 2.80 20.47 25.66
N SER C 211 2.70 20.34 24.35
CA SER C 211 2.17 19.15 23.73
C SER C 211 2.88 18.88 22.41
N THR C 212 2.88 17.62 21.99
CA THR C 212 3.46 17.21 20.72
C THR C 212 2.31 16.94 19.74
N VAL C 213 2.35 17.58 18.59
CA VAL C 213 1.28 17.48 17.60
C VAL C 213 1.89 17.24 16.24
N GLN C 214 1.27 16.36 15.45
CA GLN C 214 1.80 16.04 14.14
C GLN C 214 1.60 17.18 13.14
N CYS C 215 0.41 17.77 13.13
CA CYS C 215 0.07 18.82 12.18
C CYS C 215 -0.48 20.02 12.95
N THR C 216 0.02 21.21 12.62
CA THR C 216 -0.42 22.42 13.30
C THR C 216 -1.90 22.67 13.04
N HIS C 217 -2.50 23.47 13.91
CA HIS C 217 -3.88 23.88 13.70
C HIS C 217 -3.97 24.76 12.46
N GLY C 218 -5.16 24.81 11.88
CA GLY C 218 -5.36 25.54 10.63
C GLY C 218 -4.89 26.97 10.70
N ILE C 219 -4.03 27.35 9.76
CA ILE C 219 -3.49 28.71 9.68
C ILE C 219 -4.19 29.43 8.54
N LYS C 220 -4.65 30.64 8.80
CA LYS C 220 -5.30 31.42 7.77
C LYS C 220 -4.29 32.37 7.14
N PRO C 221 -3.84 32.13 5.90
CA PRO C 221 -2.95 33.08 5.25
C PRO C 221 -3.73 34.28 4.77
N VAL C 222 -3.61 35.40 5.48
CA VAL C 222 -4.42 36.59 5.25
C VAL C 222 -3.51 37.78 5.06
N VAL C 223 -3.77 38.56 4.01
CA VAL C 223 -3.00 39.76 3.75
C VAL C 223 -3.66 40.91 4.51
N SER C 224 -2.91 41.52 5.43
CA SER C 224 -3.43 42.59 6.26
C SER C 224 -2.28 43.39 6.84
N THR C 225 -2.36 44.72 6.73
CA THR C 225 -1.33 45.62 7.23
C THR C 225 -1.92 46.47 8.34
N GLN C 226 -1.15 46.68 9.42
CA GLN C 226 -1.56 47.43 10.59
C GLN C 226 -2.84 46.88 11.21
N LEU C 227 -3.16 45.61 10.94
CA LEU C 227 -4.41 45.00 11.35
C LEU C 227 -4.35 43.53 10.97
N LEU C 228 -5.12 42.71 11.67
CA LEU C 228 -5.30 41.30 11.32
C LEU C 228 -6.78 41.00 11.12
N LEU C 229 -7.07 40.23 10.07
CA LEU C 229 -8.43 39.84 9.72
C LEU C 229 -8.58 38.34 9.88
N ASN C 230 -9.73 37.91 10.38
CA ASN C 230 -10.17 36.52 10.47
C ASN C 230 -9.14 35.58 11.06
N GLY C 231 -8.21 36.09 11.89
CA GLY C 231 -7.25 35.23 12.53
C GLY C 231 -7.86 34.43 13.67
N SER C 232 -6.99 33.78 14.44
CA SER C 232 -7.45 32.93 15.52
C SER C 232 -7.80 33.76 16.75
N LEU C 233 -8.90 33.38 17.41
CA LEU C 233 -9.31 34.05 18.63
C LEU C 233 -8.28 33.83 19.73
N ALA C 234 -8.06 34.87 20.53
CA ALA C 234 -7.04 34.84 21.56
C ALA C 234 -7.66 34.65 22.93
N GLU C 235 -6.82 34.63 23.96
CA GLU C 235 -7.28 34.43 25.33
C GLU C 235 -8.05 35.65 25.82
N GLU C 236 -8.88 35.43 26.85
CA GLU C 236 -9.72 36.50 27.39
C GLU C 236 -8.89 37.70 27.84
N GLU C 237 -7.66 37.47 28.29
CA GLU C 237 -6.73 38.56 28.52
C GLU C 237 -6.03 38.91 27.22
N VAL C 238 -5.71 40.19 27.04
CA VAL C 238 -5.12 40.64 25.79
C VAL C 238 -3.60 40.53 25.86
N MET C 239 -3.00 39.88 24.85
CA MET C 239 -1.56 39.72 24.75
C MET C 239 -0.95 40.78 23.84
N ILE C 240 0.17 41.36 24.29
CA ILE C 240 1.06 42.16 23.45
C ILE C 240 2.40 41.43 23.42
N ARG C 241 2.98 41.35 22.23
CA ARG C 241 4.24 40.66 22.02
C ARG C 241 5.18 41.56 21.24
N SER C 242 6.45 41.54 21.62
CA SER C 242 7.48 42.36 21.00
C SER C 242 8.84 41.77 21.30
N GLU C 243 9.74 41.84 20.30
CA GLU C 243 11.08 41.30 20.49
C GLU C 243 11.83 42.07 21.56
N ASN C 244 11.68 43.40 21.57
CA ASN C 244 12.30 44.25 22.57
C ASN C 244 11.33 45.38 22.89
N ILE C 245 10.74 45.31 24.09
CA ILE C 245 9.71 46.28 24.46
C ILE C 245 10.26 47.70 24.44
N THR C 246 11.50 47.88 24.91
CA THR C 246 12.10 49.20 24.92
C THR C 246 12.41 49.68 23.51
N ASN C 247 12.79 48.76 22.62
CA ASN C 247 13.20 49.15 21.27
C ASN C 247 12.02 49.71 20.49
N ASN C 248 12.24 50.86 19.85
CA ASN C 248 11.22 51.41 18.96
C ASN C 248 11.17 50.68 17.63
N ALA C 249 12.32 50.12 17.20
CA ALA C 249 12.36 49.42 15.93
C ALA C 249 11.49 48.17 15.96
N LYS C 250 11.51 47.43 17.06
CA LYS C 250 10.70 46.23 17.18
C LYS C 250 9.23 46.58 17.26
N ASN C 251 8.41 45.91 16.46
CA ASN C 251 6.98 46.16 16.42
C ASN C 251 6.30 45.60 17.67
N ILE C 252 5.13 46.16 17.97
CA ILE C 252 4.26 45.65 19.04
C ILE C 252 3.05 45.02 18.37
N LEU C 253 2.78 43.75 18.70
CA LEU C 253 1.65 43.02 18.14
C LEU C 253 0.67 42.70 19.25
N VAL C 254 -0.61 43.01 19.05
CA VAL C 254 -1.61 42.83 20.10
C VAL C 254 -2.74 41.98 19.54
N GLN C 255 -3.20 41.03 20.35
CA GLN C 255 -4.30 40.13 19.98
C GLN C 255 -5.45 40.32 20.94
N PHE C 256 -6.59 40.77 20.42
CA PHE C 256 -7.77 40.98 21.27
C PHE C 256 -8.38 39.66 21.70
N ASN C 257 -9.04 39.69 22.87
CA ASN C 257 -9.73 38.52 23.37
C ASN C 257 -10.91 38.14 22.50
N THR C 258 -11.70 39.12 22.07
CA THR C 258 -12.95 38.88 21.38
C THR C 258 -12.91 39.44 19.98
N PRO C 259 -13.25 38.65 18.96
CA PRO C 259 -13.25 39.18 17.59
C PRO C 259 -14.24 40.32 17.45
N VAL C 260 -13.87 41.30 16.63
CA VAL C 260 -14.70 42.47 16.35
C VAL C 260 -15.04 42.44 14.88
N GLN C 261 -16.31 42.73 14.55
CA GLN C 261 -16.75 42.63 13.17
C GLN C 261 -16.09 43.68 12.30
N ILE C 262 -15.48 43.23 11.21
CA ILE C 262 -15.01 44.12 10.16
C ILE C 262 -15.56 43.63 8.82
N ASN C 263 -16.71 44.17 8.42
CA ASN C 263 -17.25 43.88 7.11
C ASN C 263 -17.32 45.17 6.30
N CYS C 264 -16.70 45.14 5.13
CA CYS C 264 -16.61 46.26 4.22
C CYS C 264 -17.26 45.88 2.90
N THR C 265 -18.06 46.79 2.35
CA THR C 265 -18.70 46.54 1.08
C THR C 265 -18.34 47.62 0.08
N ARG C 266 -18.10 47.18 -1.16
CA ARG C 266 -17.92 48.05 -2.31
C ARG C 266 -19.09 47.84 -3.25
N PRO C 267 -20.06 48.76 -3.28
CA PRO C 267 -21.22 48.59 -4.17
C PRO C 267 -20.88 48.97 -5.60
N ASN C 268 -20.28 48.04 -6.33
CA ASN C 268 -19.78 48.33 -7.67
C ASN C 268 -20.39 47.33 -8.66
N ASN C 269 -21.01 47.86 -9.72
CA ASN C 269 -21.54 47.02 -10.79
C ASN C 269 -20.62 47.16 -11.99
N ASN C 270 -19.59 46.30 -12.02
CA ASN C 270 -18.62 46.31 -13.09
C ASN C 270 -18.88 45.17 -14.08
N THR C 271 -18.31 45.30 -15.27
CA THR C 271 -18.36 44.26 -16.29
C THR C 271 -16.92 43.93 -16.69
N ARG C 272 -16.78 43.00 -17.64
CA ARG C 272 -15.46 42.47 -17.96
C ARG C 272 -15.41 42.17 -19.45
N LYS C 273 -14.28 42.51 -20.09
CA LYS C 273 -14.19 42.55 -21.55
C LYS C 273 -13.17 41.53 -22.04
N SER C 274 -13.41 41.01 -23.25
CA SER C 274 -12.46 40.09 -23.91
C SER C 274 -11.69 40.83 -25.00
N ILE C 275 -10.58 41.44 -24.59
CA ILE C 275 -9.69 42.18 -25.48
C ILE C 275 -8.50 41.28 -25.81
N ARG C 276 -8.27 41.03 -27.10
CA ARG C 276 -7.18 40.16 -27.50
C ARG C 276 -5.84 40.83 -27.29
N ILE C 277 -4.83 40.02 -26.96
CA ILE C 277 -3.46 40.50 -26.75
C ILE C 277 -2.93 41.22 -27.99
N GLN C 281 -5.15 33.49 -26.85
CA GLN C 281 -4.58 34.83 -26.81
C GLN C 281 -5.67 35.85 -26.52
N TRP C 282 -6.77 35.36 -25.94
CA TRP C 282 -7.90 36.21 -25.57
C TRP C 282 -7.63 36.79 -24.18
N PHE C 283 -7.19 38.05 -24.13
CA PHE C 283 -6.90 38.68 -22.85
C PHE C 283 -8.19 39.27 -22.30
N TYR C 284 -8.31 39.33 -20.98
CA TYR C 284 -9.60 39.57 -20.37
C TYR C 284 -9.43 40.65 -19.31
N ALA C 285 -10.07 41.80 -19.52
CA ALA C 285 -9.79 43.04 -18.82
C ALA C 285 -11.06 43.64 -18.23
N THR C 286 -10.93 44.85 -17.70
CA THR C 286 -12.05 45.58 -17.13
C THR C 286 -13.09 45.92 -18.21
N GLY C 287 -14.36 45.82 -17.85
CA GLY C 287 -15.45 46.17 -18.74
C GLY C 287 -16.11 47.48 -18.39
N ASP C 288 -17.21 47.76 -19.07
CA ASP C 288 -17.95 48.99 -18.84
C ASP C 288 -18.60 48.97 -17.47
N ILE C 289 -18.99 50.16 -17.00
CA ILE C 289 -19.57 50.32 -15.67
C ILE C 289 -21.02 50.75 -15.81
N ILE C 290 -21.90 50.15 -15.01
CA ILE C 290 -23.29 50.57 -14.86
C ILE C 290 -23.50 50.97 -13.41
N GLY C 291 -24.23 52.06 -13.19
CA GLY C 291 -24.46 52.54 -11.85
C GLY C 291 -23.39 53.52 -11.38
N ASP C 292 -23.48 53.86 -10.10
CA ASP C 292 -22.59 54.84 -9.48
C ASP C 292 -21.62 54.11 -8.56
N ILE C 293 -20.37 54.57 -8.54
CA ILE C 293 -19.33 53.97 -7.72
C ILE C 293 -19.43 54.48 -6.29
N ARG C 294 -19.13 53.60 -5.33
CA ARG C 294 -18.99 53.98 -3.94
C ARG C 294 -17.70 53.41 -3.36
N GLN C 295 -17.03 54.23 -2.57
CA GLN C 295 -15.88 53.75 -1.80
C GLN C 295 -16.34 52.68 -0.83
N ALA C 296 -15.58 51.58 -0.76
CA ALA C 296 -15.97 50.47 0.11
C ALA C 296 -16.03 50.94 1.55
N HIS C 297 -17.24 51.00 2.09
CA HIS C 297 -17.46 51.43 3.47
C HIS C 297 -17.46 50.20 4.36
N CYS C 298 -16.73 50.28 5.47
CA CYS C 298 -16.61 49.18 6.42
C CYS C 298 -17.31 49.56 7.70
N ASN C 299 -18.07 48.62 8.26
CA ASN C 299 -18.85 48.86 9.47
C ASN C 299 -18.20 48.17 10.65
N VAL C 300 -17.94 48.92 11.71
CA VAL C 300 -17.36 48.40 12.95
C VAL C 300 -18.17 48.94 14.12
N SER C 301 -18.42 48.09 15.11
CA SER C 301 -19.15 48.53 16.30
C SER C 301 -18.24 49.35 17.20
N LYS C 302 -18.64 50.60 17.44
CA LYS C 302 -17.79 51.53 18.19
C LYS C 302 -17.62 51.08 19.64
N ALA C 303 -18.68 50.53 20.24
CA ALA C 303 -18.62 50.16 21.64
C ALA C 303 -17.62 49.04 21.89
N THR C 304 -17.71 47.97 21.10
CA THR C 304 -16.82 46.83 21.32
C THR C 304 -15.38 47.16 20.92
N TRP C 305 -15.22 48.01 19.90
CA TRP C 305 -13.88 48.45 19.51
C TRP C 305 -13.25 49.29 20.62
N ASN C 306 -14.04 50.20 21.21
CA ASN C 306 -13.55 51.00 22.33
C ASN C 306 -13.21 50.12 23.53
N GLU C 307 -14.05 49.11 23.82
CA GLU C 307 -13.78 48.26 24.98
C GLU C 307 -12.56 47.38 24.75
N THR C 308 -12.37 46.89 23.52
CA THR C 308 -11.19 46.10 23.23
C THR C 308 -9.93 46.94 23.37
N LEU C 309 -9.94 48.16 22.84
CA LEU C 309 -8.76 49.01 23.02
C LEU C 309 -8.63 49.51 24.45
N GLY C 310 -9.72 49.50 25.21
CA GLY C 310 -9.59 49.78 26.64
C GLY C 310 -8.82 48.69 27.36
N LYS C 311 -9.15 47.42 27.07
CA LYS C 311 -8.32 46.32 27.55
C LYS C 311 -6.89 46.47 27.04
N VAL C 312 -6.74 46.90 25.79
CA VAL C 312 -5.43 47.04 25.18
C VAL C 312 -4.60 48.08 25.94
N VAL C 313 -5.20 49.22 26.28
CA VAL C 313 -4.46 50.27 26.96
C VAL C 313 -4.22 49.89 28.41
N LYS C 314 -5.10 49.07 29.00
CA LYS C 314 -4.81 48.52 30.33
C LYS C 314 -3.55 47.68 30.29
N GLN C 315 -3.46 46.77 29.32
CA GLN C 315 -2.28 45.92 29.21
C GLN C 315 -1.05 46.73 28.82
N LEU C 316 -1.23 47.76 28.00
CA LEU C 316 -0.12 48.64 27.64
C LEU C 316 0.38 49.42 28.85
N ARG C 317 -0.54 49.81 29.74
CA ARG C 317 -0.13 50.42 31.01
C ARG C 317 0.66 49.42 31.85
N LYS C 318 0.23 48.15 31.85
CA LYS C 318 1.03 47.12 32.52
C LYS C 318 2.44 47.08 31.97
N HIS C 319 2.56 47.11 30.64
CA HIS C 319 3.88 46.95 30.01
C HIS C 319 4.75 48.19 30.19
N PHE C 320 4.17 49.39 30.13
CA PHE C 320 4.94 50.62 30.09
C PHE C 320 4.73 51.51 31.31
N GLY C 321 4.05 51.01 32.34
CA GLY C 321 3.81 51.84 33.51
C GLY C 321 2.41 52.44 33.53
N ASN C 322 1.64 52.15 34.58
CA ASN C 322 0.27 52.62 34.63
C ASN C 322 0.20 54.14 34.72
N ASN C 323 1.18 54.76 35.39
CA ASN C 323 1.16 56.21 35.55
C ASN C 323 1.36 56.92 34.21
N THR C 324 2.11 56.31 33.30
CA THR C 324 2.38 56.94 32.01
C THR C 324 1.11 57.05 31.19
N ILE C 325 0.94 58.20 30.53
CA ILE C 325 -0.24 58.46 29.72
C ILE C 325 0.03 57.99 28.29
N ILE C 326 -0.91 57.21 27.74
CA ILE C 326 -0.73 56.54 26.46
C ILE C 326 -1.69 57.15 25.44
N ARG C 327 -1.20 57.38 24.23
CA ARG C 327 -1.97 57.99 23.17
C ARG C 327 -1.88 57.14 21.90
N PHE C 328 -2.77 57.43 20.96
CA PHE C 328 -2.78 56.79 19.66
C PHE C 328 -2.83 57.85 18.56
N ALA C 329 -2.24 57.54 17.42
CA ALA C 329 -2.22 58.46 16.28
C ALA C 329 -2.50 57.71 15.00
N ASN C 330 -2.63 58.46 13.92
CA ASN C 330 -2.89 57.89 12.61
C ASN C 330 -1.63 57.23 12.05
N SER C 331 -1.72 56.79 10.80
CA SER C 331 -0.58 56.15 10.13
C SER C 331 0.59 57.12 10.04
N SER C 332 1.80 56.61 10.27
CA SER C 332 2.98 57.45 10.26
C SER C 332 3.25 58.02 8.87
N GLY C 333 3.29 57.17 7.87
CA GLY C 333 3.62 57.57 6.52
C GLY C 333 4.77 56.75 5.96
N GLY C 334 5.12 57.07 4.71
CA GLY C 334 6.16 56.35 4.01
C GLY C 334 5.70 55.85 2.66
N ARG C 335 6.07 54.63 2.31
CA ARG C 335 5.57 54.03 1.09
C ARG C 335 4.07 53.81 1.19
N LEU C 336 3.35 54.20 0.12
CA LEU C 336 1.90 54.25 0.17
C LEU C 336 1.30 52.92 0.62
N GLU C 337 1.91 51.80 0.20
CA GLU C 337 1.34 50.50 0.53
C GLU C 337 1.38 50.23 2.04
N VAL C 338 2.48 50.60 2.70
CA VAL C 338 2.62 50.26 4.11
C VAL C 338 1.88 51.26 4.98
N THR C 339 1.63 52.47 4.47
CA THR C 339 0.90 53.46 5.24
C THR C 339 -0.53 52.99 5.53
N THR C 340 -1.21 52.46 4.53
CA THR C 340 -2.60 52.07 4.64
C THR C 340 -2.72 50.59 4.95
N HIS C 341 -3.83 50.23 5.60
CA HIS C 341 -4.14 48.82 5.77
C HIS C 341 -4.47 48.22 4.41
N SER C 342 -3.79 47.14 4.06
CA SER C 342 -3.98 46.52 2.75
C SER C 342 -4.65 45.16 2.95
N PHE C 343 -5.79 44.95 2.29
CA PHE C 343 -6.43 43.64 2.41
C PHE C 343 -7.14 43.31 1.12
N ASN C 344 -7.55 42.04 1.01
CA ASN C 344 -8.16 41.50 -0.20
C ASN C 344 -9.48 40.80 0.11
N CYS C 345 -10.47 41.02 -0.73
CA CYS C 345 -11.72 40.27 -0.69
C CYS C 345 -12.22 40.07 -2.12
N GLY C 346 -12.66 38.85 -2.43
CA GLY C 346 -13.09 38.54 -3.77
C GLY C 346 -12.02 38.74 -4.82
N GLY C 347 -10.75 38.63 -4.44
CA GLY C 347 -9.66 38.89 -5.37
C GLY C 347 -9.39 40.35 -5.61
N GLU C 348 -10.09 41.25 -4.91
CA GLU C 348 -9.96 42.69 -5.08
C GLU C 348 -9.38 43.32 -3.82
N PHE C 349 -8.35 44.13 -4.01
CA PHE C 349 -7.58 44.68 -2.90
C PHE C 349 -8.05 46.08 -2.57
N PHE C 350 -8.45 46.24 -1.31
CA PHE C 350 -8.88 47.51 -0.78
C PHE C 350 -7.85 47.98 0.24
N TYR C 351 -7.46 49.25 0.10
CA TYR C 351 -6.53 49.90 1.00
C TYR C 351 -7.33 50.81 1.90
N CYS C 352 -7.51 50.38 3.15
CA CYS C 352 -8.19 51.14 4.19
C CYS C 352 -7.14 52.03 4.85
N ASN C 353 -7.02 53.25 4.30
CA ASN C 353 -6.24 54.30 4.94
C ASN C 353 -7.16 55.18 5.78
N THR C 354 -7.93 54.50 6.64
CA THR C 354 -8.87 55.19 7.53
C THR C 354 -8.12 55.69 8.75
N SER C 355 -7.33 56.74 8.53
CA SER C 355 -6.43 57.25 9.55
C SER C 355 -7.16 57.63 10.83
N GLY C 356 -8.44 57.97 10.73
CA GLY C 356 -9.22 58.25 11.92
C GLY C 356 -9.39 57.05 12.81
N LEU C 357 -9.50 55.85 12.22
CA LEU C 357 -9.75 54.65 13.01
C LEU C 357 -8.59 54.33 13.92
N PHE C 358 -7.36 54.28 13.38
CA PHE C 358 -6.20 53.95 14.20
C PHE C 358 -5.92 55.04 15.22
N ASN C 359 -6.21 56.29 14.87
CA ASN C 359 -6.00 57.41 15.78
C ASN C 359 -7.07 57.42 16.85
N SER C 360 -6.68 57.08 18.10
CA SER C 360 -7.58 57.14 19.24
C SER C 360 -6.83 57.81 20.40
N THR C 361 -6.90 59.13 20.45
CA THR C 361 -6.24 59.87 21.52
C THR C 361 -6.96 59.66 22.83
N TRP C 362 -6.20 59.31 23.87
CA TRP C 362 -6.78 58.98 25.16
C TRP C 362 -5.78 59.32 26.26
N ILE C 363 -6.25 59.25 27.50
CA ILE C 363 -5.42 59.41 28.68
C ILE C 363 -5.34 58.05 29.37
N SER C 364 -4.11 57.59 29.63
CA SER C 364 -3.90 56.30 30.25
C SER C 364 -2.72 56.33 31.22
N ILE C 380 -18.76 52.64 13.63
CA ILE C 380 -19.35 53.49 12.61
C ILE C 380 -18.76 53.16 11.24
N THR C 381 -19.39 53.67 10.19
CA THR C 381 -18.90 53.45 8.84
C THR C 381 -17.56 54.16 8.64
N LEU C 382 -16.68 53.53 7.85
CA LEU C 382 -15.35 54.07 7.58
C LEU C 382 -15.02 53.86 6.11
N PRO C 383 -14.58 54.89 5.40
CA PRO C 383 -14.34 54.73 3.95
C PRO C 383 -12.94 54.23 3.66
N CYS C 384 -12.79 53.61 2.49
CA CYS C 384 -11.52 53.02 2.08
C CYS C 384 -11.41 53.09 0.56
N ARG C 385 -10.17 53.00 0.07
CA ARG C 385 -9.92 53.00 -1.36
C ARG C 385 -9.67 51.58 -1.84
N ILE C 386 -9.51 51.42 -3.15
CA ILE C 386 -9.14 50.14 -3.74
C ILE C 386 -7.99 50.39 -4.72
N LYS C 387 -7.26 49.33 -5.04
CA LYS C 387 -6.18 49.43 -6.03
C LYS C 387 -6.19 48.21 -6.94
N GLN C 388 -5.82 48.43 -8.20
CA GLN C 388 -5.71 47.36 -9.19
C GLN C 388 -4.27 46.93 -9.47
N ILE C 389 -3.29 47.84 -9.34
CA ILE C 389 -1.87 47.51 -9.46
C ILE C 389 -1.41 46.94 -8.13
N ILE C 390 -0.30 46.18 -8.16
CA ILE C 390 -0.02 45.23 -7.09
C ILE C 390 1.46 45.24 -6.73
N ASN C 391 1.75 45.27 -5.43
CA ASN C 391 3.08 44.94 -4.90
C ASN C 391 2.88 44.01 -3.69
N MET C 392 2.76 42.71 -3.93
CA MET C 392 2.48 41.78 -2.85
C MET C 392 3.78 41.21 -2.30
N TRP C 393 3.78 40.91 -1.00
CA TRP C 393 4.99 40.50 -0.27
C TRP C 393 6.14 41.48 -0.46
N GLN C 394 5.82 42.71 -0.85
CA GLN C 394 6.81 43.78 -1.04
C GLN C 394 7.94 43.33 -1.97
N ARG C 395 7.57 42.68 -3.07
CA ARG C 395 8.54 42.20 -4.05
C ARG C 395 8.81 43.27 -5.10
N ILE C 396 10.10 43.47 -5.39
CA ILE C 396 10.51 44.45 -6.40
C ILE C 396 10.37 43.92 -7.81
N GLY C 397 10.04 42.65 -7.98
CA GLY C 397 9.94 42.06 -9.30
C GLY C 397 8.67 42.45 -10.02
N GLN C 398 8.11 41.48 -10.74
CA GLN C 398 6.91 41.74 -11.54
C GLN C 398 5.74 42.14 -10.66
N ALA C 399 4.86 42.96 -11.20
CA ALA C 399 3.64 43.39 -10.52
C ALA C 399 2.44 42.79 -11.26
N MET C 400 1.74 41.87 -10.62
CA MET C 400 0.58 41.29 -11.27
C MET C 400 -0.58 42.28 -11.18
N TYR C 401 -1.59 42.08 -12.02
CA TYR C 401 -2.69 43.03 -12.15
C TYR C 401 -3.98 42.28 -11.97
N ALA C 402 -4.82 42.74 -11.03
CA ALA C 402 -6.09 42.08 -10.74
C ALA C 402 -7.23 42.90 -11.29
N PRO C 403 -7.88 42.45 -12.36
CA PRO C 403 -9.04 43.19 -12.88
C PRO C 403 -10.25 42.98 -11.99
N PRO C 404 -11.22 43.90 -12.02
CA PRO C 404 -12.34 43.83 -11.07
C PRO C 404 -13.27 42.66 -11.36
N ILE C 405 -13.98 42.25 -10.32
CA ILE C 405 -15.00 41.20 -10.42
C ILE C 405 -16.37 41.87 -10.55
N GLN C 406 -17.21 41.31 -11.41
CA GLN C 406 -18.53 41.87 -11.63
C GLN C 406 -19.41 41.69 -10.39
N GLY C 407 -20.18 42.73 -10.08
CA GLY C 407 -21.11 42.70 -8.96
C GLY C 407 -20.53 43.32 -7.70
N VAL C 408 -21.44 43.60 -6.76
CA VAL C 408 -21.04 44.17 -5.48
C VAL C 408 -20.06 43.23 -4.79
N ILE C 409 -19.13 43.81 -4.03
CA ILE C 409 -18.18 43.03 -3.24
C ILE C 409 -18.48 43.25 -1.77
N ARG C 410 -18.94 42.19 -1.10
CA ARG C 410 -19.17 42.22 0.34
C ARG C 410 -18.15 41.34 1.02
N CYS C 411 -17.43 41.92 2.00
CA CYS C 411 -16.40 41.22 2.74
C CYS C 411 -16.78 41.25 4.21
N VAL C 412 -16.93 40.07 4.82
CA VAL C 412 -17.27 39.96 6.23
C VAL C 412 -16.14 39.22 6.94
N SER C 413 -15.67 39.78 8.04
CA SER C 413 -14.52 39.21 8.75
C SER C 413 -14.52 39.76 10.17
N ASN C 414 -13.70 39.14 11.01
CA ASN C 414 -13.59 39.49 12.42
C ASN C 414 -12.19 40.03 12.69
N ILE C 415 -12.10 41.18 13.36
CA ILE C 415 -10.80 41.70 13.72
C ILE C 415 -10.22 40.85 14.84
N THR C 416 -9.02 40.32 14.61
CA THR C 416 -8.40 39.44 15.60
C THR C 416 -7.06 39.95 16.12
N GLY C 417 -6.48 40.98 15.52
CA GLY C 417 -5.21 41.49 15.98
C GLY C 417 -4.95 42.86 15.40
N LEU C 418 -3.83 43.44 15.84
CA LEU C 418 -3.44 44.77 15.38
C LEU C 418 -1.96 45.01 15.69
N ILE C 419 -1.29 45.76 14.82
CA ILE C 419 0.14 46.01 14.94
C ILE C 419 0.37 47.52 15.00
N LEU C 420 1.22 47.93 15.95
CA LEU C 420 1.65 49.31 16.08
C LEU C 420 3.17 49.36 16.14
N THR C 421 3.70 50.58 16.12
CA THR C 421 5.13 50.83 16.31
C THR C 421 5.29 52.00 17.26
N ARG C 422 5.96 51.75 18.39
CA ARG C 422 6.08 52.76 19.42
C ARG C 422 6.99 53.89 18.95
N ASP C 423 6.63 55.11 19.35
CA ASP C 423 7.42 56.29 19.02
C ASP C 423 8.64 56.37 19.93
N GLY C 424 9.74 56.85 19.35
CA GLY C 424 10.95 57.00 20.13
C GLY C 424 10.76 58.01 21.25
N GLY C 425 11.29 57.67 22.43
CA GLY C 425 11.17 58.53 23.59
C GLY C 425 12.51 58.88 24.24
N THR C 427 8.02 63.41 25.30
CA THR C 427 7.17 62.26 25.01
C THR C 427 7.53 61.08 25.92
N ASN C 428 8.40 61.33 26.89
CA ASN C 428 8.82 60.33 27.87
C ASN C 428 7.92 60.47 29.09
N SER C 429 7.09 59.45 29.33
CA SER C 429 6.17 59.34 30.45
C SER C 429 5.02 60.34 30.39
N THR C 430 5.00 61.22 29.39
CA THR C 430 3.92 62.18 29.22
C THR C 430 2.89 61.71 28.21
N THR C 431 3.34 61.30 27.02
CA THR C 431 2.46 60.71 26.02
C THR C 431 3.22 59.59 25.32
N GLU C 432 2.56 58.45 25.16
CA GLU C 432 3.13 57.28 24.47
C GLU C 432 2.29 57.02 23.23
N THR C 433 2.64 57.70 22.14
CA THR C 433 1.91 57.50 20.89
C THR C 433 2.31 56.18 20.26
N PHE C 434 1.32 55.37 19.92
CA PHE C 434 1.53 54.07 19.29
C PHE C 434 0.92 54.11 17.89
N ARG C 435 1.71 54.58 16.93
CA ARG C 435 1.23 54.70 15.57
C ARG C 435 1.16 53.32 14.93
N PRO C 436 0.18 53.08 14.04
CA PRO C 436 0.08 51.76 13.42
C PRO C 436 1.25 51.48 12.50
N GLY C 437 1.96 50.40 12.78
CA GLY C 437 3.11 50.01 11.97
C GLY C 437 2.92 48.63 11.39
N GLY C 438 3.48 48.42 10.20
CA GLY C 438 3.37 47.14 9.53
C GLY C 438 4.18 47.09 8.25
N GLY C 439 3.63 46.46 7.22
CA GLY C 439 4.27 46.37 5.93
C GLY C 439 5.18 45.17 5.75
N ASP C 440 5.59 44.54 6.84
CA ASP C 440 6.38 43.32 6.79
C ASP C 440 5.44 42.14 6.95
N MET C 441 5.34 41.31 5.91
CA MET C 441 4.36 40.24 5.93
C MET C 441 4.79 39.10 6.84
N ARG C 442 6.00 39.19 7.39
CA ARG C 442 6.49 38.17 8.32
C ARG C 442 5.62 38.10 9.57
N ASP C 443 5.15 39.26 10.07
CA ASP C 443 4.49 39.28 11.37
C ASP C 443 3.09 38.68 11.29
N ASN C 444 2.44 38.73 10.12
CA ASN C 444 1.07 38.25 10.02
C ASN C 444 1.02 36.74 10.24
N TRP C 445 1.86 35.99 9.53
CA TRP C 445 1.97 34.57 9.81
C TRP C 445 2.64 34.33 11.16
N ARG C 446 3.51 35.25 11.58
CA ARG C 446 4.18 35.11 12.86
C ARG C 446 3.17 35.13 14.01
N SER C 447 2.17 35.99 13.92
CA SER C 447 1.18 36.11 15.00
C SER C 447 0.38 34.82 15.15
N GLU C 448 0.03 34.18 14.04
CA GLU C 448 -0.91 33.06 14.08
C GLU C 448 -0.31 31.83 14.77
N LEU C 449 1.01 31.64 14.64
CA LEU C 449 1.68 30.43 15.11
C LEU C 449 2.74 30.71 16.17
N TYR C 450 2.43 31.55 17.15
CA TYR C 450 3.40 31.88 18.19
C TYR C 450 3.74 30.68 19.05
N LYS C 451 2.89 29.66 19.07
CA LYS C 451 3.00 28.57 20.02
C LYS C 451 3.69 27.33 19.47
N TYR C 452 4.19 27.37 18.25
CA TYR C 452 4.64 26.17 17.56
C TYR C 452 6.16 26.20 17.35
N LYS C 453 6.79 25.04 17.48
CA LYS C 453 8.22 24.94 17.21
C LYS C 453 8.54 23.54 16.70
N VAL C 454 9.71 23.42 16.06
CA VAL C 454 10.18 22.16 15.50
C VAL C 454 11.25 21.59 16.42
N VAL C 455 11.24 20.26 16.57
CA VAL C 455 12.25 19.59 17.38
C VAL C 455 12.63 18.27 16.75
N LYS C 456 13.87 17.85 16.99
CA LYS C 456 14.37 16.52 16.67
C LYS C 456 14.71 15.80 17.96
N ILE C 457 14.73 14.46 17.90
CA ILE C 457 14.98 13.63 19.07
C ILE C 457 16.35 12.99 18.93
N GLU C 458 17.18 13.11 19.98
CA GLU C 458 18.51 12.54 20.00
C GLU C 458 18.66 11.69 21.27
N PRO C 459 18.05 10.52 21.31
CA PRO C 459 18.11 9.68 22.52
C PRO C 459 19.45 8.98 22.67
N LEU C 460 20.48 9.77 22.96
CA LEU C 460 21.83 9.24 23.10
C LEU C 460 22.53 9.90 24.28
N GLY C 461 21.82 10.02 25.40
CA GLY C 461 22.37 10.71 26.55
C GLY C 461 23.57 10.00 27.14
N VAL C 462 24.49 10.81 27.67
CA VAL C 462 25.67 10.32 28.37
C VAL C 462 25.70 11.00 29.74
N ALA C 463 25.88 10.21 30.79
CA ALA C 463 25.84 10.73 32.14
C ALA C 463 26.76 9.93 33.05
N PRO C 464 27.47 10.60 33.96
CA PRO C 464 28.54 9.95 34.74
C PRO C 464 28.00 9.14 35.92
N THR C 465 28.05 7.83 35.79
CA THR C 465 27.73 6.92 36.88
C THR C 465 28.91 5.99 37.13
N ARG C 466 29.06 5.55 38.37
CA ARG C 466 30.16 4.66 38.71
C ARG C 466 29.96 3.30 38.07
N CYS C 467 31.01 2.81 37.41
CA CYS C 467 30.98 1.49 36.79
C CYS C 467 32.40 1.06 36.46
N LYS C 468 32.70 -0.20 36.77
CA LYS C 468 34.03 -0.75 36.52
C LYS C 468 33.98 -1.88 35.51
N ARG C 469 33.10 -2.86 35.77
CA ARG C 469 32.91 -4.01 34.88
C ARG C 469 34.23 -4.75 34.68
N ARG C 470 34.80 -4.69 33.49
CA ARG C 470 36.04 -5.40 33.20
C ARG C 470 37.08 -4.48 32.57
N PHE D 8 14.78 -13.47 7.17
CA PHE D 8 14.89 -12.11 7.68
C PHE D 8 13.87 -11.86 8.79
N LEU D 9 12.78 -12.63 8.76
CA LEU D 9 11.73 -12.55 9.76
C LEU D 9 11.63 -13.82 10.58
N GLY D 10 11.49 -14.97 9.93
CA GLY D 10 11.33 -16.22 10.66
C GLY D 10 10.09 -16.26 11.51
N PHE D 11 9.03 -15.56 11.09
CA PHE D 11 7.83 -15.48 11.91
C PHE D 11 7.21 -16.85 12.11
N LEU D 12 6.98 -17.57 11.01
CA LEU D 12 6.41 -18.91 11.06
C LEU D 12 7.52 -19.92 10.80
N GLY D 13 7.22 -21.20 10.98
CA GLY D 13 8.22 -22.23 10.76
C GLY D 13 7.62 -23.61 10.60
N ALA D 14 8.29 -24.62 11.17
CA ALA D 14 7.79 -25.97 11.09
C ALA D 14 6.48 -26.10 11.87
N ALA D 15 5.72 -27.13 11.53
CA ALA D 15 4.43 -27.34 12.16
C ALA D 15 4.58 -28.19 13.42
N GLY D 16 3.45 -28.70 13.91
CA GLY D 16 3.45 -29.55 15.07
C GLY D 16 4.39 -30.73 14.93
N SER D 17 5.49 -30.70 15.66
CA SER D 17 6.53 -31.71 15.55
C SER D 17 7.31 -31.72 16.86
N THR D 18 8.23 -32.67 17.00
CA THR D 18 9.10 -32.70 18.17
C THR D 18 9.84 -31.37 18.27
N MET D 19 9.62 -30.65 19.38
CA MET D 19 10.15 -29.29 19.49
C MET D 19 11.67 -29.28 19.42
N GLY D 20 12.31 -30.38 19.82
CA GLY D 20 13.75 -30.45 19.72
C GLY D 20 14.25 -30.38 18.29
N ALA D 21 13.64 -31.18 17.40
CA ALA D 21 14.05 -31.16 16.00
C ALA D 21 13.81 -29.79 15.39
N ALA D 22 12.64 -29.19 15.66
CA ALA D 22 12.40 -27.83 15.21
C ALA D 22 13.44 -26.87 15.77
N SER D 23 14.00 -27.20 16.94
CA SER D 23 15.07 -26.40 17.53
C SER D 23 16.22 -26.21 16.55
N MET D 24 16.51 -27.22 15.74
CA MET D 24 17.54 -27.06 14.72
C MET D 24 17.01 -26.34 13.49
N THR D 25 15.76 -26.62 13.11
CA THR D 25 15.26 -26.19 11.81
C THR D 25 15.31 -24.68 11.67
N LEU D 26 15.00 -23.96 12.74
CA LEU D 26 14.97 -22.50 12.69
C LEU D 26 16.35 -21.94 12.32
N THR D 27 17.42 -22.58 12.80
CA THR D 27 18.76 -22.00 12.75
C THR D 27 19.13 -21.50 11.36
N VAL D 28 18.84 -22.29 10.33
CA VAL D 28 19.14 -21.92 8.96
C VAL D 28 17.86 -21.86 8.12
N GLN D 29 16.69 -21.76 8.76
CA GLN D 29 15.44 -21.83 8.01
C GLN D 29 15.32 -20.66 7.03
N ALA D 30 15.49 -19.44 7.52
CA ALA D 30 15.41 -18.24 6.70
C ALA D 30 16.54 -17.26 6.97
N ARG D 31 17.55 -17.67 7.73
CA ARG D 31 18.65 -16.78 8.10
C ARG D 31 19.91 -17.56 8.42
N ALA D 50 -0.93 -7.13 -15.37
CA ALA D 50 -0.96 -5.68 -15.50
C ALA D 50 -1.76 -5.04 -14.38
N GLN D 51 -1.74 -3.72 -14.32
CA GLN D 51 -2.46 -2.96 -13.30
C GLN D 51 -3.66 -2.28 -13.95
N GLN D 52 -4.85 -2.80 -13.66
CA GLN D 52 -6.08 -2.21 -14.21
C GLN D 52 -6.45 -0.93 -13.48
N HIS D 53 -6.51 -0.98 -12.15
CA HIS D 53 -6.83 0.19 -11.34
C HIS D 53 -5.74 0.37 -10.30
N LEU D 54 -5.13 1.56 -10.29
CA LEU D 54 -4.03 1.82 -9.38
C LEU D 54 -4.51 1.96 -7.94
N LEU D 55 -5.74 2.46 -7.74
CA LEU D 55 -6.22 2.69 -6.38
C LEU D 55 -6.35 1.39 -5.60
N LYS D 56 -6.62 0.28 -6.31
CA LYS D 56 -6.63 -1.02 -5.66
C LYS D 56 -5.22 -1.42 -5.22
N LEU D 57 -4.21 -1.05 -6.02
CA LEU D 57 -2.84 -1.42 -5.68
C LEU D 57 -2.30 -0.61 -4.52
N THR D 58 -2.52 0.71 -4.53
CA THR D 58 -1.90 1.56 -3.53
C THR D 58 -2.49 1.34 -2.15
N VAL D 59 -3.77 0.98 -2.07
CA VAL D 59 -4.39 0.79 -0.76
C VAL D 59 -4.17 -0.63 -0.26
N TRP D 60 -3.78 -1.54 -1.15
CA TRP D 60 -3.51 -2.91 -0.72
C TRP D 60 -2.03 -3.16 -0.54
N GLY D 61 -1.19 -2.59 -1.41
CA GLY D 61 0.24 -2.72 -1.22
C GLY D 61 0.70 -2.09 0.08
N ILE D 62 0.06 -0.98 0.47
CA ILE D 62 0.42 -0.32 1.71
C ILE D 62 0.14 -1.24 2.90
N LYS D 63 -0.88 -2.08 2.80
CA LYS D 63 -1.20 -2.97 3.91
C LYS D 63 -0.13 -4.05 4.09
N GLN D 64 0.31 -4.64 2.97
CA GLN D 64 1.37 -5.65 3.06
C GLN D 64 2.69 -5.01 3.49
N LEU D 65 2.94 -3.77 3.06
CA LEU D 65 4.12 -3.07 3.52
C LEU D 65 4.04 -2.79 5.02
N GLN D 66 2.85 -2.45 5.52
CA GLN D 66 2.66 -2.32 6.96
C GLN D 66 2.95 -3.63 7.66
N ALA D 67 2.52 -4.74 7.06
CA ALA D 67 2.81 -6.05 7.66
C ALA D 67 4.30 -6.30 7.76
N ARG D 68 5.04 -6.00 6.68
CA ARG D 68 6.48 -6.23 6.69
C ARG D 68 7.18 -5.35 7.73
N VAL D 69 6.82 -4.06 7.77
CA VAL D 69 7.50 -3.18 8.71
C VAL D 69 7.10 -3.53 10.15
N LEU D 70 5.86 -3.99 10.35
CA LEU D 70 5.47 -4.42 11.69
C LEU D 70 6.25 -5.65 12.12
N ALA D 71 6.47 -6.58 11.21
CA ALA D 71 7.29 -7.74 11.54
C ALA D 71 8.71 -7.32 11.86
N VAL D 72 9.26 -6.36 11.12
CA VAL D 72 10.62 -5.89 11.40
C VAL D 72 10.69 -5.24 12.77
N GLU D 73 9.71 -4.38 13.10
CA GLU D 73 9.70 -3.74 14.41
C GLU D 73 9.53 -4.77 15.52
N ARG D 74 8.70 -5.78 15.29
CA ARG D 74 8.54 -6.83 16.30
C ARG D 74 9.84 -7.58 16.51
N TYR D 75 10.57 -7.85 15.42
CA TYR D 75 11.86 -8.52 15.57
C TYR D 75 12.82 -7.65 16.36
N LEU D 76 12.85 -6.34 16.08
CA LEU D 76 13.73 -5.46 16.82
C LEU D 76 13.37 -5.41 18.30
N ARG D 77 12.08 -5.36 18.60
CA ARG D 77 11.65 -5.38 20.00
C ARG D 77 12.04 -6.69 20.67
N ASP D 78 11.90 -7.81 19.97
CA ASP D 78 12.29 -9.10 20.52
C ASP D 78 13.78 -9.14 20.82
N GLN D 79 14.59 -8.65 19.88
CA GLN D 79 16.03 -8.62 20.11
C GLN D 79 16.38 -7.69 21.27
N GLN D 80 15.67 -6.58 21.38
CA GLN D 80 15.91 -5.65 22.48
C GLN D 80 15.61 -6.31 23.82
N LEU D 81 14.50 -7.06 23.89
CA LEU D 81 14.15 -7.75 25.12
C LEU D 81 15.15 -8.85 25.44
N LEU D 82 15.61 -9.57 24.42
CA LEU D 82 16.65 -10.57 24.65
C LEU D 82 17.93 -9.91 25.14
N GLY D 83 18.23 -8.71 24.64
CA GLY D 83 19.40 -8.00 25.11
C GLY D 83 19.31 -7.58 26.56
N ILE D 84 18.14 -7.04 26.96
CA ILE D 84 18.00 -6.62 28.35
C ILE D 84 17.95 -7.85 29.25
N TRP D 85 17.59 -9.00 28.68
CA TRP D 85 17.82 -10.25 29.40
C TRP D 85 19.29 -10.65 29.47
N GLY D 86 20.16 -9.93 28.78
CA GLY D 86 21.59 -10.20 28.83
C GLY D 86 22.14 -10.98 27.66
N CYS D 87 21.31 -11.37 26.69
CA CYS D 87 21.78 -12.11 25.52
C CYS D 87 21.06 -11.55 24.29
N SER D 88 21.69 -10.55 23.66
CA SER D 88 21.18 -9.99 22.43
C SER D 88 21.72 -10.75 21.23
N GLY D 89 20.97 -10.73 20.15
CA GLY D 89 21.41 -11.37 18.92
C GLY D 89 21.33 -12.88 18.89
N LYS D 90 21.79 -13.54 19.95
CA LYS D 90 21.84 -14.99 19.97
C LYS D 90 20.44 -15.59 19.85
N LEU D 91 20.37 -16.74 19.18
CA LEU D 91 19.10 -17.44 18.99
C LEU D 91 18.83 -18.47 20.07
N ILE D 92 19.84 -19.15 20.58
CA ILE D 92 19.70 -20.12 21.67
C ILE D 92 20.45 -19.53 22.85
N CYS D 93 19.74 -18.79 23.71
CA CYS D 93 20.35 -18.09 24.83
C CYS D 93 20.18 -18.91 26.10
N CYS D 94 21.31 -19.22 26.76
CA CYS D 94 21.31 -19.85 28.06
C CYS D 94 21.92 -18.90 29.08
N THR D 95 21.31 -18.81 30.26
CA THR D 95 21.86 -18.07 31.38
C THR D 95 21.39 -18.76 32.66
N ASN D 96 21.94 -18.35 33.80
CA ASN D 96 21.66 -18.99 35.07
C ASN D 96 20.28 -18.54 35.55
N VAL D 97 19.32 -19.45 35.51
CA VAL D 97 17.97 -19.20 35.99
C VAL D 97 17.27 -20.55 36.18
N PRO D 98 16.63 -20.79 37.33
CA PRO D 98 16.14 -22.14 37.64
C PRO D 98 14.76 -22.44 37.07
N TRP D 99 14.54 -23.73 36.81
CA TRP D 99 13.25 -24.25 36.40
C TRP D 99 12.42 -24.53 37.64
N ASN D 100 11.50 -23.63 37.97
CA ASN D 100 10.68 -23.80 39.17
C ASN D 100 9.78 -25.01 39.03
N SER D 101 9.58 -25.72 40.15
CA SER D 101 8.82 -26.97 40.12
C SER D 101 7.34 -26.72 39.80
N SER D 102 6.80 -25.58 40.20
CA SER D 102 5.38 -25.30 40.00
C SER D 102 5.02 -25.04 38.55
N TRP D 103 6.00 -24.91 37.66
CA TRP D 103 5.74 -24.56 36.26
C TRP D 103 5.45 -25.82 35.44
N SER D 104 4.43 -26.56 35.86
CA SER D 104 4.00 -27.80 35.20
C SER D 104 5.18 -28.73 34.97
N ASN D 105 5.86 -29.09 36.05
CA ASN D 105 7.02 -29.96 35.95
C ASN D 105 6.63 -31.35 35.45
N ARG D 106 7.41 -31.86 34.50
CA ARG D 106 7.21 -33.19 33.97
C ARG D 106 8.55 -33.69 33.43
N ASN D 107 8.55 -34.91 32.92
CA ASN D 107 9.77 -35.49 32.37
C ASN D 107 10.21 -34.73 31.12
N LEU D 108 11.45 -34.26 31.13
CA LEU D 108 11.94 -33.43 30.01
C LEU D 108 11.97 -34.23 28.71
N SER D 109 12.36 -35.50 28.78
CA SER D 109 12.50 -36.30 27.57
C SER D 109 11.19 -36.35 26.79
N GLU D 110 10.07 -36.60 27.47
CA GLU D 110 8.80 -36.74 26.78
C GLU D 110 8.34 -35.43 26.16
N ILE D 111 8.60 -34.30 26.83
CA ILE D 111 8.32 -33.01 26.20
C ILE D 111 9.16 -32.86 24.93
N TRP D 112 10.39 -33.35 24.96
CA TRP D 112 11.22 -33.30 23.76
C TRP D 112 10.69 -34.21 22.65
N ASP D 113 10.16 -35.40 22.99
CA ASP D 113 9.72 -36.29 21.92
C ASP D 113 8.31 -35.96 21.43
N ASN D 114 7.31 -36.08 22.29
CA ASN D 114 5.93 -36.07 21.81
C ASN D 114 5.19 -34.78 22.13
N MET D 115 5.91 -33.65 22.12
CA MET D 115 5.31 -32.36 22.40
C MET D 115 5.79 -31.36 21.36
N THR D 116 4.90 -30.48 20.95
CA THR D 116 5.23 -29.43 19.98
C THR D 116 5.07 -28.06 20.61
N TRP D 117 5.62 -27.06 19.91
CA TRP D 117 5.59 -25.70 20.43
C TRP D 117 4.17 -25.19 20.60
N LEU D 118 3.29 -25.47 19.63
CA LEU D 118 1.91 -25.02 19.72
C LEU D 118 1.22 -25.61 20.94
N GLN D 119 1.31 -26.92 21.11
CA GLN D 119 0.66 -27.55 22.27
C GLN D 119 1.34 -27.17 23.57
N TRP D 120 2.66 -27.04 23.56
CA TRP D 120 3.38 -26.65 24.77
C TRP D 120 3.17 -25.20 25.14
N ASP D 121 2.66 -24.37 24.22
CA ASP D 121 2.39 -22.98 24.56
C ASP D 121 1.28 -22.86 25.59
N LYS D 122 0.31 -23.79 25.57
CA LYS D 122 -0.78 -23.73 26.53
C LYS D 122 -0.29 -24.04 27.94
N GLU D 123 0.65 -24.96 28.08
CA GLU D 123 1.07 -25.42 29.41
C GLU D 123 1.91 -24.39 30.14
N ILE D 124 2.48 -23.42 29.45
CA ILE D 124 3.36 -22.43 30.06
C ILE D 124 2.79 -21.02 29.98
N SER D 125 1.58 -20.85 29.47
CA SER D 125 1.00 -19.52 29.32
C SER D 125 0.83 -18.85 30.68
N ASN D 126 0.34 -19.60 31.66
CA ASN D 126 0.10 -19.03 32.98
C ASN D 126 1.37 -18.72 33.75
N TYR D 127 2.54 -19.17 33.27
CA TYR D 127 3.80 -18.93 33.94
C TYR D 127 4.75 -18.06 33.13
N THR D 128 4.30 -17.58 31.95
CA THR D 128 5.19 -16.86 31.05
C THR D 128 5.67 -15.55 31.65
N GLN D 129 4.74 -14.75 32.17
CA GLN D 129 5.13 -13.49 32.80
C GLN D 129 6.04 -13.74 34.00
N ILE D 130 5.75 -14.79 34.77
CA ILE D 130 6.57 -15.11 35.94
C ILE D 130 8.00 -15.40 35.52
N ILE D 131 8.17 -16.27 34.52
CA ILE D 131 9.53 -16.64 34.13
C ILE D 131 10.24 -15.45 33.50
N TYR D 132 9.52 -14.62 32.74
CA TYR D 132 10.13 -13.40 32.22
C TYR D 132 10.67 -12.54 33.36
N GLY D 133 9.86 -12.32 34.39
CA GLY D 133 10.30 -11.50 35.50
C GLY D 133 11.49 -12.09 36.22
N LEU D 134 11.48 -13.40 36.48
CA LEU D 134 12.59 -13.98 37.22
C LEU D 134 13.86 -13.99 36.39
N LEU D 135 13.78 -14.30 35.09
CA LEU D 135 14.95 -14.21 34.25
C LEU D 135 15.48 -12.78 34.23
N GLU D 136 14.57 -11.80 34.25
CA GLU D 136 14.99 -10.40 34.25
C GLU D 136 15.77 -10.06 35.51
N GLU D 137 15.26 -10.46 36.69
CA GLU D 137 15.97 -10.02 37.88
C GLU D 137 17.25 -10.83 38.06
N SER D 138 17.28 -12.06 37.53
CA SER D 138 18.52 -12.82 37.55
C SER D 138 19.57 -12.19 36.65
N GLN D 139 19.17 -11.68 35.50
CA GLN D 139 20.10 -10.93 34.66
C GLN D 139 20.59 -9.67 35.36
N ASN D 140 19.69 -8.97 36.04
CA ASN D 140 20.09 -7.78 36.79
C ASN D 140 21.10 -8.14 37.88
N GLN D 141 20.85 -9.22 38.60
CA GLN D 141 21.78 -9.68 39.64
C GLN D 141 23.12 -10.07 39.03
N GLN D 142 23.09 -10.76 37.89
CA GLN D 142 24.32 -11.18 37.24
C GLN D 142 25.17 -9.98 36.83
N GLU D 143 24.54 -8.99 36.21
CA GLU D 143 25.30 -7.81 35.80
C GLU D 143 25.77 -6.99 37.00
N LYS D 144 24.98 -6.95 38.07
CA LYS D 144 25.42 -6.25 39.28
C LYS D 144 26.62 -6.93 39.90
N ASN D 145 26.60 -8.27 40.00
CA ASN D 145 27.73 -9.00 40.54
C ASN D 145 28.96 -8.86 39.65
N GLU D 146 28.78 -8.90 38.33
CA GLU D 146 29.92 -8.73 37.43
C GLU D 146 30.52 -7.34 37.57
N GLN D 147 29.68 -6.30 37.64
CA GLN D 147 30.18 -4.95 37.82
C GLN D 147 30.84 -4.77 39.19
N ASP D 148 30.20 -5.31 40.22
CA ASP D 148 30.73 -5.19 41.59
C ASP D 148 31.15 -6.55 42.13
N PHE E 8 24.99 -0.23 1.42
CA PHE E 8 25.60 -1.50 1.03
C PHE E 8 26.66 -1.34 -0.04
N LEU E 9 26.48 -0.38 -0.96
CA LEU E 9 27.50 -0.16 -1.95
C LEU E 9 28.63 0.70 -1.43
N GLY E 10 28.50 1.23 -0.22
CA GLY E 10 29.60 2.01 0.36
C GLY E 10 30.82 1.17 0.63
N PHE E 11 30.63 -0.07 1.10
CA PHE E 11 31.74 -0.89 1.57
C PHE E 11 32.80 -1.05 0.49
N LEU E 12 32.39 -1.41 -0.73
CA LEU E 12 33.37 -1.68 -1.77
C LEU E 12 34.22 -0.46 -2.12
N GLY E 13 33.95 0.70 -1.51
CA GLY E 13 34.85 1.82 -1.68
C GLY E 13 36.24 1.52 -1.17
N ALA E 14 36.35 0.60 -0.20
CA ALA E 14 37.66 0.27 0.35
C ALA E 14 38.39 -0.79 -0.47
N ALA E 15 37.74 -1.36 -1.48
CA ALA E 15 38.38 -2.41 -2.27
C ALA E 15 39.61 -1.87 -2.98
N GLY E 16 40.50 -2.79 -3.36
CA GLY E 16 41.75 -2.41 -3.99
C GLY E 16 42.79 -1.86 -3.04
N SER E 17 42.55 -1.92 -1.73
CA SER E 17 43.51 -1.48 -0.74
C SER E 17 43.94 -2.67 0.09
N THR E 18 45.13 -2.55 0.68
CA THR E 18 45.67 -3.64 1.49
C THR E 18 44.69 -4.01 2.61
N MET E 19 44.62 -5.31 2.90
CA MET E 19 43.59 -5.81 3.80
C MET E 19 43.67 -5.15 5.17
N GLY E 20 44.88 -4.85 5.64
CA GLY E 20 45.01 -4.18 6.92
C GLY E 20 44.37 -2.81 6.93
N ALA E 21 44.65 -1.99 5.92
CA ALA E 21 44.03 -0.68 5.82
C ALA E 21 42.52 -0.81 5.60
N ALA E 22 42.12 -1.82 4.83
CA ALA E 22 40.69 -2.04 4.59
C ALA E 22 39.97 -2.35 5.89
N SER E 23 40.57 -3.17 6.75
CA SER E 23 39.93 -3.49 8.03
C SER E 23 39.98 -2.32 9.00
N MET E 24 41.09 -1.57 9.03
CA MET E 24 41.10 -0.33 9.80
C MET E 24 39.98 0.61 9.40
N THR E 25 39.76 0.78 8.09
CA THR E 25 38.61 1.56 7.63
C THR E 25 37.31 0.89 8.04
N LEU E 26 37.27 -0.44 8.01
CA LEU E 26 36.06 -1.16 8.39
C LEU E 26 35.70 -0.91 9.85
N THR E 27 36.69 -0.55 10.68
CA THR E 27 36.41 -0.25 12.08
C THR E 27 35.41 0.90 12.21
N VAL E 28 35.37 1.80 11.24
CA VAL E 28 34.44 2.93 11.25
C VAL E 28 34.04 3.27 9.81
N GLN E 29 32.77 3.06 9.48
CA GLN E 29 32.27 3.38 8.15
C GLN E 29 31.35 4.60 8.15
N ALA E 30 30.30 4.55 8.97
CA ALA E 30 29.28 5.60 8.98
C ALA E 30 29.25 6.38 10.28
N ARG E 31 30.38 6.46 10.98
CA ARG E 31 30.46 7.22 12.22
C ARG E 31 31.49 8.31 11.99
N ALA E 50 -1.20 19.57 -9.12
CA ALA E 50 -2.41 18.78 -9.31
C ALA E 50 -2.14 17.31 -9.08
N GLN E 51 -2.41 16.49 -10.10
CA GLN E 51 -2.13 15.06 -10.00
C GLN E 51 -0.64 14.79 -9.98
N GLN E 52 0.17 15.74 -10.46
CA GLN E 52 1.61 15.54 -10.51
C GLN E 52 2.20 15.32 -9.12
N HIS E 53 1.78 16.14 -8.15
CA HIS E 53 2.28 15.98 -6.79
C HIS E 53 1.59 14.81 -6.09
N LEU E 54 0.30 14.61 -6.36
CA LEU E 54 -0.46 13.55 -5.70
C LEU E 54 0.11 12.18 -6.04
N LEU E 55 0.32 11.90 -7.34
CA LEU E 55 0.89 10.62 -7.73
C LEU E 55 2.33 10.51 -7.26
N LYS E 56 3.05 11.63 -7.20
CA LYS E 56 4.40 11.61 -6.65
C LYS E 56 4.38 11.14 -5.20
N LEU E 57 3.35 11.49 -4.45
CA LEU E 57 3.31 11.11 -3.05
C LEU E 57 2.91 9.65 -2.83
N THR E 58 2.08 9.07 -3.69
CA THR E 58 1.47 7.79 -3.33
C THR E 58 2.15 6.57 -3.95
N VAL E 59 2.22 6.47 -5.28
CA VAL E 59 2.73 5.26 -5.91
C VAL E 59 4.25 5.28 -5.98
N TRP E 60 4.80 6.40 -6.46
CA TRP E 60 6.24 6.60 -6.41
C TRP E 60 6.75 6.40 -4.98
N GLY E 61 6.02 6.94 -4.00
CA GLY E 61 6.40 6.73 -2.62
C GLY E 61 6.35 5.28 -2.21
N ILE E 62 5.32 4.55 -2.67
CA ILE E 62 5.20 3.13 -2.33
C ILE E 62 6.41 2.37 -2.82
N LYS E 63 6.81 2.59 -4.08
CA LYS E 63 7.94 1.85 -4.61
C LYS E 63 9.26 2.28 -3.97
N GLN E 64 9.45 3.60 -3.84
CA GLN E 64 10.67 4.11 -3.21
C GLN E 64 10.84 3.56 -1.81
N LEU E 65 9.72 3.39 -1.10
CA LEU E 65 9.75 2.97 0.28
C LEU E 65 9.86 1.46 0.40
N GLN E 66 9.30 0.74 -0.58
CA GLN E 66 9.55 -0.68 -0.70
C GLN E 66 11.04 -0.95 -0.86
N ALA E 67 11.72 -0.11 -1.63
CA ALA E 67 13.16 -0.29 -1.79
C ALA E 67 13.88 -0.16 -0.45
N ARG E 68 13.53 0.85 0.34
CA ARG E 68 14.18 1.06 1.63
C ARG E 68 13.88 -0.09 2.58
N VAL E 69 12.65 -0.59 2.56
CA VAL E 69 12.29 -1.72 3.42
C VAL E 69 13.08 -2.96 3.01
N LEU E 70 13.26 -3.17 1.71
CA LEU E 70 14.11 -4.28 1.26
C LEU E 70 15.53 -4.09 1.75
N ALA E 71 16.03 -2.87 1.71
CA ALA E 71 17.39 -2.60 2.19
C ALA E 71 17.54 -2.96 3.66
N VAL E 72 16.61 -2.47 4.49
CA VAL E 72 16.73 -2.72 5.93
C VAL E 72 16.54 -4.19 6.23
N GLU E 73 15.67 -4.87 5.47
CA GLU E 73 15.47 -6.30 5.68
C GLU E 73 16.72 -7.10 5.32
N ARG E 74 17.38 -6.74 4.22
CA ARG E 74 18.62 -7.41 3.85
C ARG E 74 19.70 -7.18 4.90
N TYR E 75 19.83 -5.94 5.37
CA TYR E 75 20.81 -5.66 6.40
C TYR E 75 20.51 -6.43 7.68
N LEU E 76 19.23 -6.54 8.04
CA LEU E 76 18.86 -7.28 9.23
C LEU E 76 19.14 -8.77 9.06
N ARG E 77 18.96 -9.30 7.85
CA ARG E 77 19.30 -10.70 7.63
C ARG E 77 20.79 -10.92 7.83
N ASP E 78 21.63 -10.03 7.29
CA ASP E 78 23.07 -10.16 7.50
C ASP E 78 23.42 -10.05 8.97
N GLN E 79 22.82 -9.09 9.67
CA GLN E 79 23.09 -8.92 11.09
C GLN E 79 22.67 -10.15 11.89
N GLN E 80 21.53 -10.73 11.54
CA GLN E 80 21.08 -11.94 12.19
C GLN E 80 22.06 -13.08 11.97
N LEU E 81 22.49 -13.26 10.72
CA LEU E 81 23.45 -14.33 10.42
C LEU E 81 24.73 -14.15 11.22
N LEU E 82 25.20 -12.91 11.34
CA LEU E 82 26.38 -12.66 12.15
C LEU E 82 26.07 -12.94 13.62
N GLY E 83 24.83 -12.68 14.04
CA GLY E 83 24.46 -12.90 15.43
C GLY E 83 24.48 -14.35 15.84
N ILE E 84 24.05 -15.24 14.94
CA ILE E 84 24.02 -16.66 15.30
C ILE E 84 25.40 -17.15 15.70
N TRP E 85 26.45 -16.53 15.17
CA TRP E 85 27.82 -16.94 15.48
C TRP E 85 28.29 -16.43 16.84
N GLY E 86 27.50 -15.60 17.50
CA GLY E 86 27.85 -15.11 18.81
C GLY E 86 28.38 -13.69 18.82
N CYS E 87 28.78 -13.21 17.65
CA CYS E 87 29.36 -11.86 17.52
C CYS E 87 28.30 -10.85 17.09
N SER E 88 27.26 -10.72 17.91
CA SER E 88 26.17 -9.82 17.55
C SER E 88 26.60 -8.37 17.62
N GLY E 89 26.46 -7.67 16.50
CA GLY E 89 26.71 -6.23 16.47
C GLY E 89 28.18 -5.86 16.62
N LYS E 90 29.07 -6.80 16.35
CA LYS E 90 30.52 -6.52 16.37
C LYS E 90 31.04 -6.65 14.95
N LEU E 91 31.62 -5.57 14.43
CA LEU E 91 32.19 -5.61 13.09
C LEU E 91 33.41 -6.52 13.04
N ILE E 92 34.20 -6.54 14.10
CA ILE E 92 35.36 -7.41 14.21
C ILE E 92 35.18 -8.25 15.47
N CYS E 93 35.55 -9.52 15.38
CA CYS E 93 35.42 -10.44 16.52
C CYS E 93 36.20 -11.70 16.21
N CYS E 94 36.53 -12.44 17.27
CA CYS E 94 37.28 -13.69 17.15
C CYS E 94 36.45 -14.84 17.70
N THR E 95 36.34 -15.91 16.92
CA THR E 95 35.63 -17.10 17.36
C THR E 95 36.62 -18.23 17.67
N ASN E 96 36.29 -19.03 18.68
CA ASN E 96 37.24 -19.98 19.25
C ASN E 96 37.58 -21.15 18.33
N VAL E 97 36.84 -21.36 17.25
CA VAL E 97 37.18 -22.43 16.31
C VAL E 97 38.49 -22.09 15.61
N PRO E 98 39.43 -23.02 15.53
CA PRO E 98 40.68 -22.74 14.81
C PRO E 98 40.48 -22.81 13.31
N TRP E 99 41.44 -22.23 12.59
CA TRP E 99 41.41 -22.30 11.13
C TRP E 99 41.68 -23.73 10.66
N ASN E 100 40.82 -24.20 9.74
CA ASN E 100 41.04 -25.50 9.11
C ASN E 100 42.31 -25.44 8.28
N SER E 101 43.37 -26.08 8.78
CA SER E 101 44.67 -26.01 8.15
C SER E 101 45.05 -27.27 7.39
N SER E 102 44.23 -28.32 7.45
CA SER E 102 44.53 -29.53 6.68
C SER E 102 44.57 -29.23 5.19
N TRP E 103 43.59 -28.47 4.70
CA TRP E 103 43.63 -27.98 3.33
C TRP E 103 44.69 -26.88 3.23
N SER E 104 45.18 -26.66 2.00
CA SER E 104 46.32 -25.77 1.80
C SER E 104 45.99 -24.35 2.24
N ASN E 105 46.87 -23.77 3.04
CA ASN E 105 46.76 -22.40 3.52
C ASN E 105 48.14 -21.87 3.85
N ARG E 106 48.32 -20.57 3.69
CA ARG E 106 49.63 -19.94 3.86
C ARG E 106 49.71 -19.22 5.21
N ASN E 107 50.82 -18.53 5.45
CA ASN E 107 51.07 -17.92 6.74
C ASN E 107 50.27 -16.62 6.91
N LEU E 108 50.06 -16.24 8.18
CA LEU E 108 49.17 -15.12 8.48
C LEU E 108 49.74 -13.80 7.97
N SER E 109 51.04 -13.57 8.16
CA SER E 109 51.62 -12.30 7.76
C SER E 109 51.55 -12.12 6.25
N GLU E 110 51.79 -13.20 5.50
CA GLU E 110 51.64 -13.14 4.05
C GLU E 110 50.20 -12.82 3.67
N ILE E 111 49.25 -13.35 4.44
CA ILE E 111 47.84 -13.22 4.08
C ILE E 111 47.40 -11.77 4.20
N TRP E 112 47.81 -11.09 5.27
CA TRP E 112 47.25 -9.79 5.61
C TRP E 112 47.89 -8.67 4.80
N ASP E 113 49.03 -8.92 4.17
CA ASP E 113 49.81 -7.86 3.53
C ASP E 113 49.83 -7.97 2.01
N ASN E 114 50.25 -9.12 1.47
CA ASN E 114 50.41 -9.22 0.02
C ASN E 114 49.08 -9.08 -0.71
N MET E 115 48.03 -9.72 -0.21
CA MET E 115 46.75 -9.73 -0.90
C MET E 115 45.86 -8.57 -0.45
N THR E 116 44.73 -8.44 -1.11
CA THR E 116 43.66 -7.53 -0.73
C THR E 116 42.35 -8.30 -0.76
N TRP E 117 41.33 -7.72 -0.14
CA TRP E 117 40.10 -8.46 0.13
C TRP E 117 39.43 -8.94 -1.15
N LEU E 118 39.67 -8.27 -2.27
CA LEU E 118 38.94 -8.60 -3.49
C LEU E 118 39.27 -9.99 -3.98
N GLN E 119 40.56 -10.32 -4.12
CA GLN E 119 40.93 -11.67 -4.54
C GLN E 119 40.96 -12.65 -3.38
N TRP E 120 40.80 -12.17 -2.15
CA TRP E 120 40.72 -13.07 -1.01
C TRP E 120 39.44 -13.88 -1.01
N ASP E 121 38.41 -13.43 -1.74
CA ASP E 121 37.26 -14.28 -1.95
C ASP E 121 37.61 -15.45 -2.86
N LYS E 122 38.53 -15.24 -3.79
CA LYS E 122 38.93 -16.32 -4.69
C LYS E 122 39.68 -17.42 -3.96
N GLU E 123 40.52 -17.07 -2.99
CA GLU E 123 41.30 -18.07 -2.27
C GLU E 123 40.41 -19.00 -1.46
N ILE E 124 39.23 -18.53 -1.05
CA ILE E 124 38.27 -19.31 -0.28
C ILE E 124 37.09 -19.77 -1.14
N SER E 125 37.07 -19.40 -2.42
CA SER E 125 36.00 -19.86 -3.30
C SER E 125 36.04 -21.38 -3.47
N ASN E 126 37.23 -21.95 -3.55
CA ASN E 126 37.33 -23.41 -3.51
C ASN E 126 37.02 -23.97 -2.13
N TYR E 127 37.04 -23.13 -1.10
CA TYR E 127 36.58 -23.49 0.24
C TYR E 127 35.09 -23.26 0.41
N THR E 128 34.40 -22.79 -0.64
CA THR E 128 32.99 -22.43 -0.54
C THR E 128 32.17 -23.48 0.21
N GLN E 129 32.42 -24.76 -0.06
CA GLN E 129 31.80 -25.81 0.73
C GLN E 129 32.26 -25.77 2.18
N ILE E 130 33.57 -25.59 2.39
CA ILE E 130 34.09 -25.40 3.74
C ILE E 130 33.61 -24.07 4.31
N ILE E 131 33.52 -23.04 3.46
CA ILE E 131 32.86 -21.79 3.85
C ILE E 131 31.49 -22.11 4.45
N TYR E 132 30.64 -22.78 3.67
CA TYR E 132 29.33 -23.16 4.17
C TYR E 132 29.46 -24.08 5.37
N GLY E 133 30.56 -24.83 5.44
CA GLY E 133 30.86 -25.56 6.66
C GLY E 133 31.17 -24.64 7.82
N LEU E 134 32.25 -23.86 7.70
CA LEU E 134 32.70 -23.04 8.82
C LEU E 134 31.68 -21.97 9.20
N LEU E 135 30.95 -21.43 8.22
CA LEU E 135 29.91 -20.44 8.54
C LEU E 135 28.87 -21.04 9.48
N GLU E 136 28.53 -22.31 9.27
CA GLU E 136 27.68 -23.01 10.22
C GLU E 136 28.49 -23.61 11.37
N GLU E 137 29.72 -24.04 11.07
CA GLU E 137 30.55 -24.65 12.10
C GLU E 137 30.91 -23.66 13.19
N SER E 138 31.19 -22.41 12.83
CA SER E 138 31.53 -21.42 13.85
C SER E 138 30.41 -21.27 14.87
N GLN E 139 29.18 -21.16 14.38
CA GLN E 139 28.05 -21.04 15.29
C GLN E 139 27.87 -22.33 16.09
N ASN E 140 28.17 -23.48 15.48
CA ASN E 140 28.07 -24.73 16.23
C ASN E 140 29.05 -24.74 17.39
N GLN E 141 30.29 -24.29 17.16
CA GLN E 141 31.25 -24.19 18.26
C GLN E 141 30.78 -23.22 19.33
N GLN E 142 30.31 -22.04 18.94
CA GLN E 142 29.95 -21.08 19.98
C GLN E 142 28.78 -21.60 20.81
N GLU E 143 27.81 -22.25 20.17
CA GLU E 143 26.68 -22.78 20.92
C GLU E 143 27.09 -23.99 21.76
N LYS E 144 28.11 -24.74 21.33
CA LYS E 144 28.55 -25.86 22.15
C LYS E 144 29.34 -25.38 23.36
N ASN E 145 30.05 -24.26 23.23
CA ASN E 145 30.69 -23.67 24.41
C ASN E 145 29.66 -23.11 25.38
N GLU E 146 28.62 -22.44 24.87
CA GLU E 146 27.63 -21.88 25.79
C GLU E 146 26.81 -22.99 26.45
N GLN E 147 26.54 -24.08 25.72
CA GLN E 147 25.73 -25.16 26.27
C GLN E 147 26.54 -26.03 27.22
N ASP E 148 27.87 -26.05 27.06
CA ASP E 148 28.73 -26.82 27.95
C ASP E 148 29.37 -25.92 28.99
N GLY F 5 12.03 0.32 16.73
CA GLY F 5 11.10 1.44 16.77
C GLY F 5 10.99 2.06 18.15
N ALA F 6 12.07 1.93 18.92
CA ALA F 6 12.10 2.45 20.29
C ALA F 6 12.29 3.95 20.36
N VAL F 7 12.37 4.63 19.21
CA VAL F 7 12.61 6.07 19.22
C VAL F 7 11.37 6.84 19.68
N PHE F 8 10.21 6.17 19.74
CA PHE F 8 8.97 6.83 20.13
C PHE F 8 8.82 6.78 21.65
N LEU F 9 8.75 7.95 22.29
CA LEU F 9 8.54 8.04 23.72
C LEU F 9 8.25 9.49 24.09
N GLY F 10 7.48 9.70 25.15
CA GLY F 10 7.10 11.03 25.55
C GLY F 10 7.28 11.35 27.03
N PHE F 11 7.50 10.32 27.85
CA PHE F 11 7.61 10.53 29.29
C PHE F 11 8.89 11.28 29.62
N LEU F 12 8.75 12.40 30.33
CA LEU F 12 9.89 13.28 30.63
C LEU F 12 9.76 13.76 32.09
N GLY F 13 9.45 12.82 32.98
CA GLY F 13 9.25 13.17 34.37
C GLY F 13 10.50 13.07 35.23
N ALA F 14 11.38 12.13 34.89
CA ALA F 14 12.56 11.85 35.70
C ALA F 14 13.57 12.99 35.68
N ALA F 15 13.36 13.96 34.80
CA ALA F 15 14.32 15.04 34.63
C ALA F 15 14.56 15.82 35.92
N GLY F 16 13.49 16.29 36.54
CA GLY F 16 13.61 17.03 37.79
C GLY F 16 14.07 16.17 38.95
N SER F 17 13.56 14.94 39.00
CA SER F 17 13.89 14.01 40.06
C SER F 17 15.13 13.19 39.67
N THR F 18 15.35 12.09 40.37
CA THR F 18 16.47 11.21 40.09
C THR F 18 16.36 10.63 38.68
N MET F 19 17.50 10.56 37.96
CA MET F 19 17.51 9.92 36.66
C MET F 19 17.05 8.47 36.72
N GLY F 20 17.19 7.82 37.88
CA GLY F 20 16.84 6.42 37.99
C GLY F 20 15.41 6.12 37.60
N ALA F 21 14.52 7.10 37.75
CA ALA F 21 13.16 6.93 37.27
C ALA F 21 13.14 6.70 35.76
N ALA F 22 13.97 7.45 35.02
CA ALA F 22 14.11 7.19 33.59
C ALA F 22 14.68 5.80 33.35
N SER F 23 15.56 5.33 34.24
CA SER F 23 16.06 3.96 34.12
C SER F 23 14.95 2.93 34.27
N MET F 24 14.02 3.14 35.20
CA MET F 24 12.88 2.25 35.28
C MET F 24 11.99 2.36 34.04
N THR F 25 11.79 3.57 33.53
CA THR F 25 10.93 3.75 32.36
C THR F 25 11.51 3.01 31.16
N LEU F 26 12.82 3.09 30.95
CA LEU F 26 13.39 2.44 29.78
C LEU F 26 13.38 0.92 29.92
N THR F 27 13.52 0.41 31.14
CA THR F 27 13.39 -1.03 31.35
C THR F 27 11.96 -1.49 31.09
N VAL F 28 10.98 -0.70 31.53
CA VAL F 28 9.59 -1.02 31.23
C VAL F 28 9.33 -0.98 29.74
N GLN F 29 9.93 0.00 29.05
CA GLN F 29 9.84 0.06 27.59
C GLN F 29 10.43 -1.18 26.95
N ALA F 30 11.54 -1.69 27.51
CA ALA F 30 12.16 -2.89 26.97
C ALA F 30 11.22 -4.07 27.01
N ARG F 31 10.50 -4.25 28.13
CA ARG F 31 9.54 -5.34 28.24
C ARG F 31 8.15 -4.90 27.78
N ARG F 46 -12.01 3.28 6.71
CA ARG F 46 -12.04 4.54 7.43
C ARG F 46 -11.86 5.72 6.47
N ALA F 47 -12.20 5.50 5.20
CA ALA F 47 -12.00 6.49 4.14
C ALA F 47 -13.35 6.76 3.48
N PRO F 48 -14.09 7.74 3.99
CA PRO F 48 -15.48 7.95 3.55
C PRO F 48 -15.67 8.15 2.05
N GLU F 49 -14.66 8.69 1.38
CA GLU F 49 -14.69 8.91 -0.07
C GLU F 49 -15.70 9.99 -0.44
N ALA F 50 -16.32 10.60 0.57
CA ALA F 50 -17.20 11.74 0.32
C ALA F 50 -16.43 12.89 -0.32
N GLN F 51 -15.24 13.18 0.20
CA GLN F 51 -14.30 14.11 -0.42
C GLN F 51 -13.08 13.37 -0.96
N GLN F 52 -13.31 12.19 -1.54
CA GLN F 52 -12.25 11.31 -2.02
C GLN F 52 -11.29 10.95 -0.90
N HIS F 53 -11.86 10.51 0.22
CA HIS F 53 -11.04 10.17 1.38
C HIS F 53 -10.26 8.88 1.20
N LEU F 54 -10.50 8.12 0.15
CA LEU F 54 -9.74 6.90 -0.07
C LEU F 54 -8.26 7.23 -0.30
N LEU F 55 -7.98 7.96 -1.37
CA LEU F 55 -6.60 8.36 -1.66
C LEU F 55 -6.02 9.17 -0.51
N LYS F 56 -6.87 9.92 0.19
CA LYS F 56 -6.40 10.68 1.35
C LYS F 56 -5.90 9.74 2.43
N LEU F 57 -6.64 8.67 2.71
CA LEU F 57 -6.20 7.69 3.70
C LEU F 57 -4.92 7.00 3.24
N THR F 58 -4.81 6.70 1.94
CA THR F 58 -3.57 6.11 1.45
C THR F 58 -2.39 7.06 1.68
N VAL F 59 -2.59 8.36 1.43
CA VAL F 59 -1.50 9.32 1.61
C VAL F 59 -1.10 9.40 3.08
N TRP F 60 -2.09 9.47 3.97
CA TRP F 60 -1.76 9.55 5.39
C TRP F 60 -1.10 8.26 5.89
N GLY F 61 -1.54 7.11 5.37
CA GLY F 61 -0.86 5.86 5.68
C GLY F 61 0.56 5.84 5.18
N ILE F 62 0.80 6.42 4.00
CA ILE F 62 2.18 6.53 3.50
C ILE F 62 3.01 7.38 4.44
N LYS F 63 2.46 8.50 4.90
CA LYS F 63 3.21 9.35 5.83
C LYS F 63 3.53 8.59 7.11
N GLN F 64 2.55 7.89 7.67
CA GLN F 64 2.80 7.16 8.92
C GLN F 64 3.81 6.04 8.72
N LEU F 65 3.67 5.27 7.63
CA LEU F 65 4.59 4.16 7.42
C LEU F 65 5.99 4.67 7.11
N GLN F 66 6.10 5.83 6.46
CA GLN F 66 7.38 6.48 6.28
C GLN F 66 7.98 6.86 7.63
N ALA F 67 7.15 7.36 8.53
CA ALA F 67 7.64 7.65 9.88
C ALA F 67 8.18 6.38 10.54
N ARG F 68 7.47 5.26 10.40
CA ARG F 68 7.93 4.01 11.01
C ARG F 68 9.26 3.56 10.42
N VAL F 69 9.39 3.60 9.09
CA VAL F 69 10.62 3.11 8.47
C VAL F 69 11.78 4.05 8.78
N LEU F 70 11.53 5.36 8.85
CA LEU F 70 12.58 6.27 9.27
C LEU F 70 12.94 6.05 10.73
N ALA F 71 11.96 5.66 11.55
CA ALA F 71 12.24 5.36 12.94
C ALA F 71 13.17 4.15 13.07
N VAL F 72 12.87 3.08 12.35
CA VAL F 72 13.72 1.88 12.45
C VAL F 72 15.09 2.15 11.85
N GLU F 73 15.14 2.93 10.77
CA GLU F 73 16.43 3.29 10.20
C GLU F 73 17.25 4.13 11.16
N ARG F 74 16.60 5.08 11.86
CA ARG F 74 17.29 5.87 12.86
C ARG F 74 17.78 5.00 14.02
N TYR F 75 16.97 4.04 14.43
CA TYR F 75 17.37 3.14 15.50
C TYR F 75 18.60 2.35 15.09
N LEU F 76 18.63 1.85 13.86
CA LEU F 76 19.81 1.12 13.40
C LEU F 76 21.02 2.06 13.26
N ARG F 77 20.79 3.30 12.85
CA ARG F 77 21.89 4.25 12.74
C ARG F 77 22.51 4.51 14.10
N ASP F 78 21.67 4.65 15.14
CA ASP F 78 22.19 4.80 16.49
C ASP F 78 22.83 3.52 16.98
N GLN F 79 22.28 2.37 16.62
CA GLN F 79 22.81 1.09 17.10
C GLN F 79 24.18 0.78 16.50
N GLN F 80 24.43 1.20 15.25
CA GLN F 80 25.77 1.03 14.70
C GLN F 80 26.80 1.79 15.53
N LEU F 81 26.49 3.03 15.87
CA LEU F 81 27.38 3.83 16.70
C LEU F 81 27.52 3.22 18.08
N LEU F 82 26.42 2.68 18.63
CA LEU F 82 26.48 2.10 19.97
C LEU F 82 27.26 0.79 19.98
N GLY F 83 27.29 0.10 18.84
CA GLY F 83 28.11 -1.08 18.72
C GLY F 83 29.55 -0.76 18.37
N ILE F 84 29.80 0.46 17.88
CA ILE F 84 31.18 0.93 17.76
C ILE F 84 31.84 0.95 19.12
N TRP F 85 31.12 1.46 20.13
CA TRP F 85 31.54 1.26 21.50
C TRP F 85 31.07 -0.12 21.99
N GLY F 86 31.37 -0.42 23.24
CA GLY F 86 31.09 -1.75 23.77
C GLY F 86 29.70 -1.93 24.34
N CYS F 87 28.67 -1.45 23.64
CA CYS F 87 27.31 -1.62 24.13
C CYS F 87 26.47 -2.50 23.21
N SER F 88 26.33 -2.08 21.94
CA SER F 88 25.64 -2.85 20.92
C SER F 88 24.27 -3.34 21.39
N GLY F 89 23.38 -2.39 21.67
CA GLY F 89 22.01 -2.70 21.98
C GLY F 89 21.64 -2.65 23.45
N LYS F 90 22.61 -2.65 24.36
CA LYS F 90 22.33 -2.60 25.79
C LYS F 90 21.88 -1.19 26.14
N LEU F 91 20.73 -1.07 26.79
CA LEU F 91 20.26 0.24 27.24
C LEU F 91 21.20 0.82 28.28
N ILE F 92 21.68 -0.01 29.19
CA ILE F 92 22.59 0.42 30.25
C ILE F 92 23.97 -0.12 29.86
N CYS F 93 24.80 0.77 29.31
CA CYS F 93 26.15 0.38 28.94
C CYS F 93 27.10 0.66 30.10
N CYS F 94 28.35 0.20 29.95
CA CYS F 94 29.37 0.46 30.95
C CYS F 94 30.71 0.64 30.26
N THR F 95 31.43 1.67 30.66
CA THR F 95 32.72 2.00 30.08
C THR F 95 33.73 2.22 31.19
N ASN F 96 34.99 2.35 30.81
CA ASN F 96 36.07 2.59 31.75
C ASN F 96 36.63 4.00 31.69
N VAL F 97 35.97 4.90 30.96
CA VAL F 97 36.40 6.30 30.91
C VAL F 97 36.15 6.94 32.26
N PRO F 98 36.88 7.99 32.63
CA PRO F 98 36.54 8.71 33.86
C PRO F 98 35.16 9.33 33.76
N TRP F 99 34.42 9.23 34.85
CA TRP F 99 33.10 9.84 34.97
C TRP F 99 33.30 11.29 35.39
N ASN F 100 33.22 12.21 34.43
CA ASN F 100 33.51 13.62 34.64
C ASN F 100 34.91 13.80 35.23
N SER F 101 35.00 14.61 36.30
CA SER F 101 36.25 14.97 36.95
C SER F 101 37.11 15.87 36.07
N SER F 102 36.69 16.06 34.82
CA SER F 102 37.32 16.98 33.89
C SER F 102 36.32 17.83 33.12
N TRP F 103 35.05 17.47 33.15
CA TRP F 103 34.05 18.13 32.34
C TRP F 103 32.71 18.11 33.09
N SER F 104 32.13 19.30 33.26
CA SER F 104 30.95 19.49 34.11
C SER F 104 31.18 18.87 35.49
N ASN F 105 32.22 19.36 36.17
CA ASN F 105 32.57 18.82 37.48
C ASN F 105 31.59 19.30 38.53
N ARG F 106 30.33 18.89 38.39
CA ARG F 106 29.28 19.13 39.38
C ARG F 106 29.04 17.86 40.16
N ASN F 107 28.45 18.02 41.35
CA ASN F 107 28.20 16.88 42.22
C ASN F 107 27.33 15.86 41.52
N LEU F 108 27.70 14.57 41.68
CA LEU F 108 26.95 13.50 41.02
C LEU F 108 25.49 13.50 41.48
N SER F 109 25.28 13.80 42.77
CA SER F 109 23.93 13.79 43.33
C SER F 109 23.03 14.79 42.63
N GLU F 110 23.53 16.00 42.39
CA GLU F 110 22.67 17.03 41.81
C GLU F 110 22.44 16.79 40.33
N ILE F 111 23.44 16.22 39.63
CA ILE F 111 23.26 15.97 38.21
C ILE F 111 22.55 14.66 37.92
N TRP F 112 22.33 13.83 38.94
CA TRP F 112 21.51 12.63 38.80
C TRP F 112 20.15 12.72 39.46
N ASP F 113 19.92 13.71 40.33
CA ASP F 113 18.66 13.79 41.06
C ASP F 113 17.95 15.13 40.96
N ASN F 114 18.63 16.18 40.49
CA ASN F 114 18.00 17.50 40.40
C ASN F 114 18.05 18.04 38.99
N MET F 115 19.12 17.73 38.26
CA MET F 115 19.37 18.34 36.97
C MET F 115 18.42 17.76 35.92
N THR F 116 17.67 18.63 35.25
CA THR F 116 16.73 18.21 34.22
C THR F 116 17.47 17.54 33.08
N TRP F 117 16.88 16.46 32.52
CA TRP F 117 17.58 15.67 31.53
C TRP F 117 17.99 16.51 30.32
N LEU F 118 17.08 17.38 29.86
CA LEU F 118 17.38 18.17 28.67
C LEU F 118 18.52 19.14 28.92
N GLN F 119 18.44 19.92 30.00
CA GLN F 119 19.50 20.88 30.28
C GLN F 119 20.79 20.16 30.64
N TRP F 120 20.69 18.98 31.25
CA TRP F 120 21.87 18.16 31.44
C TRP F 120 22.49 17.79 30.11
N ASP F 121 21.66 17.44 29.13
CA ASP F 121 22.17 17.04 27.83
C ASP F 121 22.78 18.23 27.10
N LYS F 122 22.28 19.44 27.35
CA LYS F 122 22.93 20.63 26.79
C LYS F 122 24.29 20.88 27.45
N GLU F 123 24.33 20.80 28.78
CA GLU F 123 25.60 20.90 29.50
C GLU F 123 26.61 19.91 28.94
N ILE F 124 26.16 18.70 28.63
CA ILE F 124 27.05 17.73 27.99
C ILE F 124 27.37 18.11 26.54
N SER F 125 26.38 18.57 25.77
CA SER F 125 26.62 18.80 24.34
C SER F 125 27.60 19.93 24.13
N ASN F 126 27.89 20.68 25.20
CA ASN F 126 29.07 21.52 25.18
C ASN F 126 30.30 20.77 24.65
N TYR F 127 30.47 19.49 25.03
CA TYR F 127 31.61 18.70 24.58
C TYR F 127 31.25 17.24 24.29
N THR F 128 29.98 16.98 23.95
CA THR F 128 29.53 15.60 23.78
C THR F 128 30.29 14.89 22.67
N GLN F 129 30.78 15.64 21.68
CA GLN F 129 31.52 15.02 20.59
C GLN F 129 32.85 14.44 21.10
N ILE F 130 33.57 15.20 21.90
CA ILE F 130 34.81 14.66 22.48
C ILE F 130 34.47 13.56 23.47
N ILE F 131 33.30 13.63 24.12
CA ILE F 131 32.90 12.54 24.99
C ILE F 131 32.74 11.25 24.18
N TYR F 132 32.07 11.33 23.04
CA TYR F 132 31.95 10.16 22.17
C TYR F 132 33.33 9.69 21.69
N GLY F 133 34.23 10.63 21.40
CA GLY F 133 35.56 10.25 20.96
C GLY F 133 36.31 9.47 22.01
N LEU F 134 36.30 9.96 23.26
CA LEU F 134 36.91 9.20 24.35
C LEU F 134 36.23 7.86 24.56
N LEU F 135 34.92 7.78 24.37
CA LEU F 135 34.24 6.49 24.49
C LEU F 135 34.74 5.51 23.43
N GLU F 136 34.91 5.99 22.19
CA GLU F 136 35.44 5.14 21.13
C GLU F 136 36.87 4.71 21.45
N GLU F 137 37.66 5.61 22.01
CA GLU F 137 39.02 5.24 22.43
C GLU F 137 38.98 4.17 23.52
N SER F 138 38.03 4.30 24.45
CA SER F 138 37.88 3.30 25.50
C SER F 138 37.58 1.93 24.91
N GLN F 139 36.63 1.87 23.98
CA GLN F 139 36.31 0.59 23.36
C GLN F 139 37.49 0.05 22.57
N ASN F 140 38.24 0.94 21.92
CA ASN F 140 39.43 0.51 21.19
C ASN F 140 40.45 -0.11 22.14
N GLN F 141 40.64 0.50 23.31
CA GLN F 141 41.53 -0.09 24.30
C GLN F 141 41.02 -1.45 24.77
N GLN F 142 39.71 -1.56 25.01
CA GLN F 142 39.13 -2.85 25.36
C GLN F 142 39.32 -3.87 24.24
N GLU F 143 39.30 -3.40 22.99
CA GLU F 143 39.58 -4.29 21.88
C GLU F 143 41.00 -4.82 21.97
N LYS F 144 41.17 -6.09 21.56
CA LYS F 144 42.46 -6.79 21.58
C LYS F 144 43.23 -6.56 22.88
N ASN F 145 42.50 -6.53 23.99
CA ASN F 145 43.15 -6.41 25.29
C ASN F 145 44.03 -7.62 25.57
N GLU F 146 43.48 -8.82 25.45
CA GLU F 146 44.22 -10.08 25.53
C GLU F 146 45.12 -10.16 26.77
N LYS G 1 -36.65 -19.44 47.87
CA LYS G 1 -37.78 -19.72 46.99
C LYS G 1 -38.72 -18.53 46.92
N LYS G 2 -38.37 -17.53 46.12
CA LYS G 2 -39.21 -16.35 45.95
C LYS G 2 -40.50 -16.75 45.24
N VAL G 3 -41.63 -16.33 45.80
CA VAL G 3 -42.93 -16.71 45.28
C VAL G 3 -43.80 -15.47 45.14
N VAL G 4 -44.70 -15.51 44.16
CA VAL G 4 -45.67 -14.44 43.92
C VAL G 4 -47.04 -15.07 43.74
N LEU G 5 -48.08 -14.32 44.09
CA LEU G 5 -49.46 -14.73 43.86
C LEU G 5 -50.16 -13.69 43.00
N GLY G 6 -50.86 -14.15 41.97
CA GLY G 6 -51.66 -13.29 41.12
C GLY G 6 -53.14 -13.35 41.48
N LYS G 7 -53.92 -12.62 40.71
CA LYS G 7 -55.37 -12.54 40.90
C LYS G 7 -56.13 -13.57 40.09
N LYS G 8 -55.42 -14.49 39.42
CA LYS G 8 -56.03 -15.49 38.54
C LYS G 8 -56.86 -14.81 37.45
N GLY G 9 -56.17 -14.04 36.62
CA GLY G 9 -56.81 -13.28 35.57
C GLY G 9 -56.18 -11.92 35.38
N ASP G 10 -55.29 -11.55 36.29
CA ASP G 10 -54.61 -10.27 36.24
C ASP G 10 -53.28 -10.40 35.50
N THR G 11 -52.46 -9.36 35.60
CA THR G 11 -51.16 -9.30 34.93
C THR G 11 -50.08 -9.26 36.00
N VAL G 12 -49.28 -10.32 36.10
CA VAL G 12 -48.30 -10.47 37.16
C VAL G 12 -46.89 -10.38 36.57
N GLU G 13 -45.95 -9.92 37.39
CA GLU G 13 -44.60 -9.59 36.97
C GLU G 13 -43.60 -10.55 37.63
N LEU G 14 -42.77 -11.19 36.81
CA LEU G 14 -41.65 -12.02 37.29
C LEU G 14 -40.37 -11.53 36.62
N THR G 15 -39.38 -11.16 37.43
CA THR G 15 -38.14 -10.59 36.95
C THR G 15 -36.95 -11.39 37.44
N CYS G 16 -35.96 -11.57 36.56
CA CYS G 16 -34.64 -12.08 36.95
C CYS G 16 -33.60 -11.08 36.47
N THR G 17 -32.74 -10.64 37.38
CA THR G 17 -31.82 -9.55 37.11
C THR G 17 -30.47 -10.09 36.63
N ALA G 18 -29.85 -9.34 35.71
CA ALA G 18 -28.50 -9.62 35.24
C ALA G 18 -27.66 -8.38 35.50
N SER G 19 -26.71 -8.49 36.43
CA SER G 19 -25.90 -7.36 36.84
C SER G 19 -24.85 -6.96 35.81
N GLN G 20 -24.83 -7.59 34.63
CA GLN G 20 -23.80 -7.33 33.64
C GLN G 20 -24.18 -6.24 32.65
N LYS G 21 -25.47 -5.96 32.50
CA LYS G 21 -25.97 -4.83 31.70
C LYS G 21 -25.46 -4.88 30.27
N LYS G 22 -25.81 -5.97 29.58
CA LYS G 22 -25.32 -6.20 28.22
C LYS G 22 -26.42 -6.59 27.23
N SER G 23 -27.63 -6.92 27.69
CA SER G 23 -28.73 -7.37 26.84
C SER G 23 -28.31 -8.59 26.01
N ILE G 24 -28.04 -9.66 26.75
CA ILE G 24 -27.51 -10.88 26.17
C ILE G 24 -28.60 -11.93 26.10
N GLN G 25 -28.29 -13.07 25.47
CA GLN G 25 -29.25 -14.14 25.30
C GLN G 25 -29.78 -14.65 26.64
N PHE G 26 -31.09 -14.85 26.70
CA PHE G 26 -31.73 -15.47 27.85
C PHE G 26 -32.98 -16.19 27.39
N HIS G 27 -33.44 -17.13 28.20
CA HIS G 27 -34.64 -17.88 27.92
C HIS G 27 -35.36 -18.12 29.25
N TRP G 28 -36.47 -18.85 29.21
CA TRP G 28 -37.17 -19.24 30.43
C TRP G 28 -37.55 -20.70 30.33
N LYS G 29 -37.23 -21.47 31.37
CA LYS G 29 -37.56 -22.88 31.43
C LYS G 29 -38.48 -23.15 32.62
N ASN G 30 -39.34 -24.14 32.47
CA ASN G 30 -40.26 -24.54 33.51
C ASN G 30 -39.67 -25.69 34.32
N SER G 31 -40.48 -26.27 35.21
CA SER G 31 -40.03 -27.41 35.99
C SER G 31 -39.78 -28.65 35.14
N ASN G 32 -40.36 -28.70 33.94
CA ASN G 32 -40.15 -29.82 33.02
C ASN G 32 -39.08 -29.52 31.98
N GLN G 33 -38.35 -28.41 32.13
CA GLN G 33 -37.31 -27.99 31.19
C GLN G 33 -37.90 -27.68 29.81
N ILE G 34 -39.09 -27.09 29.77
CA ILE G 34 -39.71 -26.62 28.53
C ILE G 34 -39.51 -25.13 28.43
N LYS G 35 -39.02 -24.68 27.28
CA LYS G 35 -38.89 -23.26 27.00
C LYS G 35 -40.25 -22.60 26.94
N ILE G 36 -40.36 -21.40 27.52
CA ILE G 36 -41.60 -20.64 27.52
C ILE G 36 -41.42 -19.26 26.90
N LEU G 37 -40.21 -18.71 26.96
CA LEU G 37 -39.99 -17.35 26.49
C LEU G 37 -38.49 -17.04 26.57
N GLY G 38 -38.03 -16.21 25.64
CA GLY G 38 -36.67 -15.71 25.70
C GLY G 38 -36.38 -14.79 24.54
N ASN G 39 -35.12 -14.42 24.40
CA ASN G 39 -34.68 -13.55 23.32
C ASN G 39 -33.82 -14.31 22.34
N GLN G 40 -33.70 -13.79 21.13
CA GLN G 40 -32.76 -14.26 20.12
C GLN G 40 -32.21 -13.02 19.43
N GLY G 41 -31.10 -12.51 19.93
CA GLY G 41 -30.54 -11.29 19.39
C GLY G 41 -31.16 -10.06 20.01
N SER G 42 -32.14 -9.47 19.33
CA SER G 42 -32.89 -8.34 19.85
C SER G 42 -34.39 -8.57 19.71
N PHE G 43 -34.78 -9.84 19.55
CA PHE G 43 -36.18 -10.19 19.34
C PHE G 43 -36.75 -10.93 20.54
N LEU G 44 -37.99 -11.39 20.44
CA LEU G 44 -38.65 -12.12 21.51
C LEU G 44 -39.29 -13.37 20.91
N THR G 45 -38.88 -14.53 21.39
CA THR G 45 -39.41 -15.81 20.93
C THR G 45 -40.09 -16.50 22.09
N LYS G 46 -41.34 -16.92 21.89
CA LYS G 46 -42.09 -17.63 22.93
C LYS G 46 -41.90 -19.13 22.76
N GLY G 47 -41.52 -19.81 23.85
CA GLY G 47 -41.31 -21.22 23.83
C GLY G 47 -42.59 -21.99 23.61
N PRO G 48 -42.48 -23.21 23.08
CA PRO G 48 -43.69 -24.00 22.79
C PRO G 48 -44.34 -24.55 24.04
N SER G 49 -45.08 -23.70 24.74
CA SER G 49 -45.82 -24.08 25.94
C SER G 49 -47.31 -23.85 25.72
N LYS G 50 -48.08 -24.01 26.79
CA LYS G 50 -49.51 -23.75 26.77
C LYS G 50 -49.85 -22.33 27.19
N LEU G 51 -48.86 -21.47 27.38
CA LEU G 51 -49.06 -20.11 27.87
C LEU G 51 -48.50 -19.08 26.90
N ASN G 52 -48.55 -19.38 25.59
CA ASN G 52 -47.93 -18.50 24.61
C ASN G 52 -48.63 -17.15 24.56
N ASP G 53 -49.96 -17.15 24.42
CA ASP G 53 -50.70 -15.90 24.47
C ASP G 53 -50.81 -15.37 25.89
N ARG G 54 -50.69 -16.26 26.87
CA ARG G 54 -50.99 -15.91 28.25
C ARG G 54 -49.85 -15.13 28.91
N ALA G 55 -48.60 -15.41 28.52
CA ALA G 55 -47.44 -14.77 29.10
C ALA G 55 -46.62 -14.04 28.04
N ASP G 56 -45.87 -13.04 28.47
CA ASP G 56 -45.03 -12.24 27.58
C ASP G 56 -43.96 -11.57 28.42
N SER G 57 -43.11 -10.76 27.78
CA SER G 57 -41.99 -10.13 28.45
C SER G 57 -41.91 -8.66 28.08
N ARG G 58 -41.32 -7.88 28.99
CA ARG G 58 -41.15 -6.44 28.79
C ARG G 58 -39.81 -6.19 28.09
N ARG G 59 -39.89 -5.89 26.79
CA ARG G 59 -38.71 -5.77 25.95
C ARG G 59 -37.85 -4.56 26.28
N SER G 60 -38.46 -3.48 26.78
CA SER G 60 -37.76 -2.21 26.90
C SER G 60 -36.57 -2.26 27.87
N LEU G 61 -36.63 -3.10 28.90
CA LEU G 61 -35.61 -3.12 29.93
C LEU G 61 -34.48 -4.10 29.66
N TRP G 62 -34.49 -4.76 28.50
CA TRP G 62 -33.46 -5.75 28.21
C TRP G 62 -32.07 -5.11 28.14
N ASP G 63 -31.98 -3.92 27.55
CA ASP G 63 -30.68 -3.27 27.43
C ASP G 63 -30.11 -2.91 28.79
N GLN G 64 -30.94 -2.59 29.77
CA GLN G 64 -30.47 -2.18 31.08
C GLN G 64 -30.21 -3.35 32.02
N GLY G 65 -30.34 -4.59 31.55
CA GLY G 65 -30.02 -5.75 32.35
C GLY G 65 -31.18 -6.39 33.06
N ASN G 66 -32.41 -5.94 32.82
CA ASN G 66 -33.60 -6.53 33.43
C ASN G 66 -34.30 -7.32 32.34
N PHE G 67 -34.51 -8.62 32.59
CA PHE G 67 -35.19 -9.51 31.64
C PHE G 67 -36.37 -10.15 32.37
N PRO G 68 -37.54 -9.55 32.32
CA PRO G 68 -38.69 -10.12 32.99
C PRO G 68 -39.58 -11.06 32.17
N LEU G 69 -40.62 -11.55 32.81
CA LEU G 69 -41.62 -12.39 32.17
C LEU G 69 -42.97 -12.06 32.80
N ILE G 70 -43.88 -11.55 32.00
CA ILE G 70 -45.14 -11.02 32.49
C ILE G 70 -46.26 -11.89 31.92
N ILE G 71 -47.09 -12.44 32.80
CA ILE G 71 -48.22 -13.28 32.41
C ILE G 71 -49.50 -12.49 32.65
N LYS G 72 -50.38 -12.49 31.66
CA LYS G 72 -51.70 -11.89 31.78
C LYS G 72 -52.76 -12.97 31.75
N ASN G 73 -53.92 -12.66 32.32
CA ASN G 73 -55.05 -13.58 32.38
C ASN G 73 -54.65 -14.91 33.01
N LEU G 74 -54.24 -14.82 34.28
CA LEU G 74 -53.69 -15.96 34.98
C LEU G 74 -54.75 -17.02 35.25
N LYS G 75 -54.29 -18.21 35.62
CA LYS G 75 -55.18 -19.31 35.96
C LYS G 75 -54.42 -20.27 36.86
N ILE G 76 -55.14 -21.27 37.38
CA ILE G 76 -54.59 -22.16 38.41
C ILE G 76 -53.41 -22.96 37.88
N GLU G 77 -53.51 -23.51 36.67
CA GLU G 77 -52.46 -24.39 36.17
C GLU G 77 -51.16 -23.65 35.89
N ASP G 78 -51.16 -22.33 35.90
CA ASP G 78 -49.94 -21.56 35.70
C ASP G 78 -48.96 -21.68 36.86
N SER G 79 -49.39 -22.24 37.99
CA SER G 79 -48.56 -22.35 39.19
C SER G 79 -47.48 -23.41 38.98
N ASP G 80 -46.27 -22.95 38.68
CA ASP G 80 -45.12 -23.85 38.56
C ASP G 80 -43.84 -23.02 38.59
N THR G 81 -42.73 -23.72 38.79
CA THR G 81 -41.43 -23.06 38.93
C THR G 81 -40.90 -22.63 37.56
N TYR G 82 -40.07 -21.59 37.57
CA TYR G 82 -39.44 -21.08 36.37
C TYR G 82 -37.97 -20.78 36.65
N ILE G 83 -37.17 -20.74 35.59
CA ILE G 83 -35.72 -20.62 35.71
C ILE G 83 -35.20 -19.60 34.71
N CYS G 84 -34.22 -18.81 35.14
CA CYS G 84 -33.44 -17.94 34.27
C CYS G 84 -31.99 -18.42 34.24
N GLU G 85 -31.37 -18.31 33.06
CA GLU G 85 -30.00 -18.77 32.85
C GLU G 85 -29.22 -17.73 32.07
N VAL G 86 -29.29 -16.47 32.52
CA VAL G 86 -28.93 -15.34 31.67
C VAL G 86 -27.49 -15.44 31.17
N GLU G 87 -26.51 -15.70 32.04
CA GLU G 87 -25.27 -16.24 31.46
C GLU G 87 -25.07 -17.72 31.74
N ASP G 88 -24.90 -18.08 33.02
CA ASP G 88 -24.73 -19.48 33.41
C ASP G 88 -25.49 -19.86 34.67
N GLN G 89 -25.92 -18.90 35.50
CA GLN G 89 -26.58 -19.24 36.75
C GLN G 89 -28.01 -19.68 36.47
N LYS G 90 -28.50 -20.62 37.26
CA LYS G 90 -29.89 -21.07 37.13
C LYS G 90 -30.76 -20.43 38.20
N GLU G 91 -30.94 -19.10 38.09
CA GLU G 91 -31.77 -18.39 39.06
C GLU G 91 -33.21 -18.88 39.00
N GLU G 92 -33.64 -19.53 40.08
CA GLU G 92 -34.97 -20.10 40.18
C GLU G 92 -35.96 -19.07 40.71
N VAL G 93 -37.22 -19.26 40.33
CA VAL G 93 -38.31 -18.44 40.84
C VAL G 93 -39.56 -19.31 40.97
N GLN G 94 -40.20 -19.25 42.12
CA GLN G 94 -41.40 -20.04 42.37
C GLN G 94 -42.65 -19.21 42.10
N LEU G 95 -43.65 -19.83 41.47
CA LEU G 95 -44.91 -19.17 41.19
C LEU G 95 -46.03 -20.10 41.62
N LEU G 96 -46.84 -19.64 42.58
CA LEU G 96 -48.04 -20.35 43.03
C LEU G 96 -49.21 -19.37 42.86
N VAL G 97 -49.98 -19.56 41.80
CA VAL G 97 -51.05 -18.64 41.42
C VAL G 97 -52.39 -19.36 41.53
N PHE G 98 -53.34 -18.70 42.21
CA PHE G 98 -54.69 -19.19 42.39
C PHE G 98 -55.52 -18.09 43.04
N GLY G 99 -56.81 -18.07 42.70
CA GLY G 99 -57.72 -17.05 43.20
C GLY G 99 -58.87 -17.66 43.99
N LEU G 100 -59.60 -16.78 44.67
CA LEU G 100 -60.77 -17.16 45.46
C LEU G 100 -61.95 -16.32 44.99
N THR G 101 -63.05 -16.99 44.64
CA THR G 101 -64.22 -16.27 44.16
C THR G 101 -65.51 -16.83 44.75
N ALA G 102 -66.65 -16.31 44.30
CA ALA G 102 -67.95 -16.75 44.78
C ALA G 102 -68.65 -17.59 43.71
N ASN G 103 -69.62 -18.39 44.16
CA ASN G 103 -70.35 -19.26 43.25
C ASN G 103 -71.85 -19.01 43.32
N SER G 104 -72.35 -18.61 44.48
CA SER G 104 -73.76 -18.29 44.64
C SER G 104 -74.07 -16.97 43.92
N ASP G 105 -74.54 -17.07 42.68
CA ASP G 105 -74.71 -15.88 41.85
C ASP G 105 -75.86 -15.01 42.35
N THR G 106 -77.08 -15.56 42.36
CA THR G 106 -78.26 -14.78 42.72
C THR G 106 -79.17 -15.46 43.74
N HIS G 107 -79.02 -16.76 43.98
CA HIS G 107 -79.90 -17.47 44.92
C HIS G 107 -79.39 -17.25 46.34
N LEU G 108 -79.55 -16.02 46.81
CA LEU G 108 -79.18 -15.67 48.18
C LEU G 108 -80.27 -14.80 48.78
N LEU G 109 -80.66 -15.12 50.01
CA LEU G 109 -81.66 -14.36 50.74
C LEU G 109 -81.17 -14.12 52.16
N GLN G 110 -82.06 -13.65 53.03
CA GLN G 110 -81.70 -13.38 54.42
C GLN G 110 -81.59 -14.69 55.18
N GLY G 111 -80.36 -15.17 55.41
CA GLY G 111 -80.12 -16.35 56.22
C GLY G 111 -79.66 -17.57 55.44
N GLN G 112 -79.69 -17.53 54.12
CA GLN G 112 -79.26 -18.68 53.32
C GLN G 112 -77.73 -18.75 53.26
N SER G 113 -77.24 -19.96 52.97
CA SER G 113 -75.81 -20.21 52.96
C SER G 113 -75.19 -19.77 51.63
N LEU G 114 -74.08 -19.04 51.73
CA LEU G 114 -73.30 -18.65 50.57
C LEU G 114 -72.11 -19.59 50.42
N THR G 115 -71.69 -19.80 49.17
CA THR G 115 -70.59 -20.71 48.87
C THR G 115 -69.45 -19.95 48.23
N LEU G 116 -68.22 -20.30 48.63
CA LEU G 116 -67.00 -19.73 48.08
C LEU G 116 -66.17 -20.85 47.45
N THR G 117 -65.45 -20.49 46.39
CA THR G 117 -64.58 -21.42 45.68
C THR G 117 -63.13 -20.94 45.80
N LEU G 118 -62.26 -21.83 46.29
CA LEU G 118 -60.83 -21.59 46.39
C LEU G 118 -60.10 -22.58 45.50
N GLU G 119 -59.24 -22.08 44.63
CA GLU G 119 -58.43 -22.92 43.76
C GLU G 119 -57.24 -23.43 44.55
N SER G 120 -57.42 -24.57 45.21
CA SER G 120 -56.33 -25.14 45.99
C SER G 120 -55.27 -25.69 45.05
N PRO G 121 -54.03 -25.20 45.11
CA PRO G 121 -53.00 -25.69 44.20
C PRO G 121 -52.31 -26.92 44.77
N PRO G 122 -52.07 -27.94 43.96
CA PRO G 122 -51.37 -29.13 44.45
C PRO G 122 -49.93 -28.80 44.82
N GLY G 123 -49.50 -29.28 45.97
CA GLY G 123 -48.14 -29.06 46.42
C GLY G 123 -47.93 -27.69 47.04
N SER G 124 -48.69 -27.39 48.09
CA SER G 124 -48.57 -26.11 48.78
C SER G 124 -49.11 -26.27 50.19
N SER G 125 -48.78 -25.29 51.04
CA SER G 125 -49.27 -25.25 52.42
C SER G 125 -49.79 -23.85 52.73
N PRO G 126 -50.92 -23.47 52.13
CA PRO G 126 -51.48 -22.14 52.40
C PRO G 126 -52.49 -22.16 53.54
N SER G 127 -53.00 -20.99 53.90
CA SER G 127 -54.08 -20.86 54.89
C SER G 127 -54.80 -19.55 54.59
N VAL G 128 -55.96 -19.67 53.93
CA VAL G 128 -56.65 -18.49 53.44
C VAL G 128 -57.42 -17.83 54.57
N GLN G 129 -57.22 -16.53 54.73
CA GLN G 129 -57.96 -15.70 55.68
C GLN G 129 -58.39 -14.41 54.98
N CYS G 130 -58.99 -14.57 53.81
CA CYS G 130 -59.50 -13.42 53.07
C CYS G 130 -60.62 -12.75 53.86
N ARG G 131 -60.49 -11.44 54.07
CA ARG G 131 -61.37 -10.73 54.99
C ARG G 131 -62.00 -9.52 54.33
N SER G 132 -62.67 -8.69 55.12
CA SER G 132 -63.30 -7.47 54.66
C SER G 132 -63.00 -6.35 55.65
N PRO G 133 -63.01 -5.09 55.21
CA PRO G 133 -62.81 -3.98 56.15
C PRO G 133 -64.05 -3.60 56.93
N ARG G 134 -65.23 -4.04 56.48
CA ARG G 134 -66.47 -3.67 57.16
C ARG G 134 -66.75 -4.52 58.40
N GLY G 135 -65.95 -5.57 58.65
CA GLY G 135 -66.07 -6.29 59.89
C GLY G 135 -66.13 -7.81 59.79
N LYS G 136 -65.88 -8.36 58.60
CA LYS G 136 -65.91 -9.82 58.41
C LYS G 136 -64.47 -10.32 58.41
N ASN G 137 -63.94 -10.60 59.61
CA ASN G 137 -62.64 -11.24 59.76
C ASN G 137 -62.81 -12.75 59.87
N ILE G 138 -63.51 -13.30 58.87
CA ILE G 138 -63.92 -14.70 58.90
C ILE G 138 -62.73 -15.60 58.62
N GLN G 139 -62.72 -16.77 59.26
CA GLN G 139 -61.72 -17.80 59.04
C GLN G 139 -62.41 -19.00 58.41
N GLY G 140 -61.91 -19.44 57.26
CA GLY G 140 -62.50 -20.57 56.56
C GLY G 140 -61.55 -21.11 55.52
N GLY G 141 -61.96 -22.25 54.95
CA GLY G 141 -61.17 -22.89 53.92
C GLY G 141 -61.71 -22.67 52.53
N LYS G 142 -62.41 -23.66 51.99
CA LYS G 142 -62.96 -23.55 50.64
C LYS G 142 -64.24 -22.74 50.64
N THR G 143 -65.23 -23.16 51.42
CA THR G 143 -66.54 -22.52 51.43
C THR G 143 -66.62 -21.48 52.54
N LEU G 144 -67.25 -20.35 52.24
CA LEU G 144 -67.48 -19.27 53.19
C LEU G 144 -68.99 -19.24 53.47
N SER G 145 -69.41 -20.00 54.47
CA SER G 145 -70.81 -20.12 54.85
C SER G 145 -71.05 -19.36 56.15
N VAL G 146 -72.00 -18.43 56.13
CA VAL G 146 -72.34 -17.64 57.30
C VAL G 146 -73.84 -17.73 57.53
N SER G 147 -74.23 -17.93 58.79
CA SER G 147 -75.62 -18.08 59.16
C SER G 147 -76.43 -16.80 59.00
N GLN G 148 -75.85 -15.65 59.30
CA GLN G 148 -76.55 -14.37 59.21
C GLN G 148 -75.75 -13.40 58.36
N LEU G 149 -76.45 -12.59 57.58
CA LEU G 149 -75.83 -11.62 56.69
C LEU G 149 -76.11 -10.22 57.23
N GLU G 150 -75.19 -9.70 58.03
CA GLU G 150 -75.26 -8.36 58.57
C GLU G 150 -74.37 -7.41 57.76
N LEU G 151 -74.39 -6.14 58.15
CA LEU G 151 -73.57 -5.15 57.47
C LEU G 151 -72.08 -5.42 57.59
N GLN G 152 -71.66 -6.19 58.62
CA GLN G 152 -70.26 -6.49 58.85
C GLN G 152 -69.82 -7.79 58.17
N ASP G 153 -70.49 -8.20 57.10
CA ASP G 153 -70.17 -9.45 56.42
C ASP G 153 -69.85 -9.26 54.94
N SER G 154 -69.48 -8.04 54.53
CA SER G 154 -69.18 -7.74 53.14
C SER G 154 -67.92 -6.89 53.04
N GLY G 155 -67.30 -6.93 51.87
CA GLY G 155 -66.13 -6.12 51.57
C GLY G 155 -64.95 -6.96 51.13
N THR G 156 -63.78 -6.32 51.11
CA THR G 156 -62.55 -6.97 50.70
C THR G 156 -61.39 -6.36 51.47
N TRP G 157 -60.74 -7.16 52.30
CA TRP G 157 -59.54 -6.75 53.05
C TRP G 157 -58.32 -7.43 52.45
N THR G 158 -57.16 -7.18 53.06
CA THR G 158 -55.91 -7.78 52.59
C THR G 158 -55.97 -9.30 52.73
N CYS G 159 -56.03 -10.00 51.59
CA CYS G 159 -56.12 -11.45 51.61
C CYS G 159 -54.82 -12.06 52.09
N THR G 160 -54.91 -12.92 53.12
CA THR G 160 -53.72 -13.54 53.69
C THR G 160 -53.42 -14.84 52.95
N VAL G 161 -52.58 -14.71 51.92
CA VAL G 161 -52.13 -15.89 51.19
C VAL G 161 -51.32 -16.80 52.11
N LEU G 162 -50.43 -16.20 52.92
CA LEU G 162 -49.65 -16.89 53.94
C LEU G 162 -48.93 -18.12 53.36
N GLN G 163 -48.02 -17.84 52.45
CA GLN G 163 -47.12 -18.83 51.88
C GLN G 163 -45.69 -18.45 52.27
N ASN G 164 -45.20 -19.06 53.36
CA ASN G 164 -43.85 -18.83 53.85
C ASN G 164 -43.60 -17.34 54.14
N GLN G 165 -44.43 -16.80 55.03
CA GLN G 165 -44.27 -15.45 55.56
C GLN G 165 -44.36 -14.39 54.45
N LYS G 166 -45.17 -14.65 53.43
CA LYS G 166 -45.41 -13.70 52.35
C LYS G 166 -46.90 -13.43 52.25
N LYS G 167 -47.25 -12.16 52.07
CA LYS G 167 -48.65 -11.73 52.01
C LYS G 167 -48.90 -10.88 50.77
N VAL G 168 -50.04 -11.12 50.13
CA VAL G 168 -50.44 -10.40 48.93
C VAL G 168 -51.84 -9.83 49.13
N GLU G 169 -52.41 -9.24 48.09
CA GLU G 169 -53.75 -8.70 48.16
C GLU G 169 -54.50 -8.98 46.86
N PHE G 170 -55.77 -9.36 46.99
CA PHE G 170 -56.65 -9.50 45.83
C PHE G 170 -58.09 -9.30 46.31
N LYS G 171 -59.03 -9.38 45.37
CA LYS G 171 -60.40 -8.93 45.57
C LYS G 171 -61.33 -10.08 45.97
N ILE G 172 -62.33 -9.76 46.78
CA ILE G 172 -63.45 -10.64 47.08
C ILE G 172 -64.71 -9.90 46.65
N ASP G 173 -65.53 -10.56 45.83
CA ASP G 173 -66.73 -9.92 45.25
C ASP G 173 -67.93 -10.27 46.11
N ILE G 174 -68.25 -9.38 47.05
CA ILE G 174 -69.48 -9.44 47.83
C ILE G 174 -69.85 -8.02 48.23
N VAL G 175 -71.09 -7.62 47.91
CA VAL G 175 -71.55 -6.27 48.17
C VAL G 175 -72.91 -6.32 48.85
N VAL G 176 -73.23 -5.26 49.58
CA VAL G 176 -74.51 -5.16 50.27
C VAL G 176 -75.17 -3.83 49.96
N LYS H 1 27.42 -36.28 -42.66
CA LYS H 1 26.93 -35.12 -43.40
C LYS H 1 25.64 -35.45 -44.14
N LYS H 2 24.53 -34.87 -43.68
CA LYS H 2 23.27 -35.03 -44.37
C LYS H 2 23.37 -34.44 -45.78
N VAL H 3 22.78 -35.14 -46.75
CA VAL H 3 22.83 -34.73 -48.15
C VAL H 3 21.42 -34.76 -48.71
N VAL H 4 21.05 -33.69 -49.41
CA VAL H 4 19.73 -33.58 -50.05
C VAL H 4 19.96 -33.39 -51.55
N LEU H 5 18.97 -33.79 -52.34
CA LEU H 5 19.09 -33.84 -53.79
C LEU H 5 17.99 -33.01 -54.44
N GLY H 6 18.34 -32.33 -55.53
CA GLY H 6 17.43 -31.45 -56.24
C GLY H 6 17.15 -31.90 -57.67
N LYS H 7 16.23 -31.16 -58.31
CA LYS H 7 15.74 -31.49 -59.64
C LYS H 7 15.94 -30.36 -60.64
N LYS H 8 16.94 -29.50 -60.42
CA LYS H 8 17.27 -28.42 -61.35
C LYS H 8 16.07 -27.49 -61.57
N GLY H 9 15.68 -26.82 -60.49
CA GLY H 9 14.60 -25.85 -60.59
C GLY H 9 13.50 -26.04 -59.56
N ASP H 10 13.52 -27.14 -58.84
CA ASP H 10 12.49 -27.41 -57.85
C ASP H 10 12.83 -26.67 -56.55
N THR H 11 12.05 -26.94 -55.51
CA THR H 11 12.29 -26.38 -54.19
C THR H 11 12.99 -27.42 -53.32
N VAL H 12 13.89 -26.95 -52.48
CA VAL H 12 14.61 -27.80 -51.54
C VAL H 12 14.51 -27.19 -50.16
N GLU H 13 14.22 -28.03 -49.17
CA GLU H 13 13.98 -27.58 -47.80
C GLU H 13 15.11 -28.13 -46.93
N LEU H 14 16.21 -27.40 -46.86
CA LEU H 14 17.27 -27.73 -45.92
C LEU H 14 16.79 -27.40 -44.52
N THR H 15 17.20 -28.19 -43.53
CA THR H 15 16.70 -28.03 -42.18
C THR H 15 17.84 -27.93 -41.18
N CYS H 16 17.73 -26.99 -40.24
CA CYS H 16 18.54 -26.97 -39.04
C CYS H 16 17.75 -27.62 -37.91
N THR H 17 18.27 -27.49 -36.69
CA THR H 17 17.57 -27.99 -35.51
C THR H 17 17.92 -27.11 -34.32
N ALA H 18 16.91 -26.52 -33.71
CA ALA H 18 17.10 -25.67 -32.53
C ALA H 18 16.89 -26.52 -31.30
N SER H 19 17.98 -26.85 -30.62
CA SER H 19 17.90 -27.67 -29.41
C SER H 19 17.29 -26.93 -28.23
N GLN H 20 17.04 -25.63 -28.35
CA GLN H 20 16.51 -24.84 -27.24
C GLN H 20 15.08 -24.37 -27.46
N LYS H 21 14.59 -24.36 -28.70
CA LYS H 21 13.25 -23.85 -29.03
C LYS H 21 13.08 -22.42 -28.55
N LYS H 22 14.06 -21.56 -28.90
CA LYS H 22 14.04 -20.17 -28.48
C LYS H 22 14.21 -19.18 -29.63
N SER H 23 14.47 -19.64 -30.85
CA SER H 23 14.63 -18.77 -32.02
C SER H 23 15.75 -17.75 -31.77
N ILE H 24 16.96 -18.28 -31.61
CA ILE H 24 18.13 -17.46 -31.33
C ILE H 24 18.90 -17.27 -32.64
N GLN H 25 19.65 -16.16 -32.70
CA GLN H 25 20.38 -15.79 -33.91
C GLN H 25 21.12 -16.97 -34.51
N PHE H 26 20.90 -17.19 -35.80
CA PHE H 26 21.60 -18.22 -36.55
C PHE H 26 22.02 -17.61 -37.88
N HIS H 27 22.88 -18.32 -38.59
CA HIS H 27 23.28 -17.87 -39.92
C HIS H 27 23.59 -19.07 -40.80
N TRP H 28 23.08 -19.02 -42.01
CA TRP H 28 23.27 -20.05 -43.03
C TRP H 28 24.49 -19.65 -43.86
N LYS H 29 25.55 -20.43 -43.78
CA LYS H 29 26.76 -20.15 -44.53
C LYS H 29 26.98 -21.22 -45.60
N ASN H 30 27.84 -20.90 -46.57
CA ASN H 30 28.23 -21.87 -47.57
C ASN H 30 29.65 -22.34 -47.33
N SER H 31 30.14 -23.22 -48.21
CA SER H 31 31.49 -23.76 -48.05
C SER H 31 32.56 -22.68 -48.14
N ASN H 32 32.30 -21.59 -48.86
CA ASN H 32 33.23 -20.47 -48.91
C ASN H 32 32.99 -19.48 -47.78
N GLN H 33 32.19 -19.86 -46.78
CA GLN H 33 31.91 -19.01 -45.62
C GLN H 33 31.28 -17.68 -46.04
N ILE H 34 30.41 -17.72 -47.04
CA ILE H 34 29.65 -16.55 -47.48
C ILE H 34 28.24 -16.67 -46.94
N LYS H 35 27.75 -15.60 -46.33
CA LYS H 35 26.41 -15.62 -45.77
C LYS H 35 25.37 -15.68 -46.87
N ILE H 36 24.38 -16.55 -46.67
CA ILE H 36 23.18 -16.61 -47.52
C ILE H 36 21.94 -16.11 -46.79
N LEU H 37 21.58 -16.75 -45.68
CA LEU H 37 20.37 -16.41 -44.97
C LEU H 37 20.68 -16.32 -43.48
N GLY H 38 20.06 -15.35 -42.81
CA GLY H 38 20.36 -15.12 -41.42
C GLY H 38 19.20 -14.51 -40.67
N ASN H 39 19.12 -14.83 -39.39
CA ASN H 39 18.16 -14.21 -38.48
C ASN H 39 18.81 -13.00 -37.83
N GLN H 40 18.00 -11.96 -37.60
CA GLN H 40 18.43 -10.77 -36.86
C GLN H 40 17.23 -10.41 -35.99
N GLY H 41 17.24 -10.86 -34.75
CA GLY H 41 16.13 -10.61 -33.86
C GLY H 41 14.89 -11.35 -34.31
N SER H 42 13.93 -10.60 -34.85
CA SER H 42 12.75 -11.20 -35.45
C SER H 42 12.62 -10.89 -36.94
N PHE H 43 13.63 -10.31 -37.55
CA PHE H 43 13.62 -10.06 -38.98
C PHE H 43 14.34 -11.19 -39.70
N LEU H 44 14.57 -11.00 -41.00
CA LEU H 44 15.25 -11.99 -41.83
C LEU H 44 16.11 -11.26 -42.85
N THR H 45 17.40 -11.59 -42.89
CA THR H 45 18.33 -10.92 -43.79
C THR H 45 18.99 -11.92 -44.72
N LYS H 46 19.42 -11.42 -45.87
CA LYS H 46 20.07 -12.25 -46.89
C LYS H 46 21.45 -11.69 -47.18
N GLY H 47 22.47 -12.53 -47.11
CA GLY H 47 23.82 -12.12 -47.42
C GLY H 47 24.05 -12.02 -48.90
N PRO H 48 25.24 -11.56 -49.27
CA PRO H 48 25.59 -11.35 -50.69
C PRO H 48 26.05 -12.63 -51.39
N SER H 49 25.09 -13.46 -51.78
CA SER H 49 25.37 -14.68 -52.50
C SER H 49 24.76 -14.59 -53.91
N LYS H 50 24.70 -15.75 -54.57
CA LYS H 50 24.01 -15.87 -55.84
C LYS H 50 22.53 -16.23 -55.68
N LEU H 51 22.04 -16.32 -54.44
CA LEU H 51 20.68 -16.72 -54.16
C LEU H 51 19.87 -15.62 -53.49
N ASN H 52 20.34 -14.37 -53.57
CA ASN H 52 19.64 -13.27 -52.91
C ASN H 52 18.20 -13.18 -53.38
N ASP H 53 17.98 -13.28 -54.68
CA ASP H 53 16.62 -13.30 -55.21
C ASP H 53 15.96 -14.66 -55.07
N ARG H 54 16.73 -15.70 -54.73
CA ARG H 54 16.21 -17.06 -54.69
C ARG H 54 15.99 -17.56 -53.27
N ALA H 55 16.88 -17.23 -52.35
CA ALA H 55 16.81 -17.77 -51.00
C ALA H 55 15.56 -17.29 -50.29
N ASP H 56 15.07 -18.11 -49.36
CA ASP H 56 13.85 -17.82 -48.63
C ASP H 56 13.78 -18.80 -47.46
N SER H 57 13.16 -18.36 -46.38
CA SER H 57 12.94 -19.21 -45.22
C SER H 57 11.51 -19.06 -44.75
N ARG H 58 10.91 -20.18 -44.34
CA ARG H 58 9.55 -20.16 -43.80
C ARG H 58 9.63 -19.53 -42.42
N ARG H 59 9.32 -18.23 -42.37
CA ARG H 59 9.55 -17.44 -41.16
C ARG H 59 8.75 -17.97 -39.98
N SER H 60 7.52 -18.42 -40.22
CA SER H 60 6.62 -18.79 -39.13
C SER H 60 7.15 -19.93 -38.26
N LEU H 61 8.02 -20.78 -38.79
CA LEU H 61 8.48 -21.96 -38.07
C LEU H 61 9.62 -21.67 -37.12
N TRP H 62 10.18 -20.46 -37.13
CA TRP H 62 11.35 -20.19 -36.30
C TRP H 62 11.01 -20.31 -34.82
N ASP H 63 9.86 -19.79 -34.39
CA ASP H 63 9.55 -19.74 -32.97
C ASP H 63 9.40 -21.14 -32.38
N GLN H 64 9.03 -22.12 -33.19
CA GLN H 64 8.93 -23.50 -32.73
C GLN H 64 10.25 -24.24 -32.78
N GLY H 65 11.32 -23.60 -33.25
CA GLY H 65 12.62 -24.22 -33.28
C GLY H 65 13.05 -24.79 -34.63
N ASN H 66 12.38 -24.42 -35.71
CA ASN H 66 12.74 -24.88 -37.05
C ASN H 66 13.23 -23.70 -37.87
N PHE H 67 14.40 -23.86 -38.49
CA PHE H 67 15.04 -22.79 -39.27
C PHE H 67 15.32 -23.32 -40.67
N PRO H 68 14.29 -23.44 -41.50
CA PRO H 68 14.48 -24.02 -42.84
C PRO H 68 15.15 -23.05 -43.80
N LEU H 69 15.70 -23.62 -44.85
CA LEU H 69 16.28 -22.87 -45.96
C LEU H 69 15.65 -23.39 -47.25
N ILE H 70 15.06 -22.48 -48.02
CA ILE H 70 14.36 -22.82 -49.25
C ILE H 70 15.10 -22.18 -50.41
N ILE H 71 15.44 -22.98 -51.41
CA ILE H 71 16.13 -22.50 -52.61
C ILE H 71 15.24 -22.88 -53.78
N LYS H 72 14.35 -21.98 -54.18
CA LYS H 72 13.50 -22.23 -55.34
C LYS H 72 14.28 -21.95 -56.62
N ASN H 73 13.88 -22.63 -57.70
CA ASN H 73 14.54 -22.53 -59.00
C ASN H 73 16.03 -22.85 -58.87
N LEU H 74 16.30 -24.06 -58.38
CA LEU H 74 17.67 -24.48 -58.11
C LEU H 74 18.43 -24.72 -59.41
N LYS H 75 19.68 -24.30 -59.45
CA LYS H 75 20.55 -24.52 -60.59
C LYS H 75 21.82 -25.25 -60.16
N ILE H 76 22.44 -25.92 -61.13
CA ILE H 76 23.53 -26.85 -60.83
C ILE H 76 24.71 -26.12 -60.19
N GLU H 77 25.03 -24.93 -60.68
CA GLU H 77 26.20 -24.22 -60.17
C GLU H 77 26.04 -23.82 -58.71
N ASP H 78 24.82 -23.92 -58.17
CA ASP H 78 24.55 -23.56 -56.79
C ASP H 78 24.72 -24.75 -55.84
N SER H 79 25.13 -25.91 -56.36
CA SER H 79 25.28 -27.12 -55.55
C SER H 79 26.50 -26.97 -54.65
N ASP H 80 26.27 -26.66 -53.38
CA ASP H 80 27.35 -26.49 -52.42
C ASP H 80 26.84 -26.83 -51.04
N THR H 81 27.78 -27.13 -50.14
CA THR H 81 27.44 -27.45 -48.77
C THR H 81 27.01 -26.18 -48.03
N TYR H 82 26.06 -26.35 -47.10
CA TYR H 82 25.53 -25.24 -46.31
C TYR H 82 25.55 -25.61 -44.84
N ILE H 83 25.73 -24.61 -44.00
CA ILE H 83 26.02 -24.79 -42.58
C ILE H 83 25.12 -23.89 -41.76
N CYS H 84 24.47 -24.45 -40.74
CA CYS H 84 23.80 -23.65 -39.72
C CYS H 84 24.81 -23.23 -38.64
N GLU H 85 24.45 -22.18 -37.91
CA GLU H 85 25.24 -21.72 -36.77
C GLU H 85 24.29 -21.39 -35.62
N VAL H 86 23.40 -22.33 -35.30
CA VAL H 86 22.24 -22.03 -34.46
C VAL H 86 22.65 -21.38 -33.15
N GLU H 87 23.37 -22.12 -32.31
CA GLU H 87 23.98 -21.53 -31.12
C GLU H 87 25.49 -21.70 -31.11
N ASP H 88 25.99 -22.93 -31.24
CA ASP H 88 27.41 -23.18 -31.42
C ASP H 88 27.69 -24.31 -32.38
N GLN H 89 26.67 -24.92 -32.98
CA GLN H 89 26.90 -26.01 -33.91
C GLN H 89 27.42 -25.49 -35.24
N LYS H 90 28.14 -26.36 -35.94
CA LYS H 90 28.53 -26.10 -37.31
C LYS H 90 27.90 -27.17 -38.19
N GLU H 91 26.61 -27.43 -37.96
CA GLU H 91 25.86 -28.47 -38.64
C GLU H 91 26.00 -28.29 -40.14
N GLU H 92 26.69 -29.21 -40.80
CA GLU H 92 27.01 -29.10 -42.21
C GLU H 92 26.08 -29.99 -43.02
N VAL H 93 25.37 -29.39 -43.97
CA VAL H 93 24.50 -30.14 -44.87
C VAL H 93 24.96 -29.87 -46.30
N GLN H 94 24.79 -30.86 -47.16
CA GLN H 94 25.24 -30.81 -48.53
C GLN H 94 24.03 -30.90 -49.46
N LEU H 95 24.07 -30.14 -50.55
CA LEU H 95 23.01 -30.14 -51.54
C LEU H 95 23.61 -30.51 -52.89
N LEU H 96 23.05 -31.53 -53.53
CA LEU H 96 23.51 -31.99 -54.84
C LEU H 96 22.34 -31.94 -55.80
N VAL H 97 22.57 -31.43 -57.00
CA VAL H 97 21.52 -31.28 -58.00
C VAL H 97 22.09 -31.60 -59.37
N PHE H 98 21.31 -32.34 -60.16
CA PHE H 98 21.68 -32.63 -61.55
C PHE H 98 20.41 -32.87 -62.33
N GLY H 99 20.31 -32.29 -63.53
CA GLY H 99 19.11 -32.32 -64.31
C GLY H 99 19.20 -33.26 -65.50
N LEU H 100 18.24 -34.18 -65.59
CA LEU H 100 18.12 -35.07 -66.73
C LEU H 100 17.16 -34.48 -67.74
N THR H 101 17.69 -34.09 -68.90
CA THR H 101 16.87 -33.56 -69.99
C THR H 101 17.15 -34.33 -71.27
N ALA H 102 16.41 -34.01 -72.33
CA ALA H 102 16.62 -34.61 -73.64
C ALA H 102 16.86 -33.50 -74.66
N ASN H 103 18.02 -33.55 -75.33
CA ASN H 103 18.32 -32.57 -76.36
C ASN H 103 17.42 -32.72 -77.58
N SER H 104 16.99 -33.94 -77.87
CA SER H 104 16.08 -34.22 -78.98
C SER H 104 14.69 -34.42 -78.40
N ASP H 105 13.95 -33.32 -78.26
CA ASP H 105 12.61 -33.39 -77.69
C ASP H 105 11.66 -34.19 -78.59
N THR H 106 11.75 -33.99 -79.91
CA THR H 106 10.88 -34.68 -80.85
C THR H 106 11.61 -35.30 -82.04
N HIS H 107 12.87 -34.95 -82.28
CA HIS H 107 13.60 -35.54 -83.41
C HIS H 107 14.00 -36.97 -83.08
N LEU H 108 13.12 -37.92 -83.36
CA LEU H 108 13.36 -39.31 -83.02
C LEU H 108 12.52 -40.20 -83.93
N LEU H 109 13.09 -41.35 -84.30
CA LEU H 109 12.44 -42.33 -85.15
C LEU H 109 12.41 -43.68 -84.45
N GLN H 110 11.76 -44.66 -85.08
CA GLN H 110 11.68 -46.01 -84.54
C GLN H 110 13.02 -46.68 -84.72
N GLY H 111 13.77 -46.82 -83.62
CA GLY H 111 15.09 -47.42 -83.65
C GLY H 111 16.23 -46.42 -83.70
N GLN H 112 15.95 -45.12 -83.76
CA GLN H 112 17.00 -44.12 -83.78
C GLN H 112 17.56 -43.91 -82.38
N SER H 113 18.87 -43.68 -82.31
CA SER H 113 19.53 -43.48 -81.04
C SER H 113 19.03 -42.21 -80.36
N LEU H 114 19.00 -42.24 -79.04
CA LEU H 114 18.53 -41.12 -78.24
C LEU H 114 19.66 -40.63 -77.34
N THR H 115 19.72 -39.31 -77.15
CA THR H 115 20.76 -38.68 -76.35
C THR H 115 20.13 -38.00 -75.15
N LEU H 116 20.60 -38.37 -73.95
CA LEU H 116 20.18 -37.73 -72.71
C LEU H 116 21.28 -36.80 -72.21
N THR H 117 20.86 -35.77 -71.47
CA THR H 117 21.79 -34.77 -70.94
C THR H 117 21.64 -34.74 -69.43
N LEU H 118 22.73 -35.03 -68.71
CA LEU H 118 22.76 -34.95 -67.25
C LEU H 118 23.74 -33.85 -66.87
N GLU H 119 23.21 -32.67 -66.57
CA GLU H 119 24.05 -31.55 -66.17
C GLU H 119 24.52 -31.78 -64.74
N SER H 120 25.48 -32.69 -64.57
CA SER H 120 25.94 -33.06 -63.25
C SER H 120 26.72 -31.92 -62.59
N PRO H 121 26.74 -31.86 -61.27
CA PRO H 121 27.58 -30.89 -60.58
C PRO H 121 29.04 -31.29 -60.68
N PRO H 122 29.92 -30.35 -61.03
CA PRO H 122 31.35 -30.70 -61.15
C PRO H 122 31.93 -31.07 -59.79
N GLY H 123 32.79 -32.08 -59.78
CA GLY H 123 33.37 -32.56 -58.55
C GLY H 123 32.45 -33.48 -57.78
N SER H 124 31.68 -34.30 -58.50
CA SER H 124 30.74 -35.22 -57.89
C SER H 124 30.84 -36.57 -58.58
N SER H 125 30.33 -37.60 -57.91
CA SER H 125 30.41 -38.99 -58.37
C SER H 125 29.01 -39.59 -58.36
N PRO H 126 28.19 -39.26 -59.37
CA PRO H 126 26.86 -39.87 -59.45
C PRO H 126 26.93 -41.31 -59.95
N SER H 127 25.91 -42.08 -59.57
CA SER H 127 25.73 -43.45 -60.04
C SER H 127 24.38 -43.51 -60.76
N VAL H 128 24.42 -43.40 -62.08
CA VAL H 128 23.22 -43.26 -62.89
C VAL H 128 22.57 -44.63 -63.11
N GLN H 129 21.62 -44.98 -62.24
CA GLN H 129 20.84 -46.21 -62.38
C GLN H 129 19.45 -45.82 -62.88
N CYS H 130 19.34 -45.64 -64.20
CA CYS H 130 18.08 -45.25 -64.81
C CYS H 130 17.10 -46.41 -64.73
N ARG H 131 16.09 -46.28 -63.86
CA ARG H 131 15.11 -47.31 -63.58
C ARG H 131 13.94 -47.11 -64.53
N SER H 132 14.08 -47.65 -65.74
CA SER H 132 13.19 -47.35 -66.85
C SER H 132 12.10 -48.42 -66.96
N PRO H 133 10.86 -48.01 -67.25
CA PRO H 133 9.73 -48.96 -67.19
C PRO H 133 9.78 -50.05 -68.24
N ARG H 134 10.76 -50.04 -69.14
CA ARG H 134 10.94 -51.14 -70.09
C ARG H 134 11.57 -52.36 -69.44
N GLY H 135 11.95 -52.27 -68.16
CA GLY H 135 12.72 -53.30 -67.50
C GLY H 135 14.22 -53.18 -67.66
N LYS H 136 14.70 -52.13 -68.31
CA LYS H 136 16.12 -51.92 -68.57
C LYS H 136 16.66 -50.94 -67.53
N ASN H 137 17.24 -51.48 -66.47
CA ASN H 137 17.92 -50.66 -65.47
C ASN H 137 19.26 -50.25 -66.06
N ILE H 138 19.26 -49.10 -66.72
CA ILE H 138 20.43 -48.67 -67.49
C ILE H 138 21.50 -48.13 -66.54
N GLN H 139 22.70 -48.67 -66.67
CA GLN H 139 23.87 -48.21 -65.93
C GLN H 139 24.81 -47.54 -66.93
N GLY H 140 24.68 -46.23 -67.08
CA GLY H 140 25.45 -45.51 -68.07
C GLY H 140 25.94 -44.15 -67.62
N GLY H 141 26.56 -43.40 -68.53
CA GLY H 141 27.08 -42.10 -68.20
C GLY H 141 26.07 -40.99 -68.32
N LYS H 142 26.42 -39.91 -69.01
CA LYS H 142 25.54 -38.76 -69.12
C LYS H 142 24.39 -39.04 -70.08
N THR H 143 24.66 -39.74 -71.17
CA THR H 143 23.67 -40.03 -72.19
C THR H 143 23.37 -41.53 -72.23
N LEU H 144 22.13 -41.84 -72.63
CA LEU H 144 21.66 -43.22 -72.76
C LEU H 144 21.14 -43.42 -74.18
N SER H 145 21.86 -44.21 -74.97
CA SER H 145 21.50 -44.45 -76.36
C SER H 145 20.44 -45.54 -76.43
N VAL H 146 19.22 -45.16 -76.77
CA VAL H 146 18.11 -46.09 -76.95
C VAL H 146 18.09 -46.47 -78.42
N SER H 147 18.46 -47.73 -78.72
CA SER H 147 18.59 -48.18 -80.09
C SER H 147 17.28 -48.68 -80.69
N GLN H 148 16.19 -48.66 -79.92
CA GLN H 148 14.91 -49.13 -80.42
C GLN H 148 13.79 -48.30 -79.80
N LEU H 149 12.79 -47.97 -80.61
CA LEU H 149 11.61 -47.25 -80.17
C LEU H 149 10.40 -48.17 -80.32
N GLU H 150 9.81 -48.56 -79.20
CA GLU H 150 8.64 -49.42 -79.18
C GLU H 150 7.45 -48.63 -78.64
N LEU H 151 6.27 -49.25 -78.70
CA LEU H 151 5.07 -48.63 -78.16
C LEU H 151 5.09 -48.57 -76.64
N GLN H 152 5.90 -49.41 -76.00
CA GLN H 152 6.02 -49.40 -74.55
C GLN H 152 6.93 -48.29 -74.03
N ASP H 153 7.60 -47.56 -74.91
CA ASP H 153 8.54 -46.51 -74.53
C ASP H 153 7.88 -45.28 -73.91
N SER H 154 6.56 -45.27 -73.70
CA SER H 154 5.90 -44.14 -73.07
C SER H 154 6.09 -44.18 -71.57
N GLY H 155 5.52 -43.20 -70.87
CA GLY H 155 5.58 -43.16 -69.43
C GLY H 155 6.79 -42.43 -68.88
N THR H 156 6.57 -41.66 -67.81
CA THR H 156 7.67 -40.93 -67.19
C THR H 156 8.58 -41.90 -66.43
N TRP H 157 9.88 -41.75 -66.63
CA TRP H 157 10.85 -42.63 -65.99
C TRP H 157 11.21 -42.10 -64.60
N THR H 158 11.89 -42.95 -63.83
CA THR H 158 12.47 -42.58 -62.54
C THR H 158 13.93 -43.05 -62.53
N CYS H 159 14.82 -42.22 -63.07
CA CYS H 159 16.25 -42.54 -63.08
C CYS H 159 16.86 -42.21 -61.71
N THR H 160 16.60 -43.11 -60.77
CA THR H 160 17.10 -42.94 -59.41
C THR H 160 18.63 -43.00 -59.43
N VAL H 161 19.27 -41.84 -59.31
CA VAL H 161 20.73 -41.74 -59.30
C VAL H 161 21.18 -41.70 -57.85
N LEU H 162 21.86 -42.75 -57.43
CA LEU H 162 22.34 -42.86 -56.05
C LEU H 162 23.69 -42.16 -55.91
N GLN H 163 23.94 -41.64 -54.72
CA GLN H 163 25.25 -41.06 -54.40
C GLN H 163 25.42 -41.18 -52.90
N ASN H 164 26.23 -42.15 -52.46
CA ASN H 164 26.43 -42.45 -51.05
C ASN H 164 25.11 -42.81 -50.38
N GLN H 165 24.38 -43.74 -51.00
CA GLN H 165 23.11 -44.26 -50.49
C GLN H 165 22.09 -43.13 -50.29
N LYS H 166 22.05 -42.20 -51.23
CA LYS H 166 21.07 -41.11 -51.22
C LYS H 166 20.20 -41.25 -52.45
N LYS H 167 18.92 -41.57 -52.23
CA LYS H 167 17.96 -41.78 -53.31
C LYS H 167 16.79 -40.84 -53.15
N VAL H 168 16.14 -40.52 -54.27
CA VAL H 168 14.97 -39.66 -54.29
C VAL H 168 14.24 -39.87 -55.60
N GLU H 169 12.90 -39.85 -55.54
CA GLU H 169 12.08 -40.09 -56.71
C GLU H 169 12.34 -39.03 -57.78
N PHE H 170 12.25 -39.45 -59.05
CA PHE H 170 12.58 -38.60 -60.18
C PHE H 170 11.51 -38.68 -61.25
N LYS H 171 11.20 -37.53 -61.85
CA LYS H 171 10.18 -37.40 -62.89
C LYS H 171 10.84 -36.70 -64.08
N ILE H 172 11.35 -37.48 -65.02
CA ILE H 172 12.04 -36.94 -66.21
C ILE H 172 11.05 -36.96 -67.36
N ASP H 173 11.17 -35.98 -68.26
CA ASP H 173 10.24 -35.86 -69.38
C ASP H 173 10.53 -36.86 -70.49
N ILE H 174 9.93 -38.04 -70.40
CA ILE H 174 9.93 -39.01 -71.49
C ILE H 174 8.47 -39.34 -71.78
N VAL H 175 7.92 -38.68 -72.80
CA VAL H 175 6.54 -38.89 -73.21
C VAL H 175 6.54 -39.21 -74.71
N VAL H 176 5.69 -40.16 -75.10
CA VAL H 176 5.59 -40.56 -76.50
C VAL H 176 4.17 -40.37 -77.00
C1 NAG I . -29.49 -12.94 -2.72
C2 NAG I . -29.85 -11.47 -2.52
C3 NAG I . -30.86 -11.03 -3.58
C4 NAG I . -30.36 -11.36 -4.98
C5 NAG I . -29.94 -12.83 -5.07
C6 NAG I . -29.28 -13.17 -6.38
C7 NAG I . -31.48 -11.68 -0.68
C8 NAG I . -31.80 -11.27 0.73
N2 NAG I . -30.33 -11.19 -1.18
O3 NAG I . -31.07 -9.62 -3.46
O4 NAG I . -31.41 -11.13 -5.92
O5 NAG I . -29.00 -13.15 -4.04
O6 NAG I . -29.14 -14.57 -6.55
O7 NAG I . -32.22 -12.41 -1.32
C1 NAG I . -31.23 -9.90 -6.62
C2 NAG I . -31.66 -10.11 -8.07
C3 NAG I . -31.53 -8.81 -8.87
C4 NAG I . -32.31 -7.70 -8.17
C5 NAG I . -31.85 -7.57 -6.72
C6 NAG I . -32.66 -6.57 -5.93
C7 NAG I . -31.38 -12.38 -8.99
C8 NAG I . -32.82 -12.61 -8.62
N2 NAG I . -30.88 -11.17 -8.71
O3 NAG I . -32.02 -9.01 -10.19
O4 NAG I . -32.10 -6.46 -8.83
O5 NAG I . -32.00 -8.84 -6.05
O6 NAG I . -34.04 -6.63 -6.29
O7 NAG I . -30.70 -13.26 -9.52
C1 BMA I . -33.29 -6.07 -9.56
C2 BMA I . -33.78 -4.72 -8.96
C3 BMA I . -34.72 -3.93 -9.89
C4 BMA I . -34.35 -4.07 -11.38
C5 BMA I . -34.09 -5.54 -11.73
C6 BMA I . -33.73 -5.74 -13.19
O2 BMA I . -32.68 -3.86 -8.67
O3 BMA I . -34.72 -2.56 -9.50
O4 BMA I . -35.39 -3.59 -12.23
O5 BMA I . -32.99 -5.96 -10.93
O6 BMA I . -32.45 -5.18 -13.41
C1 MAN I . -35.98 -1.90 -9.75
C2 MAN I . -35.85 -0.44 -9.21
C3 MAN I . -37.22 0.20 -9.00
C4 MAN I . -38.30 -0.53 -9.82
C5 MAN I . -38.41 -1.97 -9.32
C6 MAN I . -39.22 -2.87 -10.24
O2 MAN I . -35.18 0.40 -10.15
O3 MAN I . -37.23 1.59 -9.30
O4 MAN I . -39.54 0.13 -9.68
O5 MAN I . -37.09 -2.58 -9.15
O6 MAN I . -39.93 -3.81 -9.44
C1 NAG J . -24.45 -28.31 28.12
C2 NAG J . -25.93 -28.39 28.43
C3 NAG J . -26.17 -29.07 29.78
C4 NAG J . -25.38 -30.37 29.89
C5 NAG J . -23.94 -30.20 29.42
C6 NAG J . -23.20 -31.51 29.30
C7 NAG J . -27.16 -26.55 27.35
C8 NAG J . -27.72 -25.17 27.52
N2 NAG J . -26.54 -27.07 28.42
O3 NAG J . -27.57 -29.30 29.85
O4 NAG J . -25.32 -30.85 31.23
O5 NAG J . -23.91 -29.60 28.12
O6 NAG J . -22.15 -31.60 30.27
O7 NAG J . -27.26 -27.18 26.29
C1 NAG J . -26.41 -30.57 32.12
C2 NAG J . -27.41 -31.75 32.11
C3 NAG J . -28.53 -31.50 33.13
C4 NAG J . -27.93 -31.23 34.49
C5 NAG J . -26.97 -30.05 34.41
C6 NAG J . -26.29 -29.73 35.72
C7 NAG J . -28.37 -33.15 30.34
C8 NAG J . -28.93 -33.17 28.95
N2 NAG J . -27.98 -31.95 30.78
O3 NAG J . -29.37 -32.64 33.18
O4 NAG J . -28.95 -30.98 35.45
O5 NAG J . -25.94 -30.35 33.46
O6 NAG J . -26.85 -28.58 36.34
O7 NAG J . -28.29 -34.16 31.03
C1 BMA J . -29.02 -31.95 36.53
C2 BMA J . -28.43 -33.38 36.19
C3 BMA J . -28.76 -34.29 37.34
C4 BMA J . -28.11 -33.72 38.62
C5 BMA J . -28.63 -32.27 38.87
C6 BMA J . -28.02 -31.61 40.10
O2 BMA J . -27.00 -33.40 36.16
O3 BMA J . -28.30 -35.61 37.11
O4 BMA J . -28.42 -34.54 39.73
O5 BMA J . -28.34 -31.46 37.71
O6 BMA J . -28.26 -32.45 41.21
C1 MAN J . -29.48 -32.06 41.92
C2 MAN J . -30.48 -33.28 41.79
C3 MAN J . -31.65 -32.95 40.88
C4 MAN J . -32.27 -31.67 41.36
C5 MAN J . -31.33 -30.53 40.97
C6 MAN J . -31.80 -29.18 41.51
O2 MAN J . -31.06 -33.60 43.05
O3 MAN J . -32.61 -33.99 40.87
O4 MAN J . -33.52 -31.49 40.72
O5 MAN J . -29.95 -30.75 41.46
O6 MAN J . -30.87 -28.19 41.06
C1 NAG K . -49.34 -22.76 13.23
C2 NAG K . -50.49 -22.63 14.21
C3 NAG K . -51.63 -21.82 13.59
C4 NAG K . -51.09 -20.48 13.08
C5 NAG K . -49.89 -20.68 12.16
C6 NAG K . -49.23 -19.39 11.75
C7 NAG K . -50.76 -24.47 15.82
C8 NAG K . -49.97 -23.62 16.78
N2 NAG K . -50.98 -23.95 14.62
O3 NAG K . -52.63 -21.59 14.57
O4 NAG K . -52.10 -19.64 12.49
O5 NAG K . -48.89 -21.45 12.84
O6 NAG K . -50.09 -18.59 10.94
O7 NAG K . -51.18 -25.57 16.13
C1 NAG K . -53.03 -19.90 11.38
C2 NAG K . -53.16 -21.31 10.75
C3 NAG K . -54.35 -21.39 9.79
C4 NAG K . -55.62 -20.89 10.47
C5 NAG K . -55.40 -19.49 11.01
C6 NAG K . -56.60 -18.94 11.75
C7 NAG K . -51.41 -21.08 9.02
C8 NAG K . -50.15 -21.67 8.47
N2 NAG K . -51.94 -21.72 10.07
O3 NAG K . -54.53 -22.72 9.35
O4 NAG K . -56.69 -20.86 9.54
O5 NAG K . -54.32 -19.50 11.96
O6 NAG K . -56.34 -18.80 13.15
O7 NAG K . -51.92 -20.08 8.53
C1 NAG L . 15.02 11.84 -30.50
C2 NAG L . 13.59 11.38 -30.69
C3 NAG L . 12.80 12.45 -31.44
C4 NAG L . 12.92 13.79 -30.73
C5 NAG L . 14.39 14.13 -30.45
C6 NAG L . 14.55 15.35 -29.59
C7 NAG L . 14.02 9.85 -32.59
C8 NAG L . 13.84 8.46 -33.09
N2 NAG L . 13.51 10.09 -31.37
O3 NAG L . 11.42 12.05 -31.51
O4 NAG L . 12.42 14.83 -31.58
O5 NAG L . 15.03 13.04 -29.75
O6 NAG L . 14.16 16.52 -30.30
O7 NAG L . 14.59 10.71 -33.25
C1 NAG L . 11.04 15.14 -31.47
C2 NAG L . 10.89 16.65 -31.72
C3 NAG L . 9.43 17.07 -31.85
C4 NAG L . 8.77 16.22 -32.93
C5 NAG L . 8.86 14.77 -32.50
C6 NAG L . 8.23 13.82 -33.49
C7 NAG L . 11.24 17.39 -29.38
C8 NAG L . 12.05 18.27 -28.48
N2 NAG L . 11.57 17.43 -30.68
O3 NAG L . 9.36 18.44 -32.20
O4 NAG L . 7.46 16.60 -33.35
O5 NAG L . 10.25 14.41 -32.40
O6 NAG L . 8.91 13.84 -34.72
O7 NAG L . 10.33 16.68 -28.95
C1 BMA L . 6.42 17.36 -32.64
C2 BMA L . 5.52 16.34 -31.89
C3 BMA L . 4.31 17.09 -31.40
C4 BMA L . 4.72 18.28 -30.52
C5 BMA L . 5.77 19.18 -31.24
C6 BMA L . 6.33 20.28 -30.35
O2 BMA L . 6.19 15.84 -30.76
O3 BMA L . 3.43 16.23 -30.68
O4 BMA L . 3.58 19.06 -30.21
O5 BMA L . 6.86 18.36 -31.68
O6 BMA L . 7.07 19.69 -29.30
C1 MAN L . 2.15 16.19 -31.35
C2 MAN L . 1.47 14.86 -30.93
C3 MAN L . 0.47 14.41 -31.99
C4 MAN L . -0.07 15.61 -32.76
C5 MAN L . 1.08 16.21 -33.58
C6 MAN L . 0.76 17.58 -34.14
O2 MAN L . 0.71 15.02 -29.74
O3 MAN L . -0.60 13.67 -31.42
O4 MAN L . -1.11 15.22 -33.63
O5 MAN L . 2.29 16.32 -32.77
O6 MAN L . -0.50 17.50 -34.81
C1 NAG M . 35.94 -16.39 -34.31
C2 NAG M . 36.11 -17.58 -33.39
C3 NAG M . 37.19 -18.52 -33.92
C4 NAG M . 36.91 -18.90 -35.37
C5 NAG M . 36.71 -17.64 -36.21
C6 NAG M . 36.30 -17.92 -37.63
C7 NAG M . 36.09 -17.84 -30.95
C8 NAG M . 36.50 -17.24 -29.63
N2 NAG M . 36.43 -17.15 -32.04
O3 NAG M . 37.25 -19.70 -33.12
O4 NAG M . 38.00 -19.65 -35.88
O5 NAG M . 35.66 -16.85 -35.64
O6 NAG M . 36.82 -16.94 -38.52
O7 NAG M . 35.49 -18.92 -31.02
C1 NAG M . 37.48 -20.88 -36.43
C2 NAG M . 38.44 -21.36 -37.51
C3 NAG M . 37.94 -22.67 -38.12
C4 NAG M . 37.64 -23.69 -37.03
C5 NAG M . 36.76 -23.10 -35.93
C6 NAG M . 36.58 -24.02 -34.74
C7 NAG M . 39.71 -19.59 -38.64
C8 NAG M . 40.78 -19.83 -37.61
N2 NAG M . 38.63 -20.36 -38.54
O3 NAG M . 38.91 -23.19 -39.02
O4 NAG M . 36.96 -24.81 -37.60
O5 NAG M . 37.35 -21.89 -35.43
O6 NAG M . 35.50 -24.93 -34.95
O7 NAG M . 39.83 -18.75 -39.52
C1 BMA M . 37.78 -25.99 -37.48
C2 BMA M . 36.85 -27.22 -37.72
C3 BMA M . 37.68 -28.50 -37.73
C4 BMA M . 38.90 -28.38 -38.66
C5 BMA M . 39.71 -27.11 -38.32
C6 BMA M . 40.89 -26.90 -39.26
O2 BMA M . 36.21 -27.13 -38.98
O3 BMA M . 36.89 -29.61 -38.10
O4 BMA M . 39.73 -29.52 -38.50
O5 BMA M . 38.83 -25.98 -38.43
O6 BMA M . 41.33 -25.56 -39.10
C1 NAG N . 20.98 -1.82 -55.14
C2 NAG N . 21.52 -1.97 -56.56
C3 NAG N . 20.49 -1.43 -57.56
C4 NAG N . 19.14 -2.11 -57.35
C5 NAG N . 18.71 -2.03 -55.88
C6 NAG N . 17.47 -2.84 -55.58
C7 NAG N . 23.83 -1.81 -57.36
C8 NAG N . 23.64 -3.20 -57.91
N2 NAG N . 22.78 -1.27 -56.72
O3 NAG N . 20.95 -1.66 -58.88
O4 NAG N . 18.19 -1.44 -58.16
O5 NAG N . 19.74 -2.51 -55.02
O6 NAG N . 17.45 -4.06 -56.31
O7 NAG N . 24.89 -1.20 -57.48
C1 NAG N . 17.42 -2.21 -59.14
C2 NAG N . 17.98 -3.61 -59.46
C3 NAG N . 17.01 -4.39 -60.36
C4 NAG N . 15.59 -4.38 -59.79
C5 NAG N . 15.15 -2.94 -59.52
C6 NAG N . 13.78 -2.85 -58.90
C7 NAG N . 19.54 -2.97 -61.28
C8 NAG N . 20.97 -3.02 -61.73
N2 NAG N . 19.29 -3.54 -60.08
O3 NAG N . 17.46 -5.73 -60.51
O4 NAG N . 14.69 -4.99 -60.69
O5 NAG N . 16.07 -2.33 -58.62
O6 NAG N . 12.82 -3.58 -59.65
O7 NAG N . 18.66 -2.45 -61.95
C1 NAG O . 7.28 37.56 28.84
C2 NAG O . 8.13 38.83 28.86
C3 NAG O . 9.60 38.48 29.08
C4 NAG O . 9.78 37.58 30.29
C5 NAG O . 8.79 36.41 30.26
C6 NAG O . 8.79 35.60 31.53
C7 NAG O . 8.28 39.18 26.42
C8 NAG O . 8.02 40.15 25.30
N2 NAG O . 7.95 39.61 27.65
O3 NAG O . 10.30 39.71 29.24
O4 NAG O . 11.08 36.99 30.32
O5 NAG O . 7.45 36.87 30.05
O6 NAG O . 10.01 35.73 32.25
O7 NAG O . 8.75 38.07 26.21
C1 NAG O . 12.18 37.90 30.53
C2 NAG O . 13.11 37.36 31.62
C3 NAG O . 14.36 38.23 31.77
C4 NAG O . 15.03 38.44 30.41
C5 NAG O . 14.01 38.97 29.41
C6 NAG O . 14.57 39.12 28.02
C7 NAG O . 11.87 38.06 33.73
C8 NAG O . 11.86 39.50 33.30
N2 NAG O . 12.45 37.15 32.92
O3 NAG O . 15.28 37.60 32.66
O4 NAG O . 16.11 39.36 30.52
O5 NAG O . 12.90 38.06 29.31
O6 NAG O . 15.14 37.90 27.55
O7 NAG O . 11.35 37.71 34.80
C1 NAG P . -11.24 35.41 6.03
C2 NAG P . -12.62 35.24 6.71
C3 NAG P . -13.73 35.34 5.67
C4 NAG P . -13.61 36.64 4.89
C5 NAG P . -12.25 36.68 4.21
C6 NAG P . -12.01 37.96 3.44
C7 NAG P . -13.39 33.85 8.58
C8 NAG P . -13.37 32.49 9.20
N2 NAG P . -12.70 33.99 7.44
O3 NAG P . -14.99 35.29 6.33
O4 NAG P . -14.73 36.85 4.04
O5 NAG P . -11.23 36.62 5.22
O6 NAG P . -11.79 39.06 4.31
O7 NAG P . -14.00 34.79 9.08
C1 NAG P . -14.86 36.12 2.80
C2 NAG P . -16.08 35.21 2.82
C3 NAG P . -16.27 34.55 1.47
C4 NAG P . -16.32 35.59 0.36
C5 NAG P . -15.10 36.49 0.43
C6 NAG P . -15.16 37.64 -0.54
C7 NAG P . -17.05 33.63 4.44
C8 NAG P . -16.77 32.63 5.50
N2 NAG P . -15.98 34.21 3.88
O3 NAG P . -17.48 33.78 1.50
O4 NAG P . -16.32 34.95 -0.92
O5 NAG P . -14.97 37.06 1.74
O6 NAG P . -16.42 38.30 -0.48
O7 NAG P . -18.20 33.91 4.10
C1 BMA P . -17.64 34.66 -1.41
C2 BMA P . -17.58 34.76 -2.98
C3 BMA P . -18.48 33.75 -3.74
C4 BMA P . -18.75 32.46 -2.94
C5 BMA P . -19.18 32.84 -1.54
C6 BMA P . -19.60 31.63 -0.71
O2 BMA P . -16.25 34.57 -3.45
O3 BMA P . -17.87 33.45 -5.00
O4 BMA P . -19.79 31.68 -3.53
O5 BMA P . -18.04 33.39 -0.92
O6 BMA P . -20.37 30.77 -1.55
C1 MAN P . -18.85 33.12 -6.02
C2 MAN P . -18.40 31.77 -6.63
C3 MAN P . -17.17 31.99 -7.51
C4 MAN P . -17.42 33.10 -8.53
C5 MAN P . -17.81 34.40 -7.80
C6 MAN P . -18.15 35.52 -8.75
O2 MAN P . -19.40 31.24 -7.50
O3 MAN P . -16.77 30.80 -8.17
O4 MAN P . -16.26 33.33 -9.30
O5 MAN P . -18.97 34.16 -6.98
O6 MAN P . -17.41 35.35 -9.95
C1 NAG Q . 16.55 46.45 23.78
C2 NAG Q . 17.92 45.79 23.84
C3 NAG Q . 18.78 46.47 24.89
C4 NAG Q . 18.83 47.97 24.66
C5 NAG Q . 17.43 48.55 24.52
C6 NAG Q . 17.41 50.01 24.12
C7 NAG Q . 18.44 43.41 23.46
C8 NAG Q . 19.33 43.88 22.35
N2 NAG Q . 17.79 44.36 24.13
O3 NAG Q . 20.11 45.93 24.85
O4 NAG Q . 19.48 48.57 25.78
O5 NAG Q . 16.71 47.84 23.51
O6 NAG Q . 17.69 50.85 25.23
O7 NAG Q . 18.31 42.22 23.73
C1 NAG Q . 20.65 49.42 25.57
C2 NAG Q . 21.07 49.70 24.11
C3 NAG Q . 22.17 50.77 24.06
C4 NAG Q . 21.76 52.01 24.84
C5 NAG Q . 21.39 51.62 26.26
C6 NAG Q . 20.90 52.78 27.09
C7 NAG Q . 21.27 48.23 22.16
C8 NAG Q . 21.81 46.93 21.63
N2 NAG Q . 21.51 48.49 23.45
O3 NAG Q . 22.42 51.12 22.70
O4 NAG Q . 22.84 52.93 24.88
O5 NAG Q . 20.32 50.67 26.23
O6 NAG Q . 19.60 52.54 27.62
O7 NAG Q . 20.63 49.00 21.45
C1 NAG R . -17.33 -32.41 18.67
C2 NAG R . -18.25 -32.67 19.86
C3 NAG R . -17.44 -32.69 21.15
C4 NAG R . -16.29 -33.69 21.04
C5 NAG R . -15.46 -33.40 19.79
C6 NAG R . -14.38 -34.43 19.55
C7 NAG R . -20.56 -31.91 19.56
C8 NAG R . -21.52 -30.77 19.70
N2 NAG R . -19.30 -31.67 19.93
O3 NAG R . -18.28 -33.04 22.24
O4 NAG R . -15.46 -33.60 22.19
O5 NAG R . -16.30 -33.40 18.63
O6 NAG R . -13.88 -34.95 20.77
O7 NAG R . -20.92 -33.00 19.14
C1 NAG S . 39.90 -6.81 -26.42
C2 NAG S . 39.54 -7.94 -27.38
C3 NAG S . 39.92 -9.28 -26.77
C4 NAG S . 41.38 -9.29 -26.36
C5 NAG S . 41.68 -8.11 -25.46
C6 NAG S . 43.16 -7.99 -25.14
C7 NAG S . 37.66 -7.51 -28.90
C8 NAG S . 38.70 -7.12 -29.91
N2 NAG S . 38.13 -7.90 -27.70
O3 NAG S . 39.66 -10.32 -27.72
O4 NAG S . 41.69 -10.50 -25.67
O5 NAG S . 41.30 -6.88 -26.11
O6 NAG S . 43.86 -9.18 -25.46
O7 NAG S . 36.47 -7.49 -29.15
C1 NAG T . 16.28 2.96 -53.10
C2 NAG T . 17.62 2.48 -53.65
C3 NAG T . 17.44 1.72 -54.96
C4 NAG T . 16.41 0.61 -54.78
C5 NAG T . 15.13 1.15 -54.15
C6 NAG T . 14.14 0.06 -53.82
C7 NAG T . 18.59 4.66 -54.53
C8 NAG T . 17.39 4.88 -55.41
N2 NAG T . 18.62 3.55 -53.77
O3 NAG T . 18.69 1.17 -55.37
O4 NAG T . 16.09 0.05 -56.05
O5 NAG T . 15.42 1.83 -52.92
O6 NAG T . 13.07 0.02 -54.77
O7 NAG T . 19.52 5.47 -54.51
C1 NAG U . 21.70 14.83 -29.96
C2 NAG U . 21.87 16.28 -29.52
C3 NAG U . 21.33 16.49 -28.11
C4 NAG U . 19.88 16.00 -28.03
C5 NAG U . 19.79 14.56 -28.53
C6 NAG U . 18.36 14.05 -28.58
C7 NAG U . 24.26 16.17 -28.88
C8 NAG U . 25.62 16.76 -29.11
N2 NAG U . 23.26 16.70 -29.60
O3 NAG U . 21.41 17.86 -27.76
O4 NAG U . 19.42 16.07 -26.69
O5 NAG U . 20.31 14.47 -29.86
O6 NAG U . 18.30 12.66 -28.29
O7 NAG U . 24.08 15.25 -28.09
C1 NAG V . 5.72 16.98 38.34
C2 NAG V . 5.34 15.50 38.49
C3 NAG V . 4.62 15.27 39.81
C4 NAG V . 5.44 15.82 40.97
C5 NAG V . 5.80 17.28 40.73
C6 NAG V . 6.72 17.85 41.78
C7 NAG V . 4.50 13.80 36.94
C8 NAG V . 3.60 13.53 35.77
N2 NAG V . 4.52 15.06 37.37
O3 NAG V . 4.39 13.88 39.99
O4 NAG V . 4.69 15.71 42.19
O5 NAG V . 6.50 17.39 39.48
O6 NAG V . 7.66 18.75 41.22
O7 NAG V . 5.19 12.92 37.45
C1 NAG W . -15.06 55.57 -20.49
C2 NAG W . -15.87 56.57 -21.33
C3 NAG W . -16.91 57.27 -20.45
C4 NAG W . -17.76 56.25 -19.71
C5 NAG W . -16.88 55.28 -18.94
C6 NAG W . -17.66 54.17 -18.28
C7 NAG W . -15.08 57.86 -23.26
C8 NAG W . -14.11 58.88 -23.76
N2 NAG W . -14.99 57.53 -21.97
O3 NAG W . -17.73 58.09 -21.27
O4 NAG W . -18.63 56.92 -18.81
O5 NAG W . -15.95 54.65 -19.84
O6 NAG W . -18.23 53.29 -19.24
O7 NAG W . -15.91 57.34 -24.00
C1 NAG X . -21.91 43.87 8.91
C2 NAG X . -22.92 44.53 7.96
C3 NAG X . -24.17 44.93 8.73
C4 NAG X . -24.74 43.74 9.48
C5 NAG X . -23.67 43.12 10.38
C6 NAG X . -24.12 41.85 11.05
C7 NAG X . -21.96 45.67 6.01
C8 NAG X . -22.17 44.39 5.27
N2 NAG X . -22.33 45.68 7.31
O3 NAG X . -25.15 45.43 7.81
O4 NAG X . -25.84 44.13 10.29
O5 NAG X . -22.53 42.77 9.59
O6 NAG X . -23.68 40.69 10.36
O7 NAG X . -21.47 46.66 5.49
#